data_8RTK
# 
_entry.id   8RTK 
# 
_audit_conform.dict_name       mmcif_pdbx.dic 
_audit_conform.dict_version    5.404 
_audit_conform.dict_location   http://mmcif.pdb.org/dictionaries/ascii/mmcif_pdbx.dic 
# 
loop_
_database_2.database_id 
_database_2.database_code 
_database_2.pdbx_database_accession 
_database_2.pdbx_DOI 
PDB   8RTK         pdb_00008rtk 10.2210/pdb8rtk/pdb 
WWPDB D_1292136209 ?            ?                   
# 
loop_
_pdbx_audit_revision_history.ordinal 
_pdbx_audit_revision_history.data_content_type 
_pdbx_audit_revision_history.major_revision 
_pdbx_audit_revision_history.minor_revision 
_pdbx_audit_revision_history.revision_date 
_pdbx_audit_revision_history.part_number 
1 'Structure model' 1 0 2025-02-12 ? 
2 'Structure model' 1 1 2025-07-16 ? 
# 
_pdbx_audit_revision_details.ordinal             1 
_pdbx_audit_revision_details.revision_ordinal    1 
_pdbx_audit_revision_details.data_content_type   'Structure model' 
_pdbx_audit_revision_details.provider            repository 
_pdbx_audit_revision_details.type                'Initial release' 
_pdbx_audit_revision_details.description         ? 
_pdbx_audit_revision_details.details             ? 
# 
_pdbx_audit_revision_group.ordinal             1 
_pdbx_audit_revision_group.revision_ordinal    2 
_pdbx_audit_revision_group.data_content_type   'Structure model' 
_pdbx_audit_revision_group.group               'Database references' 
# 
loop_
_pdbx_audit_revision_category.ordinal 
_pdbx_audit_revision_category.revision_ordinal 
_pdbx_audit_revision_category.data_content_type 
_pdbx_audit_revision_category.category 
1 2 'Structure model' citation        
2 2 'Structure model' citation_author 
# 
loop_
_pdbx_audit_revision_item.ordinal 
_pdbx_audit_revision_item.revision_ordinal 
_pdbx_audit_revision_item.data_content_type 
_pdbx_audit_revision_item.item 
1  2 'Structure model' '_citation.country'                 
2  2 'Structure model' '_citation.journal_abbrev'          
3  2 'Structure model' '_citation.journal_id_CSD'          
4  2 'Structure model' '_citation.journal_id_ISSN'         
5  2 'Structure model' '_citation.journal_volume'          
6  2 'Structure model' '_citation.page_first'              
7  2 'Structure model' '_citation.page_last'               
8  2 'Structure model' '_citation.pdbx_database_id_DOI'    
9  2 'Structure model' '_citation.pdbx_database_id_PubMed' 
10 2 'Structure model' '_citation.title'                   
11 2 'Structure model' '_citation.year'                    
# 
_pdbx_database_status.status_code                     REL 
_pdbx_database_status.status_code_sf                  REL 
_pdbx_database_status.status_code_mr                  ? 
_pdbx_database_status.entry_id                        8RTK 
_pdbx_database_status.recvd_initial_deposition_date   2024-01-26 
_pdbx_database_status.SG_entry                        N 
_pdbx_database_status.deposit_site                    PDBE 
_pdbx_database_status.process_site                    PDBE 
_pdbx_database_status.status_code_cs                  ? 
_pdbx_database_status.status_code_nmr_data            ? 
_pdbx_database_status.methods_development_category    ? 
_pdbx_database_status.pdb_format_compatible           N 
# 
_pdbx_contact_author.id                 2 
_pdbx_contact_author.email              maddalena.paolillo@unina.it 
_pdbx_contact_author.name_first         Maddalena 
_pdbx_contact_author.name_last          Paolillo 
_pdbx_contact_author.name_mi            ? 
_pdbx_contact_author.role               'principal investigator/group leader' 
_pdbx_contact_author.identifier_ORCID   0000-0001-6289-8862 
# 
loop_
_audit_author.name 
_audit_author.pdbx_ordinal 
_audit_author.identifier_ORCID 
'Paolillo, M.' 1 ? 
'Ferraro, G.'  2 ? 
'Merlino, A.'  3 ? 
# 
_citation.abstract                  ? 
_citation.abstract_id_CAS           ? 
_citation.book_id_ISBN              ? 
_citation.book_publisher            ? 
_citation.book_publisher_city       ? 
_citation.book_title                ? 
_citation.coordinate_linkage        ? 
_citation.country                   GE 
_citation.database_id_Medline       ? 
_citation.details                   ? 
_citation.id                        primary 
_citation.journal_abbrev            Chemistry 
_citation.journal_id_ASTM           ? 
_citation.journal_id_CSD            ? 
_citation.journal_id_ISSN           0947-6539 
_citation.journal_full              ? 
_citation.journal_issue             ? 
_citation.journal_volume            30 
_citation.language                  ? 
_citation.page_first                e202401712 
_citation.page_last                 e202401712 
_citation.title                     'Protein-Protein Stabilization in V IV O/8-Hydroxyquinoline-Lysozyme Adducts.' 
_citation.year                      2024 
_citation.database_id_CSD           ? 
_citation.pdbx_database_id_DOI      10.1002/chem.202401712 
_citation.pdbx_database_id_PubMed   38923243 
_citation.pdbx_database_id_patent   ? 
_citation.unpublished_flag          ? 
# 
loop_
_citation_author.citation_id 
_citation_author.name 
_citation_author.ordinal 
_citation_author.identifier_ORCID 
primary 'Paolillo, M.'   1 ?                   
primary 'Ferraro, G.'    2 ?                   
primary 'Pisanu, F.'     3 ?                   
primary 'Marechal, J.D.' 4 ?                   
primary 'Sciortino, G.'  5 ?                   
primary 'Garribba, E.'   6 0000-0002-7229-5966 
primary 'Merlino, A.'    7 ?                   
# 
loop_
_entity.id 
_entity.type 
_entity.src_method 
_entity.pdbx_description 
_entity.formula_weight 
_entity.pdbx_number_of_molecules 
_entity.pdbx_ec 
_entity.pdbx_mutation 
_entity.pdbx_fragment 
_entity.details 
1 polymer     nat 'Lysozyme C' 14331.160 1   3.2.1.17 ? ? ? 
2 non-polymer syn '4-(2-HYDROXYETHYL)-1-PIPERAZINE ETHANESULFONIC ACID' 238.305   1   ?        ? ? ? 
3 non-polymer syn 
;2-$l^{1}-oxidanyl-2,2'-spirobi[3-oxa-1$l^{4}-aza-2$l^{7}-vanadatricyclo[6.3.1.0^{4,12}]dodeca-1(12),4,6,8,10-pentaene] 2-oxide
;
371.240   1   ?        ? ? ? 
4 non-polymer syn 'oxovanadium(2+)' 66.941    2   ?        ? ? ? 
5 non-polymer syn 'bis(oxidanyl)vanadium' 84.956    1   ?        ? ? ? 
6 water       nat water 18.015    148 ?        ? ? ? 
# 
_entity_name_com.entity_id   1 
_entity_name_com.name        '1,4-beta-N-acetylmuramidase C,Allergen Gal d IV' 
# 
_entity_poly.entity_id                      1 
_entity_poly.type                           'polypeptide(L)' 
_entity_poly.nstd_linkage                   no 
_entity_poly.nstd_monomer                   no 
_entity_poly.pdbx_seq_one_letter_code       
;KVFGRCELAAAMKRHGLDNYRGYSLGNWVCAAKFESNFNTQATNRNTDGSTDYGILQINSRWWCNDGRTPGSRNLCNIPC
SALLSSDITASVNCAKKIVSDGNGMNAWVAWRNRCKGTDVQAWIRGCRL
;
_entity_poly.pdbx_seq_one_letter_code_can   
;KVFGRCELAAAMKRHGLDNYRGYSLGNWVCAAKFESNFNTQATNRNTDGSTDYGILQINSRWWCNDGRTPGSRNLCNIPC
SALLSSDITASVNCAKKIVSDGNGMNAWVAWRNRCKGTDVQAWIRGCRL
;
_entity_poly.pdbx_strand_id                 AAA 
_entity_poly.pdbx_target_identifier         ? 
# 
loop_
_pdbx_entity_nonpoly.entity_id 
_pdbx_entity_nonpoly.name 
_pdbx_entity_nonpoly.comp_id 
2 '4-(2-HYDROXYETHYL)-1-PIPERAZINE ETHANESULFONIC ACID'                                                                            
EPE   
3 
;2-$l^{1}-oxidanyl-2,2'-spirobi[3-oxa-1$l^{4}-aza-2$l^{7}-vanadatricyclo[6.3.1.0^{4,12}]dodeca-1(12),4,6,8,10-pentaene] 2-oxide
;
A1H23 
4 'oxovanadium(2+)'                                                                                                                
VVO   
5 'bis(oxidanyl)vanadium'                                                                                                          
VVB   
6 water                                                                                                                            
HOH   
# 
loop_
_entity_poly_seq.entity_id 
_entity_poly_seq.num 
_entity_poly_seq.mon_id 
_entity_poly_seq.hetero 
1 1   LYS n 
1 2   VAL n 
1 3   PHE n 
1 4   GLY n 
1 5   ARG n 
1 6   CYS n 
1 7   GLU n 
1 8   LEU n 
1 9   ALA n 
1 10  ALA n 
1 11  ALA n 
1 12  MET n 
1 13  LYS n 
1 14  ARG n 
1 15  HIS n 
1 16  GLY n 
1 17  LEU n 
1 18  ASP n 
1 19  ASN n 
1 20  TYR n 
1 21  ARG n 
1 22  GLY n 
1 23  TYR n 
1 24  SER n 
1 25  LEU n 
1 26  GLY n 
1 27  ASN n 
1 28  TRP n 
1 29  VAL n 
1 30  CYS n 
1 31  ALA n 
1 32  ALA n 
1 33  LYS n 
1 34  PHE n 
1 35  GLU n 
1 36  SER n 
1 37  ASN n 
1 38  PHE n 
1 39  ASN n 
1 40  THR n 
1 41  GLN n 
1 42  ALA n 
1 43  THR n 
1 44  ASN n 
1 45  ARG n 
1 46  ASN n 
1 47  THR n 
1 48  ASP n 
1 49  GLY n 
1 50  SER n 
1 51  THR n 
1 52  ASP n 
1 53  TYR n 
1 54  GLY n 
1 55  ILE n 
1 56  LEU n 
1 57  GLN n 
1 58  ILE n 
1 59  ASN n 
1 60  SER n 
1 61  ARG n 
1 62  TRP n 
1 63  TRP n 
1 64  CYS n 
1 65  ASN n 
1 66  ASP n 
1 67  GLY n 
1 68  ARG n 
1 69  THR n 
1 70  PRO n 
1 71  GLY n 
1 72  SER n 
1 73  ARG n 
1 74  ASN n 
1 75  LEU n 
1 76  CYS n 
1 77  ASN n 
1 78  ILE n 
1 79  PRO n 
1 80  CYS n 
1 81  SER n 
1 82  ALA n 
1 83  LEU n 
1 84  LEU n 
1 85  SER n 
1 86  SER n 
1 87  ASP n 
1 88  ILE n 
1 89  THR n 
1 90  ALA n 
1 91  SER n 
1 92  VAL n 
1 93  ASN n 
1 94  CYS n 
1 95  ALA n 
1 96  LYS n 
1 97  LYS n 
1 98  ILE n 
1 99  VAL n 
1 100 SER n 
1 101 ASP n 
1 102 GLY n 
1 103 ASN n 
1 104 GLY n 
1 105 MET n 
1 106 ASN n 
1 107 ALA n 
1 108 TRP n 
1 109 VAL n 
1 110 ALA n 
1 111 TRP n 
1 112 ARG n 
1 113 ASN n 
1 114 ARG n 
1 115 CYS n 
1 116 LYS n 
1 117 GLY n 
1 118 THR n 
1 119 ASP n 
1 120 VAL n 
1 121 GLN n 
1 122 ALA n 
1 123 TRP n 
1 124 ILE n 
1 125 ARG n 
1 126 GLY n 
1 127 CYS n 
1 128 ARG n 
1 129 LEU n 
# 
_entity_src_nat.entity_id                  1 
_entity_src_nat.pdbx_src_id                1 
_entity_src_nat.pdbx_alt_source_flag       sample 
_entity_src_nat.pdbx_beg_seq_num           1 
_entity_src_nat.pdbx_end_seq_num           129 
_entity_src_nat.common_name                chicken 
_entity_src_nat.pdbx_organism_scientific   'Gallus gallus' 
_entity_src_nat.pdbx_ncbi_taxonomy_id      9031 
_entity_src_nat.genus                      ? 
_entity_src_nat.species                    ? 
_entity_src_nat.strain                     ? 
_entity_src_nat.tissue                     ? 
_entity_src_nat.tissue_fraction            ? 
_entity_src_nat.pdbx_secretion             ? 
_entity_src_nat.pdbx_fragment              ? 
_entity_src_nat.pdbx_variant               ? 
_entity_src_nat.pdbx_cell_line             ? 
_entity_src_nat.pdbx_atcc                  ? 
_entity_src_nat.pdbx_cellular_location     ? 
_entity_src_nat.pdbx_organ                 ? 
_entity_src_nat.pdbx_organelle             ? 
_entity_src_nat.pdbx_cell                  ? 
_entity_src_nat.pdbx_plasmid_name          ? 
_entity_src_nat.pdbx_plasmid_details       ? 
_entity_src_nat.details                    ? 
# 
loop_
_chem_comp.id 
_chem_comp.type 
_chem_comp.mon_nstd_flag 
_chem_comp.name 
_chem_comp.pdbx_synonyms 
_chem_comp.formula 
_chem_comp.formula_weight 
A1H23 non-polymer         . 
;2-$l^{1}-oxidanyl-2,2'-spirobi[3-oxa-1$l^{4}-aza-2$l^{7}-vanadatricyclo[6.3.1.0^{4,12}]dodeca-1(12),4,6,8,10-pentaene] 2-oxide
;
?     'C18 H12 N2 O4 V' 371.240 
ALA   'L-peptide linking' y ALANINE ?     'C3 H7 N O2'      89.093  
ARG   'L-peptide linking' y ARGININE ?     'C6 H15 N4 O2 1'  175.209 
ASN   'L-peptide linking' y ASPARAGINE ?     'C4 H8 N2 O3'     132.118 
ASP   'L-peptide linking' y 'ASPARTIC ACID' ?     'C4 H7 N O4'      133.103 
CYS   'L-peptide linking' y CYSTEINE ?     'C3 H7 N O2 S'    121.158 
EPE   non-polymer         . '4-(2-HYDROXYETHYL)-1-PIPERAZINE ETHANESULFONIC ACID' HEPES 'C8 H18 N2 O4 S'  238.305 
GLN   'L-peptide linking' y GLUTAMINE ?     'C5 H10 N2 O3'    146.144 
GLU   'L-peptide linking' y 'GLUTAMIC ACID' ?     'C5 H9 N O4'      147.129 
GLY   'peptide linking'   y GLYCINE ?     'C2 H5 N O2'      75.067  
HIS   'L-peptide linking' y HISTIDINE ?     'C6 H10 N3 O2 1'  156.162 
HOH   non-polymer         . WATER ?     'H2 O'            18.015  
ILE   'L-peptide linking' y ISOLEUCINE ?     'C6 H13 N O2'     131.173 
LEU   'L-peptide linking' y LEUCINE ?     'C6 H13 N O2'     131.173 
LYS   'L-peptide linking' y LYSINE ?     'C6 H15 N2 O2 1'  147.195 
MET   'L-peptide linking' y METHIONINE ?     'C5 H11 N O2 S'   149.211 
PHE   'L-peptide linking' y PHENYLALANINE ?     'C9 H11 N O2'     165.189 
PRO   'L-peptide linking' y PROLINE ?     'C5 H9 N O2'      115.130 
SER   'L-peptide linking' y SERINE ?     'C3 H7 N O3'      105.093 
THR   'L-peptide linking' y THREONINE ?     'C4 H9 N O3'      119.119 
TRP   'L-peptide linking' y TRYPTOPHAN ?     'C11 H12 N2 O2'   204.225 
TYR   'L-peptide linking' y TYROSINE ?     'C9 H11 N O3'     181.189 
VAL   'L-peptide linking' y VALINE ?     'C5 H11 N O2'     117.146 
VVB   non-polymer         . 'bis(oxidanyl)vanadium' ?     'H2 O2 V'         84.956  
VVO   non-polymer         . 'oxovanadium(2+)' ?     'O V 2'           66.941  
# 
loop_
_pdbx_poly_seq_scheme.asym_id 
_pdbx_poly_seq_scheme.entity_id 
_pdbx_poly_seq_scheme.seq_id 
_pdbx_poly_seq_scheme.mon_id 
_pdbx_poly_seq_scheme.ndb_seq_num 
_pdbx_poly_seq_scheme.pdb_seq_num 
_pdbx_poly_seq_scheme.auth_seq_num 
_pdbx_poly_seq_scheme.pdb_mon_id 
_pdbx_poly_seq_scheme.auth_mon_id 
_pdbx_poly_seq_scheme.pdb_strand_id 
_pdbx_poly_seq_scheme.pdb_ins_code 
_pdbx_poly_seq_scheme.hetero 
A 1 1   LYS 1   1   1   LYS LYS AAA . n 
A 1 2   VAL 2   2   2   VAL VAL AAA . n 
A 1 3   PHE 3   3   3   PHE PHE AAA . n 
A 1 4   GLY 4   4   4   GLY GLY AAA . n 
A 1 5   ARG 5   5   5   ARG ARG AAA . n 
A 1 6   CYS 6   6   6   CYS CYS AAA . n 
A 1 7   GLU 7   7   7   GLU GLU AAA . n 
A 1 8   LEU 8   8   8   LEU LEU AAA . n 
A 1 9   ALA 9   9   9   ALA ALA AAA . n 
A 1 10  ALA 10  10  10  ALA ALA AAA . n 
A 1 11  ALA 11  11  11  ALA ALA AAA . n 
A 1 12  MET 12  12  12  MET MET AAA . n 
A 1 13  LYS 13  13  13  LYS LYS AAA . n 
A 1 14  ARG 14  14  14  ARG ARG AAA . n 
A 1 15  HIS 15  15  15  HIS HIS AAA . n 
A 1 16  GLY 16  16  16  GLY GLY AAA . n 
A 1 17  LEU 17  17  17  LEU LEU AAA . n 
A 1 18  ASP 18  18  18  ASP ASP AAA . n 
A 1 19  ASN 19  19  19  ASN ASN AAA . n 
A 1 20  TYR 20  20  20  TYR TYR AAA . n 
A 1 21  ARG 21  21  21  ARG ARG AAA . n 
A 1 22  GLY 22  22  22  GLY GLY AAA . n 
A 1 23  TYR 23  23  23  TYR TYR AAA . n 
A 1 24  SER 24  24  24  SER SER AAA . n 
A 1 25  LEU 25  25  25  LEU LEU AAA . n 
A 1 26  GLY 26  26  26  GLY GLY AAA . n 
A 1 27  ASN 27  27  27  ASN ASN AAA . n 
A 1 28  TRP 28  28  28  TRP TRP AAA . n 
A 1 29  VAL 29  29  29  VAL VAL AAA . n 
A 1 30  CYS 30  30  30  CYS CYS AAA . n 
A 1 31  ALA 31  31  31  ALA ALA AAA . n 
A 1 32  ALA 32  32  32  ALA ALA AAA . n 
A 1 33  LYS 33  33  33  LYS LYS AAA . n 
A 1 34  PHE 34  34  34  PHE PHE AAA . n 
A 1 35  GLU 35  35  35  GLU GLU AAA . n 
A 1 36  SER 36  36  36  SER SER AAA . n 
A 1 37  ASN 37  37  37  ASN ASN AAA . n 
A 1 38  PHE 38  38  38  PHE PHE AAA . n 
A 1 39  ASN 39  39  39  ASN ASN AAA . n 
A 1 40  THR 40  40  40  THR THR AAA . n 
A 1 41  GLN 41  41  41  GLN GLN AAA . n 
A 1 42  ALA 42  42  42  ALA ALA AAA . n 
A 1 43  THR 43  43  43  THR THR AAA . n 
A 1 44  ASN 44  44  44  ASN ASN AAA . n 
A 1 45  ARG 45  45  45  ARG ARG AAA . n 
A 1 46  ASN 46  46  46  ASN ASN AAA . n 
A 1 47  THR 47  47  47  THR THR AAA . n 
A 1 48  ASP 48  48  48  ASP ASP AAA . n 
A 1 49  GLY 49  49  49  GLY GLY AAA . n 
A 1 50  SER 50  50  50  SER SER AAA . n 
A 1 51  THR 51  51  51  THR THR AAA . n 
A 1 52  ASP 52  52  52  ASP ASP AAA . n 
A 1 53  TYR 53  53  53  TYR TYR AAA . n 
A 1 54  GLY 54  54  54  GLY GLY AAA . n 
A 1 55  ILE 55  55  55  ILE ILE AAA . n 
A 1 56  LEU 56  56  56  LEU LEU AAA . n 
A 1 57  GLN 57  57  57  GLN GLN AAA . n 
A 1 58  ILE 58  58  58  ILE ILE AAA . n 
A 1 59  ASN 59  59  59  ASN ASN AAA . n 
A 1 60  SER 60  60  60  SER SER AAA . n 
A 1 61  ARG 61  61  61  ARG ARG AAA . n 
A 1 62  TRP 62  62  62  TRP TRP AAA . n 
A 1 63  TRP 63  63  63  TRP TRP AAA . n 
A 1 64  CYS 64  64  64  CYS CYS AAA . n 
A 1 65  ASN 65  65  65  ASN ASN AAA . n 
A 1 66  ASP 66  66  66  ASP ASP AAA . n 
A 1 67  GLY 67  67  67  GLY GLY AAA . n 
A 1 68  ARG 68  68  68  ARG ARG AAA . n 
A 1 69  THR 69  69  69  THR THR AAA . n 
A 1 70  PRO 70  70  70  PRO PRO AAA . n 
A 1 71  GLY 71  71  71  GLY GLY AAA . n 
A 1 72  SER 72  72  72  SER SER AAA . n 
A 1 73  ARG 73  73  73  ARG ARG AAA . n 
A 1 74  ASN 74  74  74  ASN ASN AAA . n 
A 1 75  LEU 75  75  75  LEU LEU AAA . n 
A 1 76  CYS 76  76  76  CYS CYS AAA . n 
A 1 77  ASN 77  77  77  ASN ASN AAA . n 
A 1 78  ILE 78  78  78  ILE ILE AAA . n 
A 1 79  PRO 79  79  79  PRO PRO AAA . n 
A 1 80  CYS 80  80  80  CYS CYS AAA . n 
A 1 81  SER 81  81  81  SER SER AAA . n 
A 1 82  ALA 82  82  82  ALA ALA AAA . n 
A 1 83  LEU 83  83  83  LEU LEU AAA . n 
A 1 84  LEU 84  84  84  LEU LEU AAA . n 
A 1 85  SER 85  85  85  SER SER AAA . n 
A 1 86  SER 86  86  86  SER SER AAA . n 
A 1 87  ASP 87  87  87  ASP ASP AAA . n 
A 1 88  ILE 88  88  88  ILE ILE AAA . n 
A 1 89  THR 89  89  89  THR THR AAA . n 
A 1 90  ALA 90  90  90  ALA ALA AAA . n 
A 1 91  SER 91  91  91  SER SER AAA . n 
A 1 92  VAL 92  92  92  VAL VAL AAA . n 
A 1 93  ASN 93  93  93  ASN ASN AAA . n 
A 1 94  CYS 94  94  94  CYS CYS AAA . n 
A 1 95  ALA 95  95  95  ALA ALA AAA . n 
A 1 96  LYS 96  96  96  LYS LYS AAA . n 
A 1 97  LYS 97  97  97  LYS LYS AAA . n 
A 1 98  ILE 98  98  98  ILE ILE AAA . n 
A 1 99  VAL 99  99  99  VAL VAL AAA . n 
A 1 100 SER 100 100 100 SER SER AAA . n 
A 1 101 ASP 101 101 101 ASP ASP AAA . n 
A 1 102 GLY 102 102 102 GLY GLY AAA . n 
A 1 103 ASN 103 103 103 ASN ASN AAA . n 
A 1 104 GLY 104 104 104 GLY GLY AAA . n 
A 1 105 MET 105 105 105 MET MET AAA . n 
A 1 106 ASN 106 106 106 ASN ASN AAA . n 
A 1 107 ALA 107 107 107 ALA ALA AAA . n 
A 1 108 TRP 108 108 108 TRP TRP AAA . n 
A 1 109 VAL 109 109 109 VAL VAL AAA . n 
A 1 110 ALA 110 110 110 ALA ALA AAA . n 
A 1 111 TRP 111 111 111 TRP TRP AAA . n 
A 1 112 ARG 112 112 112 ARG ARG AAA . n 
A 1 113 ASN 113 113 113 ASN ASN AAA . n 
A 1 114 ARG 114 114 114 ARG ARG AAA . n 
A 1 115 CYS 115 115 115 CYS CYS AAA . n 
A 1 116 LYS 116 116 116 LYS LYS AAA . n 
A 1 117 GLY 117 117 117 GLY GLY AAA . n 
A 1 118 THR 118 118 118 THR THR AAA . n 
A 1 119 ASP 119 119 119 ASP ASP AAA . n 
A 1 120 VAL 120 120 120 VAL VAL AAA . n 
A 1 121 GLN 121 121 121 GLN GLN AAA . n 
A 1 122 ALA 122 122 122 ALA ALA AAA . n 
A 1 123 TRP 123 123 123 TRP TRP AAA . n 
A 1 124 ILE 124 124 124 ILE ILE AAA . n 
A 1 125 ARG 125 125 125 ARG ARG AAA . n 
A 1 126 GLY 126 126 126 GLY GLY AAA . n 
A 1 127 CYS 127 127 127 CYS CYS AAA . n 
A 1 128 ARG 128 128 128 ARG ARG AAA . n 
A 1 129 LEU 129 129 129 LEU LEU AAA . n 
# 
loop_
_pdbx_entity_instance_feature.ordinal 
_pdbx_entity_instance_feature.comp_id 
_pdbx_entity_instance_feature.asym_id 
_pdbx_entity_instance_feature.seq_num 
_pdbx_entity_instance_feature.auth_comp_id 
_pdbx_entity_instance_feature.auth_asym_id 
_pdbx_entity_instance_feature.auth_seq_num 
_pdbx_entity_instance_feature.feature_type 
_pdbx_entity_instance_feature.details 
1 A1H23 ? ? A1H23 ? ? 'SUBJECT OF INVESTIGATION' ? 
2 VVB   ? ? VVB   ? ? 'SUBJECT OF INVESTIGATION' ? 
3 VVO   ? ? VVO   ? ? 'SUBJECT OF INVESTIGATION' ? 
# 
loop_
_pdbx_nonpoly_scheme.asym_id 
_pdbx_nonpoly_scheme.entity_id 
_pdbx_nonpoly_scheme.mon_id 
_pdbx_nonpoly_scheme.ndb_seq_num 
_pdbx_nonpoly_scheme.pdb_seq_num 
_pdbx_nonpoly_scheme.auth_seq_num 
_pdbx_nonpoly_scheme.pdb_mon_id 
_pdbx_nonpoly_scheme.auth_mon_id 
_pdbx_nonpoly_scheme.pdb_strand_id 
_pdbx_nonpoly_scheme.pdb_ins_code 
B 2 EPE   1   201 1   EPE   EPE AAA . 
C 3 A1H23 1   202 1   A1H23 HQX AAA . 
D 4 VVO   1   203 2   VVO   VOQ AAA . 
E 5 VVB   1   204 3   VVB   VW2 AAA . 
F 4 VVO   1   205 4   VVO   VOQ AAA . 
G 6 HOH   1   301 180 HOH   HOH AAA . 
G 6 HOH   2   302 174 HOH   HOH AAA . 
G 6 HOH   3   303 144 HOH   HOH AAA . 
G 6 HOH   4   304 126 HOH   HOH AAA . 
G 6 HOH   5   305 37  HOH   HOH AAA . 
G 6 HOH   6   306 96  HOH   HOH AAA . 
G 6 HOH   7   307 183 HOH   HOH AAA . 
G 6 HOH   8   308 124 HOH   HOH AAA . 
G 6 HOH   9   309 129 HOH   HOH AAA . 
G 6 HOH   10  310 58  HOH   HOH AAA . 
G 6 HOH   11  311 45  HOH   HOH AAA . 
G 6 HOH   12  312 63  HOH   HOH AAA . 
G 6 HOH   13  313 106 HOH   HOH AAA . 
G 6 HOH   14  314 60  HOH   HOH AAA . 
G 6 HOH   15  315 61  HOH   HOH AAA . 
G 6 HOH   16  316 99  HOH   HOH AAA . 
G 6 HOH   17  317 128 HOH   HOH AAA . 
G 6 HOH   18  318 111 HOH   HOH AAA . 
G 6 HOH   19  319 176 HOH   HOH AAA . 
G 6 HOH   20  320 31  HOH   HOH AAA . 
G 6 HOH   21  321 55  HOH   HOH AAA . 
G 6 HOH   22  322 73  HOH   HOH AAA . 
G 6 HOH   23  323 19  HOH   HOH AAA . 
G 6 HOH   24  324 118 HOH   HOH AAA . 
G 6 HOH   25  325 74  HOH   HOH AAA . 
G 6 HOH   26  326 18  HOH   HOH AAA . 
G 6 HOH   27  327 21  HOH   HOH AAA . 
G 6 HOH   28  328 32  HOH   HOH AAA . 
G 6 HOH   29  329 160 HOH   HOH AAA . 
G 6 HOH   30  330 110 HOH   HOH AAA . 
G 6 HOH   31  331 69  HOH   HOH AAA . 
G 6 HOH   32  332 169 HOH   HOH AAA . 
G 6 HOH   33  333 98  HOH   HOH AAA . 
G 6 HOH   34  334 6   HOH   HOH AAA . 
G 6 HOH   35  335 1   HOH   HOH AAA . 
G 6 HOH   36  336 119 HOH   HOH AAA . 
G 6 HOH   37  337 59  HOH   HOH AAA . 
G 6 HOH   38  338 76  HOH   HOH AAA . 
G 6 HOH   39  339 72  HOH   HOH AAA . 
G 6 HOH   40  340 177 HOH   HOH AAA . 
G 6 HOH   41  341 191 HOH   HOH AAA . 
G 6 HOH   42  342 48  HOH   HOH AAA . 
G 6 HOH   43  343 75  HOH   HOH AAA . 
G 6 HOH   44  344 3   HOH   HOH AAA . 
G 6 HOH   45  345 40  HOH   HOH AAA . 
G 6 HOH   46  346 68  HOH   HOH AAA . 
G 6 HOH   47  347 42  HOH   HOH AAA . 
G 6 HOH   48  348 117 HOH   HOH AAA . 
G 6 HOH   49  349 53  HOH   HOH AAA . 
G 6 HOH   50  350 2   HOH   HOH AAA . 
G 6 HOH   51  351 115 HOH   HOH AAA . 
G 6 HOH   52  352 16  HOH   HOH AAA . 
G 6 HOH   53  353 150 HOH   HOH AAA . 
G 6 HOH   54  354 49  HOH   HOH AAA . 
G 6 HOH   55  355 100 HOH   HOH AAA . 
G 6 HOH   56  356 41  HOH   HOH AAA . 
G 6 HOH   57  357 36  HOH   HOH AAA . 
G 6 HOH   58  358 112 HOH   HOH AAA . 
G 6 HOH   59  359 85  HOH   HOH AAA . 
G 6 HOH   60  360 39  HOH   HOH AAA . 
G 6 HOH   61  361 12  HOH   HOH AAA . 
G 6 HOH   62  362 34  HOH   HOH AAA . 
G 6 HOH   63  363 81  HOH   HOH AAA . 
G 6 HOH   64  364 14  HOH   HOH AAA . 
G 6 HOH   65  365 70  HOH   HOH AAA . 
G 6 HOH   66  366 15  HOH   HOH AAA . 
G 6 HOH   67  367 46  HOH   HOH AAA . 
G 6 HOH   68  368 113 HOH   HOH AAA . 
G 6 HOH   69  369 44  HOH   HOH AAA . 
G 6 HOH   70  370 35  HOH   HOH AAA . 
G 6 HOH   71  371 147 HOH   HOH AAA . 
G 6 HOH   72  372 4   HOH   HOH AAA . 
G 6 HOH   73  373 125 HOH   HOH AAA . 
G 6 HOH   74  374 10  HOH   HOH AAA . 
G 6 HOH   75  375 47  HOH   HOH AAA . 
G 6 HOH   76  376 120 HOH   HOH AAA . 
G 6 HOH   77  377 52  HOH   HOH AAA . 
G 6 HOH   78  378 188 HOH   HOH AAA . 
G 6 HOH   79  379 7   HOH   HOH AAA . 
G 6 HOH   80  380 11  HOH   HOH AAA . 
G 6 HOH   81  381 5   HOH   HOH AAA . 
G 6 HOH   82  382 189 HOH   HOH AAA . 
G 6 HOH   83  383 95  HOH   HOH AAA . 
G 6 HOH   84  384 187 HOH   HOH AAA . 
G 6 HOH   85  385 146 HOH   HOH AAA . 
G 6 HOH   86  386 13  HOH   HOH AAA . 
G 6 HOH   87  387 89  HOH   HOH AAA . 
G 6 HOH   88  388 33  HOH   HOH AAA . 
G 6 HOH   89  389 65  HOH   HOH AAA . 
G 6 HOH   90  390 131 HOH   HOH AAA . 
G 6 HOH   91  391 82  HOH   HOH AAA . 
G 6 HOH   92  392 9   HOH   HOH AAA . 
G 6 HOH   93  393 17  HOH   HOH AAA . 
G 6 HOH   94  394 157 HOH   HOH AAA . 
G 6 HOH   95  395 90  HOH   HOH AAA . 
G 6 HOH   96  396 51  HOH   HOH AAA . 
G 6 HOH   97  397 8   HOH   HOH AAA . 
G 6 HOH   98  398 84  HOH   HOH AAA . 
G 6 HOH   99  399 166 HOH   HOH AAA . 
G 6 HOH   100 400 121 HOH   HOH AAA . 
G 6 HOH   101 401 56  HOH   HOH AAA . 
G 6 HOH   102 402 50  HOH   HOH AAA . 
G 6 HOH   103 403 38  HOH   HOH AAA . 
G 6 HOH   104 404 20  HOH   HOH AAA . 
G 6 HOH   105 405 167 HOH   HOH AAA . 
G 6 HOH   106 406 151 HOH   HOH AAA . 
G 6 HOH   107 407 57  HOH   HOH AAA . 
G 6 HOH   108 408 137 HOH   HOH AAA . 
G 6 HOH   109 409 122 HOH   HOH AAA . 
G 6 HOH   110 410 101 HOH   HOH AAA . 
G 6 HOH   111 411 173 HOH   HOH AAA . 
G 6 HOH   112 412 156 HOH   HOH AAA . 
G 6 HOH   113 413 104 HOH   HOH AAA . 
G 6 HOH   114 414 179 HOH   HOH AAA . 
G 6 HOH   115 415 27  HOH   HOH AAA . 
G 6 HOH   116 416 22  HOH   HOH AAA . 
G 6 HOH   117 417 182 HOH   HOH AAA . 
G 6 HOH   118 418 123 HOH   HOH AAA . 
G 6 HOH   119 419 153 HOH   HOH AAA . 
G 6 HOH   120 420 62  HOH   HOH AAA . 
G 6 HOH   121 421 71  HOH   HOH AAA . 
G 6 HOH   122 422 136 HOH   HOH AAA . 
G 6 HOH   123 423 77  HOH   HOH AAA . 
G 6 HOH   124 424 80  HOH   HOH AAA . 
G 6 HOH   125 425 107 HOH   HOH AAA . 
G 6 HOH   126 426 168 HOH   HOH AAA . 
G 6 HOH   127 427 109 HOH   HOH AAA . 
G 6 HOH   128 428 127 HOH   HOH AAA . 
G 6 HOH   129 429 79  HOH   HOH AAA . 
G 6 HOH   130 430 116 HOH   HOH AAA . 
G 6 HOH   131 431 141 HOH   HOH AAA . 
G 6 HOH   132 432 64  HOH   HOH AAA . 
G 6 HOH   133 433 170 HOH   HOH AAA . 
G 6 HOH   134 434 78  HOH   HOH AAA . 
G 6 HOH   135 435 91  HOH   HOH AAA . 
G 6 HOH   136 436 152 HOH   HOH AAA . 
G 6 HOH   137 437 54  HOH   HOH AAA . 
G 6 HOH   138 438 83  HOH   HOH AAA . 
G 6 HOH   139 439 132 HOH   HOH AAA . 
G 6 HOH   140 440 139 HOH   HOH AAA . 
G 6 HOH   141 441 158 HOH   HOH AAA . 
G 6 HOH   142 442 154 HOH   HOH AAA . 
G 6 HOH   143 443 114 HOH   HOH AAA . 
G 6 HOH   144 444 66  HOH   HOH AAA . 
G 6 HOH   145 445 155 HOH   HOH AAA . 
G 6 HOH   146 446 133 HOH   HOH AAA . 
G 6 HOH   147 447 186 HOH   HOH AAA . 
G 6 HOH   148 448 130 HOH   HOH AAA . 
# 
loop_
_software.citation_id 
_software.classification 
_software.compiler_name 
_software.compiler_version 
_software.contact_author 
_software.contact_author_email 
_software.date 
_software.description 
_software.dependencies 
_software.hardware 
_software.language 
_software.location 
_software.mods 
_software.name 
_software.os 
_software.os_version 
_software.type 
_software.version 
_software.pdbx_ordinal 
? refinement       ? ? ? ? ? ? ? ? ? ? ? REFMAC   ? ? ? 5.8.0267 1 
? 'data reduction' ? ? ? ? ? ? ? ? ? ? ? autoPROC ? ? ? .        2 
? 'data scaling'   ? ? ? ? ? ? ? ? ? ? ? autoPROC ? ? ? .        3 
? phasing          ? ? ? ? ? ? ? ? ? ? ? PHASER   ? ? ? .        4 
# 
_cell.angle_alpha                  90.000 
_cell.angle_alpha_esd              ? 
_cell.angle_beta                   90.000 
_cell.angle_beta_esd               ? 
_cell.angle_gamma                  90.000 
_cell.angle_gamma_esd              ? 
_cell.entry_id                     8RTK 
_cell.details                      ? 
_cell.formula_units_Z              ? 
_cell.length_a                     77.080 
_cell.length_a_esd                 ? 
_cell.length_b                     77.080 
_cell.length_b_esd                 ? 
_cell.length_c                     37.530 
_cell.length_c_esd                 ? 
_cell.volume                       ? 
_cell.volume_esd                   ? 
_cell.Z_PDB                        8 
_cell.reciprocal_angle_alpha       ? 
_cell.reciprocal_angle_beta        ? 
_cell.reciprocal_angle_gamma       ? 
_cell.reciprocal_angle_alpha_esd   ? 
_cell.reciprocal_angle_beta_esd    ? 
_cell.reciprocal_angle_gamma_esd   ? 
_cell.reciprocal_length_a          ? 
_cell.reciprocal_length_b          ? 
_cell.reciprocal_length_c          ? 
_cell.reciprocal_length_a_esd      ? 
_cell.reciprocal_length_b_esd      ? 
_cell.reciprocal_length_c_esd      ? 
_cell.pdbx_unique_axis             ? 
_cell.pdbx_esd_method              ? 
# 
_symmetry.entry_id                         8RTK 
_symmetry.cell_setting                     ? 
_symmetry.Int_Tables_number                96 
_symmetry.space_group_name_Hall            ? 
_symmetry.space_group_name_H-M             'P 43 21 2' 
_symmetry.pdbx_full_space_group_name_H-M   ? 
# 
_exptl.absorpt_coefficient_mu     ? 
_exptl.absorpt_correction_T_max   ? 
_exptl.absorpt_correction_T_min   ? 
_exptl.absorpt_correction_type    ? 
_exptl.absorpt_process_details    ? 
_exptl.entry_id                   8RTK 
_exptl.crystals_number            1 
_exptl.details                    ? 
_exptl.method                     'X-RAY DIFFRACTION' 
_exptl.method_details             ? 
# 
_exptl_crystal.colour                       ? 
_exptl_crystal.density_diffrn               ? 
_exptl_crystal.density_Matthews             1.94 
_exptl_crystal.density_method               ? 
_exptl_crystal.density_percent_sol          36.76 
_exptl_crystal.description                  ? 
_exptl_crystal.F_000                        ? 
_exptl_crystal.id                           1 
_exptl_crystal.preparation                  ? 
_exptl_crystal.size_max                     ? 
_exptl_crystal.size_mid                     ? 
_exptl_crystal.size_min                     ? 
_exptl_crystal.size_rad                     ? 
_exptl_crystal.colour_lustre                ? 
_exptl_crystal.colour_modifier              ? 
_exptl_crystal.colour_primary               ? 
_exptl_crystal.density_meas                 ? 
_exptl_crystal.density_meas_esd             ? 
_exptl_crystal.density_meas_gt              ? 
_exptl_crystal.density_meas_lt              ? 
_exptl_crystal.density_meas_temp            ? 
_exptl_crystal.density_meas_temp_esd        ? 
_exptl_crystal.density_meas_temp_gt         ? 
_exptl_crystal.density_meas_temp_lt         ? 
_exptl_crystal.pdbx_crystal_image_url       ? 
_exptl_crystal.pdbx_crystal_image_format    ? 
_exptl_crystal.pdbx_mosaicity               ? 
_exptl_crystal.pdbx_mosaicity_esd           ? 
_exptl_crystal.pdbx_mosaic_method           ? 
_exptl_crystal.pdbx_mosaic_block_size       ? 
_exptl_crystal.pdbx_mosaic_block_size_esd   ? 
# 
_exptl_crystal_grow.apparatus       ? 
_exptl_crystal_grow.atmosphere      ? 
_exptl_crystal_grow.crystal_id      1 
_exptl_crystal_grow.details         ? 
_exptl_crystal_grow.method          'VAPOR DIFFUSION, HANGING DROP' 
_exptl_crystal_grow.method_ref      ? 
_exptl_crystal_grow.pH              7.5 
_exptl_crystal_grow.pressure        ? 
_exptl_crystal_grow.pressure_esd    ? 
_exptl_crystal_grow.seeding         ? 
_exptl_crystal_grow.seeding_ref     ? 
_exptl_crystal_grow.temp_details    ? 
_exptl_crystal_grow.temp_esd        ? 
_exptl_crystal_grow.time            ? 
_exptl_crystal_grow.pdbx_details    '2.0 M sodium formate, 0.1 M Hepes at pH 7.5' 
_exptl_crystal_grow.pdbx_pH_range   ? 
_exptl_crystal_grow.temp            293 
# 
_diffrn.ambient_environment              ? 
_diffrn.ambient_temp                     100 
_diffrn.ambient_temp_details             ? 
_diffrn.ambient_temp_esd                 ? 
_diffrn.crystal_id                       1 
_diffrn.crystal_support                  ? 
_diffrn.crystal_treatment                ? 
_diffrn.details                          ? 
_diffrn.id                               1 
_diffrn.ambient_pressure                 ? 
_diffrn.ambient_pressure_esd             ? 
_diffrn.ambient_pressure_gt              ? 
_diffrn.ambient_pressure_lt              ? 
_diffrn.ambient_temp_gt                  ? 
_diffrn.ambient_temp_lt                  ? 
_diffrn.pdbx_serial_crystal_experiment   N 
# 
_diffrn_detector.details                      ? 
_diffrn_detector.detector                     PIXEL 
_diffrn_detector.diffrn_id                    1 
_diffrn_detector.type                         'DECTRIS PILATUS 6M' 
_diffrn_detector.area_resol_mean              ? 
_diffrn_detector.dtime                        ? 
_diffrn_detector.pdbx_frames_total            ? 
_diffrn_detector.pdbx_collection_time_total   ? 
_diffrn_detector.pdbx_collection_date         2021-07-13 
_diffrn_detector.pdbx_frequency               ? 
_diffrn_detector.id                           ? 
_diffrn_detector.number_of_axes               ? 
# 
_diffrn_radiation.collimation                      ? 
_diffrn_radiation.diffrn_id                        1 
_diffrn_radiation.filter_edge                      ? 
_diffrn_radiation.inhomogeneity                    ? 
_diffrn_radiation.monochromator                    ? 
_diffrn_radiation.polarisn_norm                    ? 
_diffrn_radiation.polarisn_ratio                   ? 
_diffrn_radiation.probe                            ? 
_diffrn_radiation.type                             ? 
_diffrn_radiation.xray_symbol                      ? 
_diffrn_radiation.wavelength_id                    1 
_diffrn_radiation.pdbx_monochromatic_or_laue_m_l   M 
_diffrn_radiation.pdbx_wavelength_list             ? 
_diffrn_radiation.pdbx_wavelength                  ? 
_diffrn_radiation.pdbx_diffrn_protocol             'SINGLE WAVELENGTH' 
_diffrn_radiation.pdbx_analyzer                    ? 
_diffrn_radiation.pdbx_scattering_type             x-ray 
# 
_diffrn_radiation_wavelength.id           1 
_diffrn_radiation_wavelength.wavelength   1.00 
_diffrn_radiation_wavelength.wt           1.0 
# 
_diffrn_source.current                     ? 
_diffrn_source.details                     ? 
_diffrn_source.diffrn_id                   1 
_diffrn_source.power                       ? 
_diffrn_source.size                        ? 
_diffrn_source.source                      SYNCHROTRON 
_diffrn_source.target                      ? 
_diffrn_source.type                        'ELETTRA BEAMLINE 11.2C' 
_diffrn_source.voltage                     ? 
_diffrn_source.take-off_angle              ? 
_diffrn_source.pdbx_wavelength_list        1.00 
_diffrn_source.pdbx_wavelength             ? 
_diffrn_source.pdbx_synchrotron_beamline   11.2C 
_diffrn_source.pdbx_synchrotron_site       ELETTRA 
# 
_reflns.B_iso_Wilson_estimate                          ? 
_reflns.entry_id                                       8RTK 
_reflns.data_reduction_details                         ? 
_reflns.data_reduction_method                          ? 
_reflns.d_resolution_high                              1.21 
_reflns.d_resolution_low                               38.543 
_reflns.details                                        ? 
_reflns.limit_h_max                                    ? 
_reflns.limit_h_min                                    ? 
_reflns.limit_k_max                                    ? 
_reflns.limit_k_min                                    ? 
_reflns.limit_l_max                                    ? 
_reflns.limit_l_min                                    ? 
_reflns.number_all                                     ? 
_reflns.number_obs                                     35157 
_reflns.observed_criterion                             ? 
_reflns.observed_criterion_F_max                       ? 
_reflns.observed_criterion_F_min                       ? 
_reflns.observed_criterion_I_max                       ? 
_reflns.observed_criterion_I_min                       ? 
_reflns.observed_criterion_sigma_F                     ? 
_reflns.observed_criterion_sigma_I                     ? 
_reflns.percent_possible_obs                           100.0 
_reflns.R_free_details                                 ? 
_reflns.Rmerge_F_all                                   ? 
_reflns.Rmerge_F_obs                                   ? 
_reflns.Friedel_coverage                               ? 
_reflns.number_gt                                      ? 
_reflns.threshold_expression                           ? 
_reflns.pdbx_redundancy                                18.5 
_reflns.pdbx_netI_over_av_sigmaI                       ? 
_reflns.pdbx_netI_over_sigmaI                          27.9 
_reflns.pdbx_res_netI_over_av_sigmaI_2                 ? 
_reflns.pdbx_res_netI_over_sigmaI_2                    ? 
_reflns.pdbx_chi_squared                               ? 
_reflns.pdbx_scaling_rejects                           ? 
_reflns.pdbx_d_res_high_opt                            ? 
_reflns.pdbx_d_res_low_opt                             ? 
_reflns.pdbx_d_res_opt_method                          ? 
_reflns.phase_calculation_details                      ? 
_reflns.pdbx_Rrim_I_all                                ? 
_reflns.pdbx_Rpim_I_all                                ? 
_reflns.pdbx_d_opt                                     ? 
_reflns.pdbx_number_measured_all                       ? 
_reflns.pdbx_diffrn_id                                 1 
_reflns.pdbx_ordinal                                   1 
_reflns.pdbx_CC_half                                   1.00 
_reflns.pdbx_CC_star                                   ? 
_reflns.pdbx_R_split                                   ? 
_reflns.pdbx_Rmerge_I_obs                              ? 
_reflns.pdbx_Rmerge_I_all                              ? 
_reflns.pdbx_Rsym_value                                ? 
_reflns.pdbx_CC_split_method                           ? 
_reflns.pdbx_aniso_diffraction_limit_axis_1_ortho[1]   ? 
_reflns.pdbx_aniso_diffraction_limit_axis_1_ortho[2]   ? 
_reflns.pdbx_aniso_diffraction_limit_axis_1_ortho[3]   ? 
_reflns.pdbx_aniso_diffraction_limit_axis_2_ortho[1]   ? 
_reflns.pdbx_aniso_diffraction_limit_axis_2_ortho[2]   ? 
_reflns.pdbx_aniso_diffraction_limit_axis_2_ortho[3]   ? 
_reflns.pdbx_aniso_diffraction_limit_axis_3_ortho[1]   ? 
_reflns.pdbx_aniso_diffraction_limit_axis_3_ortho[2]   ? 
_reflns.pdbx_aniso_diffraction_limit_axis_3_ortho[3]   ? 
_reflns.pdbx_aniso_diffraction_limit_1                 ? 
_reflns.pdbx_aniso_diffraction_limit_2                 ? 
_reflns.pdbx_aniso_diffraction_limit_3                 ? 
_reflns.pdbx_aniso_B_tensor_eigenvector_1_ortho[1]     ? 
_reflns.pdbx_aniso_B_tensor_eigenvector_1_ortho[2]     ? 
_reflns.pdbx_aniso_B_tensor_eigenvector_1_ortho[3]     ? 
_reflns.pdbx_aniso_B_tensor_eigenvector_2_ortho[1]     ? 
_reflns.pdbx_aniso_B_tensor_eigenvector_2_ortho[2]     ? 
_reflns.pdbx_aniso_B_tensor_eigenvector_2_ortho[3]     ? 
_reflns.pdbx_aniso_B_tensor_eigenvector_3_ortho[1]     ? 
_reflns.pdbx_aniso_B_tensor_eigenvector_3_ortho[2]     ? 
_reflns.pdbx_aniso_B_tensor_eigenvector_3_ortho[3]     ? 
_reflns.pdbx_aniso_B_tensor_eigenvalue_1               ? 
_reflns.pdbx_aniso_B_tensor_eigenvalue_2               ? 
_reflns.pdbx_aniso_B_tensor_eigenvalue_3               ? 
_reflns.pdbx_orthogonalization_convention              ? 
_reflns.pdbx_percent_possible_ellipsoidal              ? 
_reflns.pdbx_percent_possible_spherical                ? 
_reflns.pdbx_percent_possible_ellipsoidal_anomalous    ? 
_reflns.pdbx_percent_possible_spherical_anomalous      ? 
_reflns.pdbx_redundancy_anomalous                      ? 
_reflns.pdbx_CC_half_anomalous                         ? 
_reflns.pdbx_absDiff_over_sigma_anomalous              ? 
_reflns.pdbx_percent_possible_anomalous                ? 
_reflns.pdbx_observed_signal_threshold                 ? 
_reflns.pdbx_signal_type                               ? 
_reflns.pdbx_signal_details                            ? 
_reflns.pdbx_signal_software_id                        ? 
# 
_reflns_shell.d_res_high                                    1.21 
_reflns_shell.d_res_low                                     1.23 
_reflns_shell.meanI_over_sigI_all                           ? 
_reflns_shell.meanI_over_sigI_obs                           ? 
_reflns_shell.number_measured_all                           ? 
_reflns_shell.number_measured_obs                           ? 
_reflns_shell.number_possible                               ? 
_reflns_shell.number_unique_all                             ? 
_reflns_shell.number_unique_obs                             1693 
_reflns_shell.percent_possible_obs                          ? 
_reflns_shell.Rmerge_F_all                                  ? 
_reflns_shell.Rmerge_F_obs                                  ? 
_reflns_shell.meanI_over_sigI_gt                            ? 
_reflns_shell.meanI_over_uI_all                             ? 
_reflns_shell.meanI_over_uI_gt                              ? 
_reflns_shell.number_measured_gt                            ? 
_reflns_shell.number_unique_gt                              ? 
_reflns_shell.percent_possible_gt                           ? 
_reflns_shell.Rmerge_F_gt                                   ? 
_reflns_shell.Rmerge_I_gt                                   ? 
_reflns_shell.pdbx_redundancy                               ? 
_reflns_shell.pdbx_chi_squared                              ? 
_reflns_shell.pdbx_netI_over_sigmaI_all                     ? 
_reflns_shell.pdbx_netI_over_sigmaI_obs                     ? 
_reflns_shell.pdbx_Rrim_I_all                               ? 
_reflns_shell.pdbx_Rpim_I_all                               ? 
_reflns_shell.pdbx_rejects                                  ? 
_reflns_shell.pdbx_ordinal                                  1 
_reflns_shell.pdbx_diffrn_id                                1 
_reflns_shell.pdbx_CC_half                                  0.787 
_reflns_shell.pdbx_CC_star                                  ? 
_reflns_shell.pdbx_R_split                                  ? 
_reflns_shell.percent_possible_all                          ? 
_reflns_shell.Rmerge_I_all                                  ? 
_reflns_shell.Rmerge_I_obs                                  ? 
_reflns_shell.pdbx_Rsym_value                               ? 
_reflns_shell.pdbx_percent_possible_ellipsoidal             ? 
_reflns_shell.pdbx_percent_possible_spherical               ? 
_reflns_shell.pdbx_percent_possible_ellipsoidal_anomalous   ? 
_reflns_shell.pdbx_percent_possible_spherical_anomalous     ? 
_reflns_shell.pdbx_redundancy_anomalous                     ? 
_reflns_shell.pdbx_CC_half_anomalous                        ? 
_reflns_shell.pdbx_absDiff_over_sigma_anomalous             ? 
_reflns_shell.pdbx_percent_possible_anomalous               ? 
# 
_refine.aniso_B[1][1]                            0.010 
_refine.aniso_B[1][2]                            -0.000 
_refine.aniso_B[1][3]                            -0.000 
_refine.aniso_B[2][2]                            0.010 
_refine.aniso_B[2][3]                            -0.000 
_refine.aniso_B[3][3]                            -0.021 
_refine.B_iso_max                                ? 
_refine.B_iso_mean                               19.812 
_refine.B_iso_min                                ? 
_refine.correlation_coeff_Fo_to_Fc               0.972 
_refine.correlation_coeff_Fo_to_Fc_free          0.964 
_refine.details                                  'Hydrogens have been added in their riding positions' 
_refine.diff_density_max                         ? 
_refine.diff_density_max_esd                     ? 
_refine.diff_density_min                         ? 
_refine.diff_density_min_esd                     ? 
_refine.diff_density_rms                         ? 
_refine.diff_density_rms_esd                     ? 
_refine.entry_id                                 8RTK 
_refine.pdbx_refine_id                           'X-RAY DIFFRACTION' 
_refine.ls_abs_structure_details                 ? 
_refine.ls_abs_structure_Flack                   ? 
_refine.ls_abs_structure_Flack_esd               ? 
_refine.ls_abs_structure_Rogers                  ? 
_refine.ls_abs_structure_Rogers_esd              ? 
_refine.ls_d_res_high                            1.210 
_refine.ls_d_res_low                             38.543 
_refine.ls_extinction_coef                       ? 
_refine.ls_extinction_coef_esd                   ? 
_refine.ls_extinction_expression                 ? 
_refine.ls_extinction_method                     ? 
_refine.ls_goodness_of_fit_all                   ? 
_refine.ls_goodness_of_fit_all_esd               ? 
_refine.ls_goodness_of_fit_obs                   ? 
_refine.ls_goodness_of_fit_obs_esd               ? 
_refine.ls_hydrogen_treatment                    ? 
_refine.ls_matrix_type                           ? 
_refine.ls_number_constraints                    ? 
_refine.ls_number_parameters                     ? 
_refine.ls_number_reflns_all                     ? 
_refine.ls_number_reflns_obs                     35053 
_refine.ls_number_reflns_R_free                  1734 
_refine.ls_number_reflns_R_work                  33319 
_refine.ls_number_restraints                     ? 
_refine.ls_percent_reflns_obs                    99.971 
_refine.ls_percent_reflns_R_free                 4.947 
_refine.ls_R_factor_all                          0.174 
_refine.ls_R_factor_obs                          ? 
_refine.ls_R_factor_R_free                       0.1923 
_refine.ls_R_factor_R_free_error                 ? 
_refine.ls_R_factor_R_free_error_details         ? 
_refine.ls_R_factor_R_work                       0.1727 
_refine.ls_R_Fsqd_factor_obs                     ? 
_refine.ls_R_I_factor_obs                        ? 
_refine.ls_redundancy_reflns_all                 ? 
_refine.ls_redundancy_reflns_obs                 ? 
_refine.ls_restrained_S_all                      ? 
_refine.ls_restrained_S_obs                      ? 
_refine.ls_shift_over_esd_max                    ? 
_refine.ls_shift_over_esd_mean                   ? 
_refine.ls_structure_factor_coef                 ? 
_refine.ls_weighting_details                     ? 
_refine.ls_weighting_scheme                      ? 
_refine.ls_wR_factor_all                         ? 
_refine.ls_wR_factor_obs                         ? 
_refine.ls_wR_factor_R_free                      ? 
_refine.ls_wR_factor_R_work                      ? 
_refine.occupancy_max                            ? 
_refine.occupancy_min                            ? 
_refine.solvent_model_details                    'MASK BULK SOLVENT' 
_refine.solvent_model_param_bsol                 ? 
_refine.solvent_model_param_ksol                 ? 
_refine.pdbx_R_complete                          ? 
_refine.ls_R_factor_gt                           ? 
_refine.ls_goodness_of_fit_gt                    ? 
_refine.ls_goodness_of_fit_ref                   ? 
_refine.ls_shift_over_su_max                     ? 
_refine.ls_shift_over_su_max_lt                  ? 
_refine.ls_shift_over_su_mean                    ? 
_refine.ls_shift_over_su_mean_lt                 ? 
_refine.pdbx_ls_sigma_I                          ? 
_refine.pdbx_ls_sigma_F                          ? 
_refine.pdbx_ls_sigma_Fsqd                       ? 
_refine.pdbx_data_cutoff_high_absF               ? 
_refine.pdbx_data_cutoff_high_rms_absF           ? 
_refine.pdbx_data_cutoff_low_absF                ? 
_refine.pdbx_isotropic_thermal_model             ? 
_refine.pdbx_ls_cross_valid_method               'FREE R-VALUE' 
_refine.pdbx_method_to_determine_struct          'MOLECULAR REPLACEMENT' 
_refine.pdbx_starting_model                      ? 
_refine.pdbx_stereochemistry_target_values       ? 
_refine.pdbx_R_Free_selection_details            ? 
_refine.pdbx_stereochem_target_val_spec_case     ? 
_refine.pdbx_overall_ESU_R                       0.045 
_refine.pdbx_overall_ESU_R_Free                  0.046 
_refine.pdbx_solvent_vdw_probe_radii             1.200 
_refine.pdbx_solvent_ion_probe_radii             0.800 
_refine.pdbx_solvent_shrinkage_radii             0.800 
_refine.pdbx_real_space_R                        ? 
_refine.pdbx_density_correlation                 ? 
_refine.pdbx_pd_number_of_powder_patterns        ? 
_refine.pdbx_pd_number_of_points                 ? 
_refine.pdbx_pd_meas_number_of_points            ? 
_refine.pdbx_pd_proc_ls_prof_R_factor            ? 
_refine.pdbx_pd_proc_ls_prof_wR_factor           ? 
_refine.pdbx_pd_Marquardt_correlation_coeff      ? 
_refine.pdbx_pd_Fsqrd_R_factor                   ? 
_refine.pdbx_pd_ls_matrix_band_width             ? 
_refine.pdbx_overall_phase_error                 ? 
_refine.pdbx_overall_SU_R_free_Cruickshank_DPI   ? 
_refine.pdbx_overall_SU_R_free_Blow_DPI          ? 
_refine.pdbx_overall_SU_R_Blow_DPI               ? 
_refine.pdbx_TLS_residual_ADP_flag               ? 
_refine.pdbx_diffrn_id                           1 
_refine.overall_SU_B                             0.710 
_refine.overall_SU_ML                            0.032 
_refine.overall_SU_R_Cruickshank_DPI             ? 
_refine.overall_SU_R_free                        ? 
_refine.overall_FOM_free_R_set                   ? 
_refine.overall_FOM_work_R_set                   ? 
_refine.pdbx_average_fsc_overall                 ? 
_refine.pdbx_average_fsc_work                    ? 
_refine.pdbx_average_fsc_free                    ? 
# 
_refine_hist.pdbx_refine_id                   'X-RAY DIFFRACTION' 
_refine_hist.cycle_id                         LAST 
_refine_hist.pdbx_number_atoms_protein        1001 
_refine_hist.pdbx_number_atoms_nucleic_acid   0 
_refine_hist.pdbx_number_atoms_ligand         47 
_refine_hist.number_atoms_solvent             148 
_refine_hist.number_atoms_total               1196 
_refine_hist.d_res_high                       1.210 
_refine_hist.d_res_low                        38.543 
# 
loop_
_refine_ls_restr.pdbx_refine_id 
_refine_ls_restr.criterion 
_refine_ls_restr.dev_ideal 
_refine_ls_restr.dev_ideal_target 
_refine_ls_restr.number 
_refine_ls_restr.rejects 
_refine_ls_restr.type 
_refine_ls_restr.weight 
_refine_ls_restr.pdbx_restraint_function 
'X-RAY DIFFRACTION' ? 0.015  0.013  1169 ? r_bond_refined_d               ? ? 
'X-RAY DIFFRACTION' ? 0.001  0.014  1044 ? r_bond_other_d                 ? ? 
'X-RAY DIFFRACTION' ? 2.193  1.640  1595 ? r_angle_refined_deg            ? ? 
'X-RAY DIFFRACTION' ? 1.610  1.593  2393 ? r_angle_other_deg              ? ? 
'X-RAY DIFFRACTION' ? 6.524  5.000  144  ? r_dihedral_angle_1_deg         ? ? 
'X-RAY DIFFRACTION' ? 33.820 20.896 67   ? r_dihedral_angle_2_deg         ? ? 
'X-RAY DIFFRACTION' ? 12.942 15.000 182  ? r_dihedral_angle_3_deg         ? ? 
'X-RAY DIFFRACTION' ? 18.588 15.000 12   ? r_dihedral_angle_4_deg         ? ? 
'X-RAY DIFFRACTION' ? 0.114  0.200  141  ? r_chiral_restr                 ? ? 
'X-RAY DIFFRACTION' ? 0.011  0.020  1375 ? r_gen_planes_refined           ? ? 
'X-RAY DIFFRACTION' ? 0.002  0.020  309  ? r_gen_planes_other             ? ? 
'X-RAY DIFFRACTION' ? 0.230  0.200  246  ? r_nbd_refined                  ? ? 
'X-RAY DIFFRACTION' ? 0.196  0.200  960  ? r_symmetry_nbd_other           ? ? 
'X-RAY DIFFRACTION' ? 0.174  0.200  541  ? r_nbtor_refined                ? ? 
'X-RAY DIFFRACTION' ? 0.088  0.200  485  ? r_symmetry_nbtor_other         ? ? 
'X-RAY DIFFRACTION' ? 0.202  0.200  88   ? r_xyhbond_nbd_refined          ? ? 
'X-RAY DIFFRACTION' ? 0.080  0.200  1    ? r_symmetry_xyhbond_nbd_other   ? ? 
'X-RAY DIFFRACTION' ? 0.301  0.200  13   ? r_symmetry_nbd_refined         ? ? 
'X-RAY DIFFRACTION' ? 0.225  0.200  50   ? r_nbd_other                    ? ? 
'X-RAY DIFFRACTION' ? 0.199  0.200  28   ? r_symmetry_xyhbond_nbd_refined ? ? 
'X-RAY DIFFRACTION' ? 0.078  0.200  1    ? r_xyhbond_nbd_other            ? ? 
'X-RAY DIFFRACTION' ? 1.728  1.711  554  ? r_mcbond_it                    ? ? 
'X-RAY DIFFRACTION' ? 1.696  1.710  554  ? r_mcbond_other                 ? ? 
'X-RAY DIFFRACTION' ? 2.691  2.579  706  ? r_mcangle_it                   ? ? 
'X-RAY DIFFRACTION' ? 2.706  2.584  707  ? r_mcangle_other                ? ? 
'X-RAY DIFFRACTION' ? 2.812  2.204  614  ? r_scbond_it                    ? ? 
'X-RAY DIFFRACTION' ? 2.766  2.119  575  ? r_scbond_other                 ? ? 
'X-RAY DIFFRACTION' ? 4.183  3.193  889  ? r_scangle_it                   ? ? 
'X-RAY DIFFRACTION' ? 4.261  3.084  846  ? r_scangle_other                ? ? 
'X-RAY DIFFRACTION' ? 5.794  21.925 1419 ? r_lrange_it                    ? ? 
'X-RAY DIFFRACTION' ? 5.524  20.879 1312 ? r_lrange_other                 ? ? 
# 
loop_
_refine_ls_shell.pdbx_refine_id 
_refine_ls_shell.d_res_high 
_refine_ls_shell.d_res_low 
_refine_ls_shell.number_reflns_all 
_refine_ls_shell.number_reflns_obs 
_refine_ls_shell.number_reflns_R_free 
_refine_ls_shell.number_reflns_R_work 
_refine_ls_shell.percent_reflns_obs 
_refine_ls_shell.percent_reflns_R_free 
_refine_ls_shell.R_factor_all 
_refine_ls_shell.R_factor_obs 
_refine_ls_shell.R_factor_R_free_error 
_refine_ls_shell.R_factor_R_work 
_refine_ls_shell.redundancy_reflns_all 
_refine_ls_shell.redundancy_reflns_obs 
_refine_ls_shell.wR_factor_all 
_refine_ls_shell.wR_factor_obs 
_refine_ls_shell.wR_factor_R_free 
_refine_ls_shell.wR_factor_R_work 
_refine_ls_shell.pdbx_R_complete 
_refine_ls_shell.pdbx_total_number_of_bins_used 
_refine_ls_shell.pdbx_phase_error 
_refine_ls_shell.pdbx_fsc_work 
_refine_ls_shell.pdbx_fsc_free 
_refine_ls_shell.R_factor_R_free 
'X-RAY DIFFRACTION' 1.210 1.241  2553 . 127 2426 100.0000 . 0.260 . . 0.260 . . . . . 0.240 . 20 . 0.894 0.889 0.249 
'X-RAY DIFFRACTION' 1.241 1.275  2458 . 136 2322 100.0000 . 0.249 . . 0.248 . . . . . 0.220 . 20 . 0.902 0.889 0.270 
'X-RAY DIFFRACTION' 1.275 1.312  2426 . 111 2315 100.0000 . 0.221 . . 0.219 . . . . . 0.188 . 20 . 0.928 0.923 0.248 
'X-RAY DIFFRACTION' 1.312 1.353  2348 . 110 2238 100.0000 . 0.218 . . 0.217 . . . . . 0.182 . 20 . 0.930 0.927 0.251 
'X-RAY DIFFRACTION' 1.353 1.397  2278 . 104 2174 100.0000 . 0.219 . . 0.218 . . . . . 0.180 . 20 . 0.938 0.930 0.247 
'X-RAY DIFFRACTION' 1.397 1.446  2217 . 122 2095 100.0000 . 0.207 . . 0.205 . . . . . 0.169 . 20 . 0.944 0.942 0.228 
'X-RAY DIFFRACTION' 1.446 1.500  2126 . 110 2016 100.0000 . 0.199 . . 0.196 . . . . . 0.164 . 20 . 0.948 0.929 0.247 
'X-RAY DIFFRACTION' 1.500 1.562  2073 . 90  1983 100.0000 . 0.196 . . 0.194 . . . . . 0.165 . 20 . 0.946 0.939 0.231 
'X-RAY DIFFRACTION' 1.562 1.631  1965 . 106 1859 100.0000 . 0.174 . . 0.172 . . . . . 0.152 . 20 . 0.960 0.957 0.193 
'X-RAY DIFFRACTION' 1.631 1.710  1906 . 99  1807 100.0000 . 0.172 . . 0.173 . . . . . 0.158 . 20 . 0.961 0.967 0.152 
'X-RAY DIFFRACTION' 1.710 1.803  1796 . 93  1703 100.0000 . 0.176 . . 0.174 . . . . . 0.165 . 20 . 0.955 0.950 0.211 
'X-RAY DIFFRACTION' 1.803 1.912  1708 . 82  1626 100.0000 . 0.179 . . 0.178 . . . . . 0.173 . 20 . 0.954 0.954 0.194 
'X-RAY DIFFRACTION' 1.912 2.043  1621 . 75  1546 100.0000 . 0.167 . . 0.165 . . . . . 0.169 . 20 . 0.962 0.953 0.194 
'X-RAY DIFFRACTION' 2.043 2.207  1531 . 84  1447 100.0000 . 0.159 . . 0.157 . . . . . 0.171 . 20 . 0.971 0.957 0.189 
'X-RAY DIFFRACTION' 2.207 2.416  1383 . 69  1314 100.0000 . 0.143 . . 0.143 . . . . . 0.161 . 20 . 0.975 0.978 0.145 
'X-RAY DIFFRACTION' 2.416 2.700  1283 . 64  1219 100.0000 . 0.155 . . 0.155 . . . . . 0.183 . 20 . 0.970 0.972 0.150 
'X-RAY DIFFRACTION' 2.700 3.116  1140 . 48  1092 100.0000 . 0.154 . . 0.153 . . . . . 0.186 . 20 . 0.969 0.958 0.180 
'X-RAY DIFFRACTION' 3.116 3.809  976  . 52  924  100.0000 . 0.146 . . 0.144 . . . . . 0.176 . 20 . 0.974 0.969 0.170 
'X-RAY DIFFRACTION' 3.809 5.361  786  . 32  754  100.0000 . 0.159 . . 0.159 . . . . . 0.215 . 20 . 0.974 0.968 0.160 
'X-RAY DIFFRACTION' 5.361 38.543 480  . 20  451  98.1250  . 0.271 . . 0.267 . . . . . 0.356 . 20 . 0.921 0.903 0.365 
# 
_struct.entry_id                     8RTK 
_struct.title                        'X-ray structure of lysozyme obtained upon reaction with [VIVO(8-HQ)2] in sodium formate' 
_struct.pdbx_model_details           ? 
_struct.pdbx_formula_weight          ? 
_struct.pdbx_formula_weight_method   ? 
_struct.pdbx_model_type_details      ? 
_struct.pdbx_CASP_flag               N 
# 
_struct_keywords.entry_id        8RTK 
_struct_keywords.text            'Vanadium compound, lysozyme, protein metalation, HYDROLASE' 
_struct_keywords.pdbx_keywords   HYDROLASE 
# 
loop_
_struct_asym.id 
_struct_asym.pdbx_blank_PDB_chainid_flag 
_struct_asym.pdbx_modified 
_struct_asym.entity_id 
_struct_asym.details 
A N N 1 ? 
B N N 2 ? 
C N N 3 ? 
D N N 4 ? 
E N N 5 ? 
F N N 4 ? 
G N N 6 ? 
# 
_struct_ref.id                         1 
_struct_ref.db_name                    UNP 
_struct_ref.db_code                    LYSC_CHICK 
_struct_ref.pdbx_db_accession          P00698 
_struct_ref.pdbx_db_isoform            ? 
_struct_ref.entity_id                  1 
_struct_ref.pdbx_seq_one_letter_code   
;KVFGRCELAAAMKRHGLDNYRGYSLGNWVCAAKFESNFNTQATNRNTDGSTDYGILQINSRWWCNDGRTPGSRNLCNIPC
SALLSSDITASVNCAKKIVSDGNGMNAWVAWRNRCKGTDVQAWIRGCRL
;
_struct_ref.pdbx_align_begin           19 
# 
_struct_ref_seq.align_id                      1 
_struct_ref_seq.ref_id                        1 
_struct_ref_seq.pdbx_PDB_id_code              8RTK 
_struct_ref_seq.pdbx_strand_id                AAA 
_struct_ref_seq.seq_align_beg                 1 
_struct_ref_seq.pdbx_seq_align_beg_ins_code   ? 
_struct_ref_seq.seq_align_end                 129 
_struct_ref_seq.pdbx_seq_align_end_ins_code   ? 
_struct_ref_seq.pdbx_db_accession             P00698 
_struct_ref_seq.db_align_beg                  19 
_struct_ref_seq.pdbx_db_align_beg_ins_code    ? 
_struct_ref_seq.db_align_end                  147 
_struct_ref_seq.pdbx_db_align_end_ins_code    ? 
_struct_ref_seq.pdbx_auth_seq_align_beg       1 
_struct_ref_seq.pdbx_auth_seq_align_end       129 
# 
_pdbx_struct_assembly.id                   1 
_pdbx_struct_assembly.details              author_defined_assembly 
_pdbx_struct_assembly.method_details       ? 
_pdbx_struct_assembly.oligomeric_details   monomeric 
_pdbx_struct_assembly.oligomeric_count     1 
# 
loop_
_pdbx_struct_assembly_prop.biol_id 
_pdbx_struct_assembly_prop.type 
_pdbx_struct_assembly_prop.value 
_pdbx_struct_assembly_prop.details 
1 'ABSA (A^2)' 610  ? 
1 MORE         7    ? 
1 'SSA (A^2)'  6880 ? 
# 
_pdbx_struct_assembly_gen.assembly_id       1 
_pdbx_struct_assembly_gen.oper_expression   1 
_pdbx_struct_assembly_gen.asym_id_list      A,B,C,D,E,F,G 
# 
_pdbx_struct_assembly_auth_evidence.id                     1 
_pdbx_struct_assembly_auth_evidence.assembly_id            1 
_pdbx_struct_assembly_auth_evidence.experimental_support   none 
_pdbx_struct_assembly_auth_evidence.details                ? 
# 
_pdbx_struct_oper_list.id                   1 
_pdbx_struct_oper_list.type                 'identity operation' 
_pdbx_struct_oper_list.name                 1_555 
_pdbx_struct_oper_list.symmetry_operation   x,y,z 
_pdbx_struct_oper_list.matrix[1][1]         1.0000000000 
_pdbx_struct_oper_list.matrix[1][2]         0.0000000000 
_pdbx_struct_oper_list.matrix[1][3]         0.0000000000 
_pdbx_struct_oper_list.vector[1]            0.0000000000 
_pdbx_struct_oper_list.matrix[2][1]         0.0000000000 
_pdbx_struct_oper_list.matrix[2][2]         1.0000000000 
_pdbx_struct_oper_list.matrix[2][3]         0.0000000000 
_pdbx_struct_oper_list.vector[2]            0.0000000000 
_pdbx_struct_oper_list.matrix[3][1]         0.0000000000 
_pdbx_struct_oper_list.matrix[3][2]         0.0000000000 
_pdbx_struct_oper_list.matrix[3][3]         1.0000000000 
_pdbx_struct_oper_list.vector[3]            0.0000000000 
# 
loop_
_struct_conf.conf_type_id 
_struct_conf.id 
_struct_conf.pdbx_PDB_helix_id 
_struct_conf.beg_label_comp_id 
_struct_conf.beg_label_asym_id 
_struct_conf.beg_label_seq_id 
_struct_conf.pdbx_beg_PDB_ins_code 
_struct_conf.end_label_comp_id 
_struct_conf.end_label_asym_id 
_struct_conf.end_label_seq_id 
_struct_conf.pdbx_end_PDB_ins_code 
_struct_conf.beg_auth_comp_id 
_struct_conf.beg_auth_asym_id 
_struct_conf.beg_auth_seq_id 
_struct_conf.end_auth_comp_id 
_struct_conf.end_auth_asym_id 
_struct_conf.end_auth_seq_id 
_struct_conf.pdbx_PDB_helix_class 
_struct_conf.details 
_struct_conf.pdbx_PDB_helix_length 
HELX_P HELX_P1 AA1 GLY A 4   ? HIS A 15  ? GLY AAA 4   HIS AAA 15  1 ? 12 
HELX_P HELX_P2 AA2 ASN A 19  ? TYR A 23  ? ASN AAA 19  TYR AAA 23  5 ? 5  
HELX_P HELX_P3 AA3 SER A 24  ? ASN A 37  ? SER AAA 24  ASN AAA 37  1 ? 14 
HELX_P HELX_P4 AA4 PRO A 79  ? SER A 85  ? PRO AAA 79  SER AAA 85  5 ? 7  
HELX_P HELX_P5 AA5 ILE A 88  ? SER A 100 ? ILE AAA 88  SER AAA 100 1 ? 13 
HELX_P HELX_P6 AA6 ASN A 103 ? ALA A 107 ? ASN AAA 103 ALA AAA 107 5 ? 5  
HELX_P HELX_P7 AA7 TRP A 108 ? CYS A 115 ? TRP AAA 108 CYS AAA 115 1 ? 8  
HELX_P HELX_P8 AA8 ASP A 119 ? ARG A 125 ? ASP AAA 119 ARG AAA 125 5 ? 7  
# 
_struct_conf_type.id          HELX_P 
_struct_conf_type.criteria    ? 
_struct_conf_type.reference   ? 
# 
loop_
_struct_conn.id 
_struct_conn.conn_type_id 
_struct_conn.pdbx_leaving_atom_flag 
_struct_conn.pdbx_PDB_id 
_struct_conn.ptnr1_label_asym_id 
_struct_conn.ptnr1_label_comp_id 
_struct_conn.ptnr1_label_seq_id 
_struct_conn.ptnr1_label_atom_id 
_struct_conn.pdbx_ptnr1_label_alt_id 
_struct_conn.pdbx_ptnr1_PDB_ins_code 
_struct_conn.pdbx_ptnr1_standard_comp_id 
_struct_conn.ptnr1_symmetry 
_struct_conn.ptnr2_label_asym_id 
_struct_conn.ptnr2_label_comp_id 
_struct_conn.ptnr2_label_seq_id 
_struct_conn.ptnr2_label_atom_id 
_struct_conn.pdbx_ptnr2_label_alt_id 
_struct_conn.pdbx_ptnr2_PDB_ins_code 
_struct_conn.ptnr1_auth_asym_id 
_struct_conn.ptnr1_auth_comp_id 
_struct_conn.ptnr1_auth_seq_id 
_struct_conn.ptnr2_auth_asym_id 
_struct_conn.ptnr2_auth_comp_id 
_struct_conn.ptnr2_auth_seq_id 
_struct_conn.ptnr2_symmetry 
_struct_conn.pdbx_ptnr3_label_atom_id 
_struct_conn.pdbx_ptnr3_label_seq_id 
_struct_conn.pdbx_ptnr3_label_comp_id 
_struct_conn.pdbx_ptnr3_label_asym_id 
_struct_conn.pdbx_ptnr3_label_alt_id 
_struct_conn.pdbx_ptnr3_PDB_ins_code 
_struct_conn.details 
_struct_conn.pdbx_dist_value 
_struct_conn.pdbx_value_order 
_struct_conn.pdbx_role 
disulf1 disulf ? ? A CYS 6  SG ? ? ? 1_555 A CYS 127 SG ? ? AAA CYS 6   AAA CYS 127 1_555 ? ? ? ? ? ? ? 2.046 ? ? 
disulf2 disulf ? ? A CYS 30 SG ? ? ? 1_555 A CYS 115 SG ? ? AAA CYS 30  AAA CYS 115 1_555 ? ? ? ? ? ? ? 2.063 ? ? 
disulf3 disulf ? ? A CYS 64 SG ? ? ? 1_555 A CYS 80  SG ? ? AAA CYS 64  AAA CYS 80  1_555 ? ? ? ? ? ? ? 2.017 ? ? 
disulf4 disulf ? ? A CYS 76 SG ? ? ? 1_555 A CYS 94  SG ? ? AAA CYS 76  AAA CYS 94  1_555 ? ? ? ? ? ? ? 2.015 ? ? 
metalc1 metalc ? ? A SER 86 OG B ? ? 1_555 F VVO .   V1 ? ? AAA SER 86  AAA VVO 205 1_555 ? ? ? ? ? ? ? 2.694 ? ? 
metalc2 metalc ? ? D VVO .  V1 B ? ? 1_555 G HOH .   O  ? ? AAA VVO 203 AAA HOH 307 1_555 ? ? ? ? ? ? ? 2.449 ? ? 
metalc3 metalc ? ? E VVB .  V5 A ? ? 1_555 G HOH .   O  A ? AAA VVB 204 AAA HOH 339 1_555 ? ? ? ? ? ? ? 2.371 ? ? 
# 
loop_
_struct_conn_type.id 
_struct_conn_type.criteria 
_struct_conn_type.reference 
disulf ? ? 
metalc ? ? 
# 
loop_
_pdbx_struct_conn_angle.id 
_pdbx_struct_conn_angle.ptnr1_label_atom_id 
_pdbx_struct_conn_angle.ptnr1_label_alt_id 
_pdbx_struct_conn_angle.ptnr1_label_asym_id 
_pdbx_struct_conn_angle.ptnr1_label_comp_id 
_pdbx_struct_conn_angle.ptnr1_label_seq_id 
_pdbx_struct_conn_angle.ptnr1_auth_atom_id 
_pdbx_struct_conn_angle.ptnr1_auth_asym_id 
_pdbx_struct_conn_angle.ptnr1_auth_comp_id 
_pdbx_struct_conn_angle.ptnr1_auth_seq_id 
_pdbx_struct_conn_angle.ptnr1_PDB_ins_code 
_pdbx_struct_conn_angle.ptnr1_symmetry 
_pdbx_struct_conn_angle.ptnr2_label_atom_id 
_pdbx_struct_conn_angle.ptnr2_label_alt_id 
_pdbx_struct_conn_angle.ptnr2_label_asym_id 
_pdbx_struct_conn_angle.ptnr2_label_comp_id 
_pdbx_struct_conn_angle.ptnr2_label_seq_id 
_pdbx_struct_conn_angle.ptnr2_auth_atom_id 
_pdbx_struct_conn_angle.ptnr2_auth_asym_id 
_pdbx_struct_conn_angle.ptnr2_auth_comp_id 
_pdbx_struct_conn_angle.ptnr2_auth_seq_id 
_pdbx_struct_conn_angle.ptnr2_PDB_ins_code 
_pdbx_struct_conn_angle.ptnr2_symmetry 
_pdbx_struct_conn_angle.ptnr3_label_atom_id 
_pdbx_struct_conn_angle.ptnr3_label_alt_id 
_pdbx_struct_conn_angle.ptnr3_label_asym_id 
_pdbx_struct_conn_angle.ptnr3_label_comp_id 
_pdbx_struct_conn_angle.ptnr3_label_seq_id 
_pdbx_struct_conn_angle.ptnr3_auth_atom_id 
_pdbx_struct_conn_angle.ptnr3_auth_asym_id 
_pdbx_struct_conn_angle.ptnr3_auth_comp_id 
_pdbx_struct_conn_angle.ptnr3_auth_seq_id 
_pdbx_struct_conn_angle.ptnr3_PDB_ins_code 
_pdbx_struct_conn_angle.ptnr3_symmetry 
_pdbx_struct_conn_angle.value 
_pdbx_struct_conn_angle.value_esd 
1 OG  B A SER 86 ? AAA SER 86  ? 1_555 V1 ? F VVO . ? AAA VVO 205 ? 1_555 O1  ? F VVO . ? AAA VVO 205 ? 1_555 63.2  ? 
2 O   ? G HOH .  ? AAA HOH 307 ? 1_555 V1 B D VVO . ? AAA VVO 203 ? 1_555 O1  B D VVO . ? AAA VVO 203 ? 1_555 70.4  ? 
3 O   A G HOH .  ? AAA HOH 339 ? 1_555 V5 A E VVB . ? AAA VVB 204 ? 1_555 O12 A E VVB . ? AAA VVB 204 ? 1_555 125.3 ? 
4 O   A G HOH .  ? AAA HOH 339 ? 1_555 V5 A E VVB . ? AAA VVB 204 ? 1_555 O13 A E VVB . ? AAA VVB 204 ? 1_555 79.3  ? 
5 O12 A E VVB .  ? AAA VVB 204 ? 1_555 V5 A E VVB . ? AAA VVB 204 ? 1_555 O13 A E VVB . ? AAA VVB 204 ? 1_555 88.1  ? 
# 
loop_
_pdbx_modification_feature.ordinal 
_pdbx_modification_feature.label_comp_id 
_pdbx_modification_feature.label_asym_id 
_pdbx_modification_feature.label_seq_id 
_pdbx_modification_feature.label_alt_id 
_pdbx_modification_feature.modified_residue_label_comp_id 
_pdbx_modification_feature.modified_residue_label_asym_id 
_pdbx_modification_feature.modified_residue_label_seq_id 
_pdbx_modification_feature.modified_residue_label_alt_id 
_pdbx_modification_feature.auth_comp_id 
_pdbx_modification_feature.auth_asym_id 
_pdbx_modification_feature.auth_seq_id 
_pdbx_modification_feature.PDB_ins_code 
_pdbx_modification_feature.symmetry 
_pdbx_modification_feature.modified_residue_auth_comp_id 
_pdbx_modification_feature.modified_residue_auth_asym_id 
_pdbx_modification_feature.modified_residue_auth_seq_id 
_pdbx_modification_feature.modified_residue_PDB_ins_code 
_pdbx_modification_feature.modified_residue_symmetry 
_pdbx_modification_feature.comp_id_linking_atom 
_pdbx_modification_feature.modified_residue_id_linking_atom 
_pdbx_modification_feature.modified_residue_id 
_pdbx_modification_feature.ref_pcm_id 
_pdbx_modification_feature.ref_comp_id 
_pdbx_modification_feature.type 
_pdbx_modification_feature.category 
1 CYS A 6  ? CYS A 127 ? CYS AAA 6  ? 1_555 CYS AAA 127 ? 1_555 SG SG . . . None 'Disulfide bridge' 
2 CYS A 30 ? CYS A 115 ? CYS AAA 30 ? 1_555 CYS AAA 115 ? 1_555 SG SG . . . None 'Disulfide bridge' 
3 CYS A 64 ? CYS A 80  ? CYS AAA 64 ? 1_555 CYS AAA 80  ? 1_555 SG SG . . . None 'Disulfide bridge' 
4 CYS A 76 ? CYS A 94  ? CYS AAA 76 ? 1_555 CYS AAA 94  ? 1_555 SG SG . . . None 'Disulfide bridge' 
# 
_struct_sheet.id               AA1 
_struct_sheet.type             ? 
_struct_sheet.number_strands   3 
_struct_sheet.details          ? 
# 
loop_
_struct_sheet_order.sheet_id 
_struct_sheet_order.range_id_1 
_struct_sheet_order.range_id_2 
_struct_sheet_order.offset 
_struct_sheet_order.sense 
AA1 1 2 ? anti-parallel 
AA1 2 3 ? anti-parallel 
# 
loop_
_struct_sheet_range.sheet_id 
_struct_sheet_range.id 
_struct_sheet_range.beg_label_comp_id 
_struct_sheet_range.beg_label_asym_id 
_struct_sheet_range.beg_label_seq_id 
_struct_sheet_range.pdbx_beg_PDB_ins_code 
_struct_sheet_range.end_label_comp_id 
_struct_sheet_range.end_label_asym_id 
_struct_sheet_range.end_label_seq_id 
_struct_sheet_range.pdbx_end_PDB_ins_code 
_struct_sheet_range.beg_auth_comp_id 
_struct_sheet_range.beg_auth_asym_id 
_struct_sheet_range.beg_auth_seq_id 
_struct_sheet_range.end_auth_comp_id 
_struct_sheet_range.end_auth_asym_id 
_struct_sheet_range.end_auth_seq_id 
AA1 1 THR A 43 ? ARG A 45 ? THR AAA 43 ARG AAA 45 
AA1 2 THR A 51 ? TYR A 53 ? THR AAA 51 TYR AAA 53 
AA1 3 ILE A 58 ? ASN A 59 ? ILE AAA 58 ASN AAA 59 
# 
loop_
_pdbx_struct_sheet_hbond.sheet_id 
_pdbx_struct_sheet_hbond.range_id_1 
_pdbx_struct_sheet_hbond.range_id_2 
_pdbx_struct_sheet_hbond.range_1_label_atom_id 
_pdbx_struct_sheet_hbond.range_1_label_comp_id 
_pdbx_struct_sheet_hbond.range_1_label_asym_id 
_pdbx_struct_sheet_hbond.range_1_label_seq_id 
_pdbx_struct_sheet_hbond.range_1_PDB_ins_code 
_pdbx_struct_sheet_hbond.range_1_auth_atom_id 
_pdbx_struct_sheet_hbond.range_1_auth_comp_id 
_pdbx_struct_sheet_hbond.range_1_auth_asym_id 
_pdbx_struct_sheet_hbond.range_1_auth_seq_id 
_pdbx_struct_sheet_hbond.range_2_label_atom_id 
_pdbx_struct_sheet_hbond.range_2_label_comp_id 
_pdbx_struct_sheet_hbond.range_2_label_asym_id 
_pdbx_struct_sheet_hbond.range_2_label_seq_id 
_pdbx_struct_sheet_hbond.range_2_PDB_ins_code 
_pdbx_struct_sheet_hbond.range_2_auth_atom_id 
_pdbx_struct_sheet_hbond.range_2_auth_comp_id 
_pdbx_struct_sheet_hbond.range_2_auth_asym_id 
_pdbx_struct_sheet_hbond.range_2_auth_seq_id 
AA1 1 2 N ASN A 44 ? N ASN AAA 44 O ASP A 52 ? O ASP AAA 52 
AA1 2 3 N TYR A 53 ? N TYR AAA 53 O ILE A 58 ? O ILE AAA 58 
# 
_pdbx_entry_details.entry_id                   8RTK 
_pdbx_entry_details.has_ligand_of_interest     Y 
_pdbx_entry_details.compound_details           ? 
_pdbx_entry_details.source_details             ? 
_pdbx_entry_details.nonpolymer_details         ? 
_pdbx_entry_details.sequence_details           ? 
_pdbx_entry_details.has_protein_modification   Y 
# 
_pdbx_validate_close_contact.id               1 
_pdbx_validate_close_contact.PDB_model_num    1 
_pdbx_validate_close_contact.auth_atom_id_1   NH2 
_pdbx_validate_close_contact.auth_asym_id_1   AAA 
_pdbx_validate_close_contact.auth_comp_id_1   ARG 
_pdbx_validate_close_contact.auth_seq_id_1    14 
_pdbx_validate_close_contact.PDB_ins_code_1   ? 
_pdbx_validate_close_contact.label_alt_id_1   B 
_pdbx_validate_close_contact.auth_atom_id_2   O 
_pdbx_validate_close_contact.auth_asym_id_2   AAA 
_pdbx_validate_close_contact.auth_comp_id_2   HOH 
_pdbx_validate_close_contact.auth_seq_id_2    301 
_pdbx_validate_close_contact.PDB_ins_code_2   ? 
_pdbx_validate_close_contact.label_alt_id_2   ? 
_pdbx_validate_close_contact.dist             2.17 
# 
_pdbx_validate_symm_contact.id                1 
_pdbx_validate_symm_contact.PDB_model_num     1 
_pdbx_validate_symm_contact.auth_atom_id_1    O 
_pdbx_validate_symm_contact.auth_asym_id_1    AAA 
_pdbx_validate_symm_contact.auth_comp_id_1    LEU 
_pdbx_validate_symm_contact.auth_seq_id_1     129 
_pdbx_validate_symm_contact.PDB_ins_code_1    ? 
_pdbx_validate_symm_contact.label_alt_id_1    ? 
_pdbx_validate_symm_contact.site_symmetry_1   1_555 
_pdbx_validate_symm_contact.auth_atom_id_2    O 
_pdbx_validate_symm_contact.auth_asym_id_2    AAA 
_pdbx_validate_symm_contact.auth_comp_id_2    LEU 
_pdbx_validate_symm_contact.auth_seq_id_2     129 
_pdbx_validate_symm_contact.PDB_ins_code_2    ? 
_pdbx_validate_symm_contact.label_alt_id_2    ? 
_pdbx_validate_symm_contact.site_symmetry_2   8_554 
_pdbx_validate_symm_contact.dist              1.42 
# 
loop_
_pdbx_validate_rmsd_angle.id 
_pdbx_validate_rmsd_angle.PDB_model_num 
_pdbx_validate_rmsd_angle.auth_atom_id_1 
_pdbx_validate_rmsd_angle.auth_asym_id_1 
_pdbx_validate_rmsd_angle.auth_comp_id_1 
_pdbx_validate_rmsd_angle.auth_seq_id_1 
_pdbx_validate_rmsd_angle.PDB_ins_code_1 
_pdbx_validate_rmsd_angle.label_alt_id_1 
_pdbx_validate_rmsd_angle.auth_atom_id_2 
_pdbx_validate_rmsd_angle.auth_asym_id_2 
_pdbx_validate_rmsd_angle.auth_comp_id_2 
_pdbx_validate_rmsd_angle.auth_seq_id_2 
_pdbx_validate_rmsd_angle.PDB_ins_code_2 
_pdbx_validate_rmsd_angle.label_alt_id_2 
_pdbx_validate_rmsd_angle.auth_atom_id_3 
_pdbx_validate_rmsd_angle.auth_asym_id_3 
_pdbx_validate_rmsd_angle.auth_comp_id_3 
_pdbx_validate_rmsd_angle.auth_seq_id_3 
_pdbx_validate_rmsd_angle.PDB_ins_code_3 
_pdbx_validate_rmsd_angle.label_alt_id_3 
_pdbx_validate_rmsd_angle.angle_value 
_pdbx_validate_rmsd_angle.angle_target_value 
_pdbx_validate_rmsd_angle.angle_deviation 
_pdbx_validate_rmsd_angle.angle_standard_deviation 
_pdbx_validate_rmsd_angle.linker_flag 
1 1 NE AAA ARG 45  ? ? CZ AAA ARG 45  ? ? NH2 AAA ARG 45  ? ? 116.96 120.30 -3.34 0.50 N 
2 1 NE AAA ARG 112 ? ? CZ AAA ARG 112 ? ? NH2 AAA ARG 112 ? ? 123.58 120.30 3.28  0.50 N 
# 
loop_
_pdbx_struct_special_symmetry.id 
_pdbx_struct_special_symmetry.PDB_model_num 
_pdbx_struct_special_symmetry.auth_asym_id 
_pdbx_struct_special_symmetry.auth_comp_id 
_pdbx_struct_special_symmetry.auth_seq_id 
_pdbx_struct_special_symmetry.PDB_ins_code 
_pdbx_struct_special_symmetry.label_asym_id 
_pdbx_struct_special_symmetry.label_comp_id 
_pdbx_struct_special_symmetry.label_seq_id 
1 1 AAA HOH 316 ? G HOH . 
2 1 AAA HOH 361 ? G HOH . 
3 1 AAA HOH 447 ? G HOH . 
# 
loop_
_chem_comp_atom.comp_id 
_chem_comp_atom.atom_id 
_chem_comp_atom.type_symbol 
_chem_comp_atom.pdbx_aromatic_flag 
_chem_comp_atom.pdbx_stereo_config 
_chem_comp_atom.pdbx_ordinal 
A1H23 O1   O N N 1   
A1H23 O2   O N N 2   
A1H23 V    V N N 3   
A1H23 OAA  O N N 4   
A1H23 CAD  C Y N 5   
A1H23 CAE  C Y N 6   
A1H23 CAF  C Y N 7   
A1H23 CAG  C Y N 8   
A1H23 NAH  N Y N 9   
A1H23 CAI  C Y N 10  
A1H23 CAJ  C Y N 11  
A1H23 CAK  C Y N 12  
A1H23 CAL  C Y N 13  
A1H23 CAM  C Y N 14  
A1H23 OBA  O N N 15  
A1H23 CBD  C Y N 16  
A1H23 CBE  C Y N 17  
A1H23 CBF  C Y N 18  
A1H23 CBG  C Y N 19  
A1H23 NBH  N Y N 20  
A1H23 CBI  C Y N 21  
A1H23 CBJ  C Y N 22  
A1H23 CBK  C Y N 23  
A1H23 CBL  C Y N 24  
A1H23 CBM  C Y N 25  
A1H23 H2   H N N 26  
A1H23 H3   H N N 27  
A1H23 H4   H N N 28  
A1H23 H5   H N N 29  
A1H23 H6   H N N 30  
A1H23 H7   H N N 31  
A1H23 H8   H N N 32  
A1H23 H9   H N N 33  
A1H23 H10  H N N 34  
A1H23 H11  H N N 35  
A1H23 H12  H N N 36  
A1H23 H13  H N N 37  
ALA   N    N N N 38  
ALA   CA   C N S 39  
ALA   C    C N N 40  
ALA   O    O N N 41  
ALA   CB   C N N 42  
ALA   OXT  O N N 43  
ALA   H    H N N 44  
ALA   H2   H N N 45  
ALA   HA   H N N 46  
ALA   HB1  H N N 47  
ALA   HB2  H N N 48  
ALA   HB3  H N N 49  
ALA   HXT  H N N 50  
ARG   N    N N N 51  
ARG   CA   C N S 52  
ARG   C    C N N 53  
ARG   O    O N N 54  
ARG   CB   C N N 55  
ARG   CG   C N N 56  
ARG   CD   C N N 57  
ARG   NE   N N N 58  
ARG   CZ   C N N 59  
ARG   NH1  N N N 60  
ARG   NH2  N N N 61  
ARG   OXT  O N N 62  
ARG   H    H N N 63  
ARG   H2   H N N 64  
ARG   HA   H N N 65  
ARG   HB2  H N N 66  
ARG   HB3  H N N 67  
ARG   HG2  H N N 68  
ARG   HG3  H N N 69  
ARG   HD2  H N N 70  
ARG   HD3  H N N 71  
ARG   HE   H N N 72  
ARG   HH11 H N N 73  
ARG   HH12 H N N 74  
ARG   HH21 H N N 75  
ARG   HH22 H N N 76  
ARG   HXT  H N N 77  
ASN   N    N N N 78  
ASN   CA   C N S 79  
ASN   C    C N N 80  
ASN   O    O N N 81  
ASN   CB   C N N 82  
ASN   CG   C N N 83  
ASN   OD1  O N N 84  
ASN   ND2  N N N 85  
ASN   OXT  O N N 86  
ASN   H    H N N 87  
ASN   H2   H N N 88  
ASN   HA   H N N 89  
ASN   HB2  H N N 90  
ASN   HB3  H N N 91  
ASN   HD21 H N N 92  
ASN   HD22 H N N 93  
ASN   HXT  H N N 94  
ASP   N    N N N 95  
ASP   CA   C N S 96  
ASP   C    C N N 97  
ASP   O    O N N 98  
ASP   CB   C N N 99  
ASP   CG   C N N 100 
ASP   OD1  O N N 101 
ASP   OD2  O N N 102 
ASP   OXT  O N N 103 
ASP   H    H N N 104 
ASP   H2   H N N 105 
ASP   HA   H N N 106 
ASP   HB2  H N N 107 
ASP   HB3  H N N 108 
ASP   HD2  H N N 109 
ASP   HXT  H N N 110 
CYS   N    N N N 111 
CYS   CA   C N R 112 
CYS   C    C N N 113 
CYS   O    O N N 114 
CYS   CB   C N N 115 
CYS   SG   S N N 116 
CYS   OXT  O N N 117 
CYS   H    H N N 118 
CYS   H2   H N N 119 
CYS   HA   H N N 120 
CYS   HB2  H N N 121 
CYS   HB3  H N N 122 
CYS   HG   H N N 123 
CYS   HXT  H N N 124 
EPE   N1   N N N 125 
EPE   C2   C N N 126 
EPE   C3   C N N 127 
EPE   N4   N N N 128 
EPE   C5   C N N 129 
EPE   C6   C N N 130 
EPE   C7   C N N 131 
EPE   C8   C N N 132 
EPE   O8   O N N 133 
EPE   C9   C N N 134 
EPE   C10  C N N 135 
EPE   S    S N N 136 
EPE   O1S  O N N 137 
EPE   O2S  O N N 138 
EPE   O3S  O N N 139 
EPE   H21  H N N 140 
EPE   H22  H N N 141 
EPE   H31  H N N 142 
EPE   H32  H N N 143 
EPE   H51  H N N 144 
EPE   H52  H N N 145 
EPE   H61  H N N 146 
EPE   H62  H N N 147 
EPE   H71  H N N 148 
EPE   H72  H N N 149 
EPE   H81  H N N 150 
EPE   H82  H N N 151 
EPE   HO8  H N N 152 
EPE   H91  H N N 153 
EPE   H92  H N N 154 
EPE   H101 H N N 155 
EPE   H102 H N N 156 
EPE   HOS3 H N N 157 
GLN   N    N N N 158 
GLN   CA   C N S 159 
GLN   C    C N N 160 
GLN   O    O N N 161 
GLN   CB   C N N 162 
GLN   CG   C N N 163 
GLN   CD   C N N 164 
GLN   OE1  O N N 165 
GLN   NE2  N N N 166 
GLN   OXT  O N N 167 
GLN   H    H N N 168 
GLN   H2   H N N 169 
GLN   HA   H N N 170 
GLN   HB2  H N N 171 
GLN   HB3  H N N 172 
GLN   HG2  H N N 173 
GLN   HG3  H N N 174 
GLN   HE21 H N N 175 
GLN   HE22 H N N 176 
GLN   HXT  H N N 177 
GLU   N    N N N 178 
GLU   CA   C N S 179 
GLU   C    C N N 180 
GLU   O    O N N 181 
GLU   CB   C N N 182 
GLU   CG   C N N 183 
GLU   CD   C N N 184 
GLU   OE1  O N N 185 
GLU   OE2  O N N 186 
GLU   OXT  O N N 187 
GLU   H    H N N 188 
GLU   H2   H N N 189 
GLU   HA   H N N 190 
GLU   HB2  H N N 191 
GLU   HB3  H N N 192 
GLU   HG2  H N N 193 
GLU   HG3  H N N 194 
GLU   HE2  H N N 195 
GLU   HXT  H N N 196 
GLY   N    N N N 197 
GLY   CA   C N N 198 
GLY   C    C N N 199 
GLY   O    O N N 200 
GLY   OXT  O N N 201 
GLY   H    H N N 202 
GLY   H2   H N N 203 
GLY   HA2  H N N 204 
GLY   HA3  H N N 205 
GLY   HXT  H N N 206 
HIS   N    N N N 207 
HIS   CA   C N S 208 
HIS   C    C N N 209 
HIS   O    O N N 210 
HIS   CB   C N N 211 
HIS   CG   C Y N 212 
HIS   ND1  N Y N 213 
HIS   CD2  C Y N 214 
HIS   CE1  C Y N 215 
HIS   NE2  N Y N 216 
HIS   OXT  O N N 217 
HIS   H    H N N 218 
HIS   H2   H N N 219 
HIS   HA   H N N 220 
HIS   HB2  H N N 221 
HIS   HB3  H N N 222 
HIS   HD1  H N N 223 
HIS   HD2  H N N 224 
HIS   HE1  H N N 225 
HIS   HE2  H N N 226 
HIS   HXT  H N N 227 
HOH   O    O N N 228 
HOH   H1   H N N 229 
HOH   H2   H N N 230 
ILE   N    N N N 231 
ILE   CA   C N S 232 
ILE   C    C N N 233 
ILE   O    O N N 234 
ILE   CB   C N S 235 
ILE   CG1  C N N 236 
ILE   CG2  C N N 237 
ILE   CD1  C N N 238 
ILE   OXT  O N N 239 
ILE   H    H N N 240 
ILE   H2   H N N 241 
ILE   HA   H N N 242 
ILE   HB   H N N 243 
ILE   HG12 H N N 244 
ILE   HG13 H N N 245 
ILE   HG21 H N N 246 
ILE   HG22 H N N 247 
ILE   HG23 H N N 248 
ILE   HD11 H N N 249 
ILE   HD12 H N N 250 
ILE   HD13 H N N 251 
ILE   HXT  H N N 252 
LEU   N    N N N 253 
LEU   CA   C N S 254 
LEU   C    C N N 255 
LEU   O    O N N 256 
LEU   CB   C N N 257 
LEU   CG   C N N 258 
LEU   CD1  C N N 259 
LEU   CD2  C N N 260 
LEU   OXT  O N N 261 
LEU   H    H N N 262 
LEU   H2   H N N 263 
LEU   HA   H N N 264 
LEU   HB2  H N N 265 
LEU   HB3  H N N 266 
LEU   HG   H N N 267 
LEU   HD11 H N N 268 
LEU   HD12 H N N 269 
LEU   HD13 H N N 270 
LEU   HD21 H N N 271 
LEU   HD22 H N N 272 
LEU   HD23 H N N 273 
LEU   HXT  H N N 274 
LYS   N    N N N 275 
LYS   CA   C N S 276 
LYS   C    C N N 277 
LYS   O    O N N 278 
LYS   CB   C N N 279 
LYS   CG   C N N 280 
LYS   CD   C N N 281 
LYS   CE   C N N 282 
LYS   NZ   N N N 283 
LYS   OXT  O N N 284 
LYS   H    H N N 285 
LYS   H2   H N N 286 
LYS   HA   H N N 287 
LYS   HB2  H N N 288 
LYS   HB3  H N N 289 
LYS   HG2  H N N 290 
LYS   HG3  H N N 291 
LYS   HD2  H N N 292 
LYS   HD3  H N N 293 
LYS   HE2  H N N 294 
LYS   HE3  H N N 295 
LYS   HZ1  H N N 296 
LYS   HZ2  H N N 297 
LYS   HZ3  H N N 298 
LYS   HXT  H N N 299 
MET   N    N N N 300 
MET   CA   C N S 301 
MET   C    C N N 302 
MET   O    O N N 303 
MET   CB   C N N 304 
MET   CG   C N N 305 
MET   SD   S N N 306 
MET   CE   C N N 307 
MET   OXT  O N N 308 
MET   H    H N N 309 
MET   H2   H N N 310 
MET   HA   H N N 311 
MET   HB2  H N N 312 
MET   HB3  H N N 313 
MET   HG2  H N N 314 
MET   HG3  H N N 315 
MET   HE1  H N N 316 
MET   HE2  H N N 317 
MET   HE3  H N N 318 
MET   HXT  H N N 319 
PHE   N    N N N 320 
PHE   CA   C N S 321 
PHE   C    C N N 322 
PHE   O    O N N 323 
PHE   CB   C N N 324 
PHE   CG   C Y N 325 
PHE   CD1  C Y N 326 
PHE   CD2  C Y N 327 
PHE   CE1  C Y N 328 
PHE   CE2  C Y N 329 
PHE   CZ   C Y N 330 
PHE   OXT  O N N 331 
PHE   H    H N N 332 
PHE   H2   H N N 333 
PHE   HA   H N N 334 
PHE   HB2  H N N 335 
PHE   HB3  H N N 336 
PHE   HD1  H N N 337 
PHE   HD2  H N N 338 
PHE   HE1  H N N 339 
PHE   HE2  H N N 340 
PHE   HZ   H N N 341 
PHE   HXT  H N N 342 
PRO   N    N N N 343 
PRO   CA   C N S 344 
PRO   C    C N N 345 
PRO   O    O N N 346 
PRO   CB   C N N 347 
PRO   CG   C N N 348 
PRO   CD   C N N 349 
PRO   OXT  O N N 350 
PRO   H    H N N 351 
PRO   HA   H N N 352 
PRO   HB2  H N N 353 
PRO   HB3  H N N 354 
PRO   HG2  H N N 355 
PRO   HG3  H N N 356 
PRO   HD2  H N N 357 
PRO   HD3  H N N 358 
PRO   HXT  H N N 359 
SER   N    N N N 360 
SER   CA   C N S 361 
SER   C    C N N 362 
SER   O    O N N 363 
SER   CB   C N N 364 
SER   OG   O N N 365 
SER   OXT  O N N 366 
SER   H    H N N 367 
SER   H2   H N N 368 
SER   HA   H N N 369 
SER   HB2  H N N 370 
SER   HB3  H N N 371 
SER   HG   H N N 372 
SER   HXT  H N N 373 
THR   N    N N N 374 
THR   CA   C N S 375 
THR   C    C N N 376 
THR   O    O N N 377 
THR   CB   C N R 378 
THR   OG1  O N N 379 
THR   CG2  C N N 380 
THR   OXT  O N N 381 
THR   H    H N N 382 
THR   H2   H N N 383 
THR   HA   H N N 384 
THR   HB   H N N 385 
THR   HG1  H N N 386 
THR   HG21 H N N 387 
THR   HG22 H N N 388 
THR   HG23 H N N 389 
THR   HXT  H N N 390 
TRP   N    N N N 391 
TRP   CA   C N S 392 
TRP   C    C N N 393 
TRP   O    O N N 394 
TRP   CB   C N N 395 
TRP   CG   C Y N 396 
TRP   CD1  C Y N 397 
TRP   CD2  C Y N 398 
TRP   NE1  N Y N 399 
TRP   CE2  C Y N 400 
TRP   CE3  C Y N 401 
TRP   CZ2  C Y N 402 
TRP   CZ3  C Y N 403 
TRP   CH2  C Y N 404 
TRP   OXT  O N N 405 
TRP   H    H N N 406 
TRP   H2   H N N 407 
TRP   HA   H N N 408 
TRP   HB2  H N N 409 
TRP   HB3  H N N 410 
TRP   HD1  H N N 411 
TRP   HE1  H N N 412 
TRP   HE3  H N N 413 
TRP   HZ2  H N N 414 
TRP   HZ3  H N N 415 
TRP   HH2  H N N 416 
TRP   HXT  H N N 417 
TYR   N    N N N 418 
TYR   CA   C N S 419 
TYR   C    C N N 420 
TYR   O    O N N 421 
TYR   CB   C N N 422 
TYR   CG   C Y N 423 
TYR   CD1  C Y N 424 
TYR   CD2  C Y N 425 
TYR   CE1  C Y N 426 
TYR   CE2  C Y N 427 
TYR   CZ   C Y N 428 
TYR   OH   O N N 429 
TYR   OXT  O N N 430 
TYR   H    H N N 431 
TYR   H2   H N N 432 
TYR   HA   H N N 433 
TYR   HB2  H N N 434 
TYR   HB3  H N N 435 
TYR   HD1  H N N 436 
TYR   HD2  H N N 437 
TYR   HE1  H N N 438 
TYR   HE2  H N N 439 
TYR   HH   H N N 440 
TYR   HXT  H N N 441 
VAL   N    N N N 442 
VAL   CA   C N S 443 
VAL   C    C N N 444 
VAL   O    O N N 445 
VAL   CB   C N N 446 
VAL   CG1  C N N 447 
VAL   CG2  C N N 448 
VAL   OXT  O N N 449 
VAL   H    H N N 450 
VAL   H2   H N N 451 
VAL   HA   H N N 452 
VAL   HB   H N N 453 
VAL   HG11 H N N 454 
VAL   HG12 H N N 455 
VAL   HG13 H N N 456 
VAL   HG21 H N N 457 
VAL   HG22 H N N 458 
VAL   HG23 H N N 459 
VAL   HXT  H N N 460 
VVB   V5   V N N 461 
VVB   O12  O N N 462 
VVB   O13  O N N 463 
VVB   H1   H N N 464 
VVB   H2   H N N 465 
VVO   O1   O N N 466 
VVO   V1   V N N 467 
# 
loop_
_chem_comp_bond.comp_id 
_chem_comp_bond.atom_id_1 
_chem_comp_bond.atom_id_2 
_chem_comp_bond.value_order 
_chem_comp_bond.pdbx_aromatic_flag 
_chem_comp_bond.pdbx_stereo_config 
_chem_comp_bond.pdbx_ordinal 
A1H23 OAA CAJ  sing N N 1   
A1H23 CAJ CAK  doub Y N 2   
A1H23 CAG CAK  sing Y N 3   
A1H23 CAG CAI  doub Y N 4   
A1H23 CAI CAL  sing Y N 5   
A1H23 CAF CAL  doub Y N 6   
A1H23 CAD CAF  sing Y N 7   
A1H23 CAD CAE  doub Y N 8   
A1H23 CAE NAH  sing Y N 9   
A1H23 NAH CAM  doub Y N 10  
A1H23 CAJ CAM  sing Y N 11  
A1H23 CAL CAM  sing Y N 12  
A1H23 V   NAH  doub N N 13  
A1H23 V   OAA  sing N N 14  
A1H23 V   O1   doub N N 15  
A1H23 V   O2   doub N N 16  
A1H23 OBA CBJ  sing N N 17  
A1H23 CBJ CBK  doub Y N 18  
A1H23 CBG CBK  sing Y N 19  
A1H23 CBG CBI  doub Y N 20  
A1H23 CBI CBL  sing Y N 21  
A1H23 CBF CBL  doub Y N 22  
A1H23 CBD CBF  sing Y N 23  
A1H23 CBD CBE  doub Y N 24  
A1H23 CBE NBH  sing Y N 25  
A1H23 NBH CBM  doub Y N 26  
A1H23 CBJ CBM  sing Y N 27  
A1H23 CBL CBM  sing Y N 28  
A1H23 V   NBH  doub N N 29  
A1H23 V   OBA  sing N N 30  
A1H23 CAD H2   sing N N 31  
A1H23 CAE H3   sing N N 32  
A1H23 CAF H4   sing N N 33  
A1H23 CAG H5   sing N N 34  
A1H23 CAI H6   sing N N 35  
A1H23 CAK H7   sing N N 36  
A1H23 CBD H8   sing N N 37  
A1H23 CBE H9   sing N N 38  
A1H23 CBF H10  sing N N 39  
A1H23 CBG H11  sing N N 40  
A1H23 CBI H12  sing N N 41  
A1H23 CBK H13  sing N N 42  
ALA   N   CA   sing N N 43  
ALA   N   H    sing N N 44  
ALA   N   H2   sing N N 45  
ALA   CA  C    sing N N 46  
ALA   CA  CB   sing N N 47  
ALA   CA  HA   sing N N 48  
ALA   C   O    doub N N 49  
ALA   C   OXT  sing N N 50  
ALA   CB  HB1  sing N N 51  
ALA   CB  HB2  sing N N 52  
ALA   CB  HB3  sing N N 53  
ALA   OXT HXT  sing N N 54  
ARG   N   CA   sing N N 55  
ARG   N   H    sing N N 56  
ARG   N   H2   sing N N 57  
ARG   CA  C    sing N N 58  
ARG   CA  CB   sing N N 59  
ARG   CA  HA   sing N N 60  
ARG   C   O    doub N N 61  
ARG   C   OXT  sing N N 62  
ARG   CB  CG   sing N N 63  
ARG   CB  HB2  sing N N 64  
ARG   CB  HB3  sing N N 65  
ARG   CG  CD   sing N N 66  
ARG   CG  HG2  sing N N 67  
ARG   CG  HG3  sing N N 68  
ARG   CD  NE   sing N N 69  
ARG   CD  HD2  sing N N 70  
ARG   CD  HD3  sing N N 71  
ARG   NE  CZ   sing N N 72  
ARG   NE  HE   sing N N 73  
ARG   CZ  NH1  sing N N 74  
ARG   CZ  NH2  doub N N 75  
ARG   NH1 HH11 sing N N 76  
ARG   NH1 HH12 sing N N 77  
ARG   NH2 HH21 sing N N 78  
ARG   NH2 HH22 sing N N 79  
ARG   OXT HXT  sing N N 80  
ASN   N   CA   sing N N 81  
ASN   N   H    sing N N 82  
ASN   N   H2   sing N N 83  
ASN   CA  C    sing N N 84  
ASN   CA  CB   sing N N 85  
ASN   CA  HA   sing N N 86  
ASN   C   O    doub N N 87  
ASN   C   OXT  sing N N 88  
ASN   CB  CG   sing N N 89  
ASN   CB  HB2  sing N N 90  
ASN   CB  HB3  sing N N 91  
ASN   CG  OD1  doub N N 92  
ASN   CG  ND2  sing N N 93  
ASN   ND2 HD21 sing N N 94  
ASN   ND2 HD22 sing N N 95  
ASN   OXT HXT  sing N N 96  
ASP   N   CA   sing N N 97  
ASP   N   H    sing N N 98  
ASP   N   H2   sing N N 99  
ASP   CA  C    sing N N 100 
ASP   CA  CB   sing N N 101 
ASP   CA  HA   sing N N 102 
ASP   C   O    doub N N 103 
ASP   C   OXT  sing N N 104 
ASP   CB  CG   sing N N 105 
ASP   CB  HB2  sing N N 106 
ASP   CB  HB3  sing N N 107 
ASP   CG  OD1  doub N N 108 
ASP   CG  OD2  sing N N 109 
ASP   OD2 HD2  sing N N 110 
ASP   OXT HXT  sing N N 111 
CYS   N   CA   sing N N 112 
CYS   N   H    sing N N 113 
CYS   N   H2   sing N N 114 
CYS   CA  C    sing N N 115 
CYS   CA  CB   sing N N 116 
CYS   CA  HA   sing N N 117 
CYS   C   O    doub N N 118 
CYS   C   OXT  sing N N 119 
CYS   CB  SG   sing N N 120 
CYS   CB  HB2  sing N N 121 
CYS   CB  HB3  sing N N 122 
CYS   SG  HG   sing N N 123 
CYS   OXT HXT  sing N N 124 
EPE   N1  C2   sing N N 125 
EPE   N1  C6   sing N N 126 
EPE   N1  C9   sing N N 127 
EPE   C2  C3   sing N N 128 
EPE   C2  H21  sing N N 129 
EPE   C2  H22  sing N N 130 
EPE   C3  N4   sing N N 131 
EPE   C3  H31  sing N N 132 
EPE   C3  H32  sing N N 133 
EPE   N4  C5   sing N N 134 
EPE   N4  C7   sing N N 135 
EPE   C5  C6   sing N N 136 
EPE   C5  H51  sing N N 137 
EPE   C5  H52  sing N N 138 
EPE   C6  H61  sing N N 139 
EPE   C6  H62  sing N N 140 
EPE   C7  C8   sing N N 141 
EPE   C7  H71  sing N N 142 
EPE   C7  H72  sing N N 143 
EPE   C8  O8   sing N N 144 
EPE   C8  H81  sing N N 145 
EPE   C8  H82  sing N N 146 
EPE   O8  HO8  sing N N 147 
EPE   C9  C10  sing N N 148 
EPE   C9  H91  sing N N 149 
EPE   C9  H92  sing N N 150 
EPE   C10 S    sing N N 151 
EPE   C10 H101 sing N N 152 
EPE   C10 H102 sing N N 153 
EPE   S   O1S  doub N N 154 
EPE   S   O2S  doub N N 155 
EPE   S   O3S  sing N N 156 
EPE   O3S HOS3 sing N N 157 
GLN   N   CA   sing N N 158 
GLN   N   H    sing N N 159 
GLN   N   H2   sing N N 160 
GLN   CA  C    sing N N 161 
GLN   CA  CB   sing N N 162 
GLN   CA  HA   sing N N 163 
GLN   C   O    doub N N 164 
GLN   C   OXT  sing N N 165 
GLN   CB  CG   sing N N 166 
GLN   CB  HB2  sing N N 167 
GLN   CB  HB3  sing N N 168 
GLN   CG  CD   sing N N 169 
GLN   CG  HG2  sing N N 170 
GLN   CG  HG3  sing N N 171 
GLN   CD  OE1  doub N N 172 
GLN   CD  NE2  sing N N 173 
GLN   NE2 HE21 sing N N 174 
GLN   NE2 HE22 sing N N 175 
GLN   OXT HXT  sing N N 176 
GLU   N   CA   sing N N 177 
GLU   N   H    sing N N 178 
GLU   N   H2   sing N N 179 
GLU   CA  C    sing N N 180 
GLU   CA  CB   sing N N 181 
GLU   CA  HA   sing N N 182 
GLU   C   O    doub N N 183 
GLU   C   OXT  sing N N 184 
GLU   CB  CG   sing N N 185 
GLU   CB  HB2  sing N N 186 
GLU   CB  HB3  sing N N 187 
GLU   CG  CD   sing N N 188 
GLU   CG  HG2  sing N N 189 
GLU   CG  HG3  sing N N 190 
GLU   CD  OE1  doub N N 191 
GLU   CD  OE2  sing N N 192 
GLU   OE2 HE2  sing N N 193 
GLU   OXT HXT  sing N N 194 
GLY   N   CA   sing N N 195 
GLY   N   H    sing N N 196 
GLY   N   H2   sing N N 197 
GLY   CA  C    sing N N 198 
GLY   CA  HA2  sing N N 199 
GLY   CA  HA3  sing N N 200 
GLY   C   O    doub N N 201 
GLY   C   OXT  sing N N 202 
GLY   OXT HXT  sing N N 203 
HIS   N   CA   sing N N 204 
HIS   N   H    sing N N 205 
HIS   N   H2   sing N N 206 
HIS   CA  C    sing N N 207 
HIS   CA  CB   sing N N 208 
HIS   CA  HA   sing N N 209 
HIS   C   O    doub N N 210 
HIS   C   OXT  sing N N 211 
HIS   CB  CG   sing N N 212 
HIS   CB  HB2  sing N N 213 
HIS   CB  HB3  sing N N 214 
HIS   CG  ND1  sing Y N 215 
HIS   CG  CD2  doub Y N 216 
HIS   ND1 CE1  doub Y N 217 
HIS   ND1 HD1  sing N N 218 
HIS   CD2 NE2  sing Y N 219 
HIS   CD2 HD2  sing N N 220 
HIS   CE1 NE2  sing Y N 221 
HIS   CE1 HE1  sing N N 222 
HIS   NE2 HE2  sing N N 223 
HIS   OXT HXT  sing N N 224 
HOH   O   H1   sing N N 225 
HOH   O   H2   sing N N 226 
ILE   N   CA   sing N N 227 
ILE   N   H    sing N N 228 
ILE   N   H2   sing N N 229 
ILE   CA  C    sing N N 230 
ILE   CA  CB   sing N N 231 
ILE   CA  HA   sing N N 232 
ILE   C   O    doub N N 233 
ILE   C   OXT  sing N N 234 
ILE   CB  CG1  sing N N 235 
ILE   CB  CG2  sing N N 236 
ILE   CB  HB   sing N N 237 
ILE   CG1 CD1  sing N N 238 
ILE   CG1 HG12 sing N N 239 
ILE   CG1 HG13 sing N N 240 
ILE   CG2 HG21 sing N N 241 
ILE   CG2 HG22 sing N N 242 
ILE   CG2 HG23 sing N N 243 
ILE   CD1 HD11 sing N N 244 
ILE   CD1 HD12 sing N N 245 
ILE   CD1 HD13 sing N N 246 
ILE   OXT HXT  sing N N 247 
LEU   N   CA   sing N N 248 
LEU   N   H    sing N N 249 
LEU   N   H2   sing N N 250 
LEU   CA  C    sing N N 251 
LEU   CA  CB   sing N N 252 
LEU   CA  HA   sing N N 253 
LEU   C   O    doub N N 254 
LEU   C   OXT  sing N N 255 
LEU   CB  CG   sing N N 256 
LEU   CB  HB2  sing N N 257 
LEU   CB  HB3  sing N N 258 
LEU   CG  CD1  sing N N 259 
LEU   CG  CD2  sing N N 260 
LEU   CG  HG   sing N N 261 
LEU   CD1 HD11 sing N N 262 
LEU   CD1 HD12 sing N N 263 
LEU   CD1 HD13 sing N N 264 
LEU   CD2 HD21 sing N N 265 
LEU   CD2 HD22 sing N N 266 
LEU   CD2 HD23 sing N N 267 
LEU   OXT HXT  sing N N 268 
LYS   N   CA   sing N N 269 
LYS   N   H    sing N N 270 
LYS   N   H2   sing N N 271 
LYS   CA  C    sing N N 272 
LYS   CA  CB   sing N N 273 
LYS   CA  HA   sing N N 274 
LYS   C   O    doub N N 275 
LYS   C   OXT  sing N N 276 
LYS   CB  CG   sing N N 277 
LYS   CB  HB2  sing N N 278 
LYS   CB  HB3  sing N N 279 
LYS   CG  CD   sing N N 280 
LYS   CG  HG2  sing N N 281 
LYS   CG  HG3  sing N N 282 
LYS   CD  CE   sing N N 283 
LYS   CD  HD2  sing N N 284 
LYS   CD  HD3  sing N N 285 
LYS   CE  NZ   sing N N 286 
LYS   CE  HE2  sing N N 287 
LYS   CE  HE3  sing N N 288 
LYS   NZ  HZ1  sing N N 289 
LYS   NZ  HZ2  sing N N 290 
LYS   NZ  HZ3  sing N N 291 
LYS   OXT HXT  sing N N 292 
MET   N   CA   sing N N 293 
MET   N   H    sing N N 294 
MET   N   H2   sing N N 295 
MET   CA  C    sing N N 296 
MET   CA  CB   sing N N 297 
MET   CA  HA   sing N N 298 
MET   C   O    doub N N 299 
MET   C   OXT  sing N N 300 
MET   CB  CG   sing N N 301 
MET   CB  HB2  sing N N 302 
MET   CB  HB3  sing N N 303 
MET   CG  SD   sing N N 304 
MET   CG  HG2  sing N N 305 
MET   CG  HG3  sing N N 306 
MET   SD  CE   sing N N 307 
MET   CE  HE1  sing N N 308 
MET   CE  HE2  sing N N 309 
MET   CE  HE3  sing N N 310 
MET   OXT HXT  sing N N 311 
PHE   N   CA   sing N N 312 
PHE   N   H    sing N N 313 
PHE   N   H2   sing N N 314 
PHE   CA  C    sing N N 315 
PHE   CA  CB   sing N N 316 
PHE   CA  HA   sing N N 317 
PHE   C   O    doub N N 318 
PHE   C   OXT  sing N N 319 
PHE   CB  CG   sing N N 320 
PHE   CB  HB2  sing N N 321 
PHE   CB  HB3  sing N N 322 
PHE   CG  CD1  doub Y N 323 
PHE   CG  CD2  sing Y N 324 
PHE   CD1 CE1  sing Y N 325 
PHE   CD1 HD1  sing N N 326 
PHE   CD2 CE2  doub Y N 327 
PHE   CD2 HD2  sing N N 328 
PHE   CE1 CZ   doub Y N 329 
PHE   CE1 HE1  sing N N 330 
PHE   CE2 CZ   sing Y N 331 
PHE   CE2 HE2  sing N N 332 
PHE   CZ  HZ   sing N N 333 
PHE   OXT HXT  sing N N 334 
PRO   N   CA   sing N N 335 
PRO   N   CD   sing N N 336 
PRO   N   H    sing N N 337 
PRO   CA  C    sing N N 338 
PRO   CA  CB   sing N N 339 
PRO   CA  HA   sing N N 340 
PRO   C   O    doub N N 341 
PRO   C   OXT  sing N N 342 
PRO   CB  CG   sing N N 343 
PRO   CB  HB2  sing N N 344 
PRO   CB  HB3  sing N N 345 
PRO   CG  CD   sing N N 346 
PRO   CG  HG2  sing N N 347 
PRO   CG  HG3  sing N N 348 
PRO   CD  HD2  sing N N 349 
PRO   CD  HD3  sing N N 350 
PRO   OXT HXT  sing N N 351 
SER   N   CA   sing N N 352 
SER   N   H    sing N N 353 
SER   N   H2   sing N N 354 
SER   CA  C    sing N N 355 
SER   CA  CB   sing N N 356 
SER   CA  HA   sing N N 357 
SER   C   O    doub N N 358 
SER   C   OXT  sing N N 359 
SER   CB  OG   sing N N 360 
SER   CB  HB2  sing N N 361 
SER   CB  HB3  sing N N 362 
SER   OG  HG   sing N N 363 
SER   OXT HXT  sing N N 364 
THR   N   CA   sing N N 365 
THR   N   H    sing N N 366 
THR   N   H2   sing N N 367 
THR   CA  C    sing N N 368 
THR   CA  CB   sing N N 369 
THR   CA  HA   sing N N 370 
THR   C   O    doub N N 371 
THR   C   OXT  sing N N 372 
THR   CB  OG1  sing N N 373 
THR   CB  CG2  sing N N 374 
THR   CB  HB   sing N N 375 
THR   OG1 HG1  sing N N 376 
THR   CG2 HG21 sing N N 377 
THR   CG2 HG22 sing N N 378 
THR   CG2 HG23 sing N N 379 
THR   OXT HXT  sing N N 380 
TRP   N   CA   sing N N 381 
TRP   N   H    sing N N 382 
TRP   N   H2   sing N N 383 
TRP   CA  C    sing N N 384 
TRP   CA  CB   sing N N 385 
TRP   CA  HA   sing N N 386 
TRP   C   O    doub N N 387 
TRP   C   OXT  sing N N 388 
TRP   CB  CG   sing N N 389 
TRP   CB  HB2  sing N N 390 
TRP   CB  HB3  sing N N 391 
TRP   CG  CD1  doub Y N 392 
TRP   CG  CD2  sing Y N 393 
TRP   CD1 NE1  sing Y N 394 
TRP   CD1 HD1  sing N N 395 
TRP   CD2 CE2  doub Y N 396 
TRP   CD2 CE3  sing Y N 397 
TRP   NE1 CE2  sing Y N 398 
TRP   NE1 HE1  sing N N 399 
TRP   CE2 CZ2  sing Y N 400 
TRP   CE3 CZ3  doub Y N 401 
TRP   CE3 HE3  sing N N 402 
TRP   CZ2 CH2  doub Y N 403 
TRP   CZ2 HZ2  sing N N 404 
TRP   CZ3 CH2  sing Y N 405 
TRP   CZ3 HZ3  sing N N 406 
TRP   CH2 HH2  sing N N 407 
TRP   OXT HXT  sing N N 408 
TYR   N   CA   sing N N 409 
TYR   N   H    sing N N 410 
TYR   N   H2   sing N N 411 
TYR   CA  C    sing N N 412 
TYR   CA  CB   sing N N 413 
TYR   CA  HA   sing N N 414 
TYR   C   O    doub N N 415 
TYR   C   OXT  sing N N 416 
TYR   CB  CG   sing N N 417 
TYR   CB  HB2  sing N N 418 
TYR   CB  HB3  sing N N 419 
TYR   CG  CD1  doub Y N 420 
TYR   CG  CD2  sing Y N 421 
TYR   CD1 CE1  sing Y N 422 
TYR   CD1 HD1  sing N N 423 
TYR   CD2 CE2  doub Y N 424 
TYR   CD2 HD2  sing N N 425 
TYR   CE1 CZ   doub Y N 426 
TYR   CE1 HE1  sing N N 427 
TYR   CE2 CZ   sing Y N 428 
TYR   CE2 HE2  sing N N 429 
TYR   CZ  OH   sing N N 430 
TYR   OH  HH   sing N N 431 
TYR   OXT HXT  sing N N 432 
VAL   N   CA   sing N N 433 
VAL   N   H    sing N N 434 
VAL   N   H2   sing N N 435 
VAL   CA  C    sing N N 436 
VAL   CA  CB   sing N N 437 
VAL   CA  HA   sing N N 438 
VAL   C   O    doub N N 439 
VAL   C   OXT  sing N N 440 
VAL   CB  CG1  sing N N 441 
VAL   CB  CG2  sing N N 442 
VAL   CB  HB   sing N N 443 
VAL   CG1 HG11 sing N N 444 
VAL   CG1 HG12 sing N N 445 
VAL   CG1 HG13 sing N N 446 
VAL   CG2 HG21 sing N N 447 
VAL   CG2 HG22 sing N N 448 
VAL   CG2 HG23 sing N N 449 
VAL   OXT HXT  sing N N 450 
VVB   V5  O12  sing N N 451 
VVB   V5  O13  sing N N 452 
VVB   O12 H1   sing N N 453 
VVB   O13 H2   sing N N 454 
VVO   V1  O1   doub N N 455 
# 
_pdbx_audit_support.funding_organization   'University of Naples Federico II' 
_pdbx_audit_support.country                Italy 
_pdbx_audit_support.grant_number           ? 
_pdbx_audit_support.ordinal                1 
# 
_pdbx_initial_refinement_model.id               1 
_pdbx_initial_refinement_model.entity_id_list   ? 
_pdbx_initial_refinement_model.type             'experimental model' 
_pdbx_initial_refinement_model.source_name      PDB 
_pdbx_initial_refinement_model.accession_code   193L 
_pdbx_initial_refinement_model.details          ? 
# 
_atom_sites.entry_id                    8RTK 
_atom_sites.Cartn_transf_matrix[1][1]   ? 
_atom_sites.Cartn_transf_matrix[1][2]   ? 
_atom_sites.Cartn_transf_matrix[1][3]   ? 
_atom_sites.Cartn_transf_matrix[2][1]   ? 
_atom_sites.Cartn_transf_matrix[2][2]   ? 
_atom_sites.Cartn_transf_matrix[2][3]   ? 
_atom_sites.Cartn_transf_matrix[3][1]   ? 
_atom_sites.Cartn_transf_matrix[3][2]   ? 
_atom_sites.Cartn_transf_matrix[3][3]   ? 
_atom_sites.Cartn_transf_vector[1]      ? 
_atom_sites.Cartn_transf_vector[2]      ? 
_atom_sites.Cartn_transf_vector[3]      ? 
_atom_sites.Cartn_transform_axes        ? 
_atom_sites.fract_transf_matrix[1][1]   -0.00275155 
_atom_sites.fract_transf_matrix[1][2]   -0.00913289 
_atom_sites.fract_transf_matrix[1][3]   0.00879454 
_atom_sites.fract_transf_matrix[2][1]   -0.01262781 
_atom_sites.fract_transf_matrix[2][2]   0.00116718 
_atom_sites.fract_transf_matrix[2][3]   -0.00273878 
_atom_sites.fract_transf_matrix[3][1]   0.00233457 
_atom_sites.fract_transf_matrix[3][2]   -0.01877249 
_atom_sites.fract_transf_matrix[3][3]   -0.01876431 
_atom_sites.fract_transf_vector[1]      0.015967 
_atom_sites.fract_transf_vector[2]      -0.251203 
_atom_sites.fract_transf_vector[3]      0.019967 
_atom_sites.solution_primary            ? 
_atom_sites.solution_secondary          ? 
_atom_sites.solution_hydrogens          ? 
_atom_sites.special_details             ? 
# 
loop_
_atom_type.symbol 
_atom_type.pdbx_scat_Z 
_atom_type.pdbx_N_electrons 
_atom_type.scat_Cromer_Mann_a1 
_atom_type.scat_Cromer_Mann_b1 
_atom_type.scat_Cromer_Mann_a2 
_atom_type.scat_Cromer_Mann_b2 
_atom_type.scat_Cromer_Mann_a3 
_atom_type.scat_Cromer_Mann_b3 
_atom_type.scat_Cromer_Mann_a4 
_atom_type.scat_Cromer_Mann_b4 
_atom_type.scat_Cromer_Mann_c 
C 6  6  2.310  20.844 1.020 10.208 1.589 0.569  0.865 51.651  0.216   
H 1  1  0.493  10.511 0.323 26.126 0.140 3.142  0.041 57.800  0.003   
N 7  7  12.222 0.006  3.135 9.893  2.014 28.997 1.167 0.583   -11.538 
O 8  8  3.049  13.277 2.287 5.701  1.546 0.324  0.867 32.909  0.251   
S 16 16 6.905  1.468  5.203 22.215 1.438 0.254  1.586 56.172  1.056   
V 23 23 10.299 6.866  7.353 0.438  2.071 26.894 2.058 102.478 1.552   
# 
loop_
_atom_site.group_PDB 
_atom_site.id 
_atom_site.type_symbol 
_atom_site.label_atom_id 
_atom_site.label_alt_id 
_atom_site.label_comp_id 
_atom_site.label_asym_id 
_atom_site.label_entity_id 
_atom_site.label_seq_id 
_atom_site.pdbx_PDB_ins_code 
_atom_site.Cartn_x 
_atom_site.Cartn_y 
_atom_site.Cartn_z 
_atom_site.occupancy 
_atom_site.B_iso_or_equiv 
_atom_site.pdbx_formal_charge 
_atom_site.auth_seq_id 
_atom_site.auth_comp_id 
_atom_site.auth_asym_id 
_atom_site.auth_atom_id 
_atom_site.pdbx_PDB_model_num 
_atom_site.calc_flag 
ATOM   1    N N   . LYS   A 1 1   ? -9.908  9.974   2.045   1.000 19.828 0 1   LYS   AAA N   1 ? 
ATOM   2    C CA  . LYS   A 1 1   ? -9.855  10.053  3.559   1.000 18.968 0 1   LYS   AAA CA  1 ? 
ATOM   3    C C   . LYS   A 1 1   ? -8.388  10.140  3.967   1.000 17.161 0 1   LYS   AAA C   1 ? 
ATOM   4    O O   . LYS   A 1 1   ? -7.567  9.305   3.467   1.000 16.831 0 1   LYS   AAA O   1 ? 
ATOM   5    C CB  . LYS   A 1 1   ? -10.437 8.767   4.141   1.000 20.573 0 1   LYS   AAA CB  1 ? 
ATOM   6    C CG  . LYS   A 1 1   ? -10.254 8.614   5.656   1.000 22.000 0 1   LYS   AAA CG  1 ? 
ATOM   7    C CD  A LYS   A 1 1   ? -11.073 7.458   6.202   0.450 23.994 0 1   LYS   AAA CD  1 ? 
ATOM   8    C CD  B LYS   A 1 1   ? -11.074 7.457   6.207   0.550 22.573 0 1   LYS   AAA CD  1 ? 
ATOM   9    C CE  A LYS   A 1 1   ? -11.008 7.333   7.714   0.450 26.002 0 1   LYS   AAA CE  1 ? 
ATOM   10   C CE  B LYS   A 1 1   ? -10.765 7.109   7.657   0.550 23.312 0 1   LYS   AAA CE  1 ? 
ATOM   11   N NZ  A LYS   A 1 1   ? -11.878 6.245   8.220   0.450 29.296 0 1   LYS   AAA NZ  1 ? 
ATOM   12   N NZ  B LYS   A 1 1   ? -11.248 8.135   8.613   0.550 23.789 0 1   LYS   AAA NZ  1 ? 
ATOM   13   N N   . VAL   A 1 2   ? -8.042  11.063  4.825   1.000 16.147 0 2   VAL   AAA N   1 ? 
ATOM   14   C CA  . VAL   A 1 2   ? -6.696  11.113  5.408   1.000 17.275 0 2   VAL   AAA CA  1 ? 
ATOM   15   C C   . VAL   A 1 2   ? -6.855  10.411  6.759   1.000 16.663 0 2   VAL   AAA C   1 ? 
ATOM   16   O O   . VAL   A 1 2   ? -7.516  10.952  7.679   1.000 18.779 0 2   VAL   AAA O   1 ? 
ATOM   17   C CB  . VAL   A 1 2   ? -6.171  12.547  5.508   1.000 18.919 0 2   VAL   AAA CB  1 ? 
ATOM   18   C CG1 . VAL   A 1 2   ? -4.817  12.600  6.187   1.000 21.859 0 2   VAL   AAA CG1 1 ? 
ATOM   19   C CG2 . VAL   A 1 2   ? -6.105  13.169  4.116   1.000 17.911 0 2   VAL   AAA CG2 1 ? 
ATOM   20   N N   . PHE   A 1 3   ? -6.246  9.257   6.938   1.000 15.190 0 3   PHE   AAA N   1 ? 
ATOM   21   C CA  . PHE   A 1 3   ? -6.187  8.505   8.204   1.000 15.225 0 3   PHE   AAA CA  1 ? 
ATOM   22   C C   . PHE   A 1 3   ? -5.236  9.176   9.178   1.000 15.054 0 3   PHE   AAA C   1 ? 
ATOM   23   O O   . PHE   A 1 3   ? -4.198  9.714   8.854   1.000 16.157 0 3   PHE   AAA O   1 ? 
ATOM   24   C CB  . PHE   A 1 3   ? -5.650  7.115   7.936   1.000 15.477 0 3   PHE   AAA CB  1 ? 
ATOM   25   C CG  . PHE   A 1 3   ? -6.690  6.131   7.523   1.000 15.969 0 3   PHE   AAA CG  1 ? 
ATOM   26   C CD1 . PHE   A 1 3   ? -7.149  6.077   6.213   1.000 17.067 0 3   PHE   AAA CD1 1 ? 
ATOM   27   C CD2 . PHE   A 1 3   ? -7.272  5.270   8.434   1.000 17.099 0 3   PHE   AAA CD2 1 ? 
ATOM   28   C CE1 . PHE   A 1 3   ? -8.102  5.162   5.828   1.000 19.582 0 3   PHE   AAA CE1 1 ? 
ATOM   29   C CE2 . PHE   A 1 3   ? -8.209  4.348   8.041   1.000 17.733 0 3   PHE   AAA CE2 1 ? 
ATOM   30   C CZ  . PHE   A 1 3   ? -8.656  4.287   6.742   1.000 20.475 0 3   PHE   AAA CZ  1 ? 
ATOM   31   N N   . GLY   A 1 4   ? -5.623  9.073   10.470  1.000 16.617 0 4   GLY   AAA N   1 ? 
ATOM   32   C CA  . GLY   A 1 4   ? -4.649  9.203   11.569  1.000 17.245 0 4   GLY   AAA CA  1 ? 
ATOM   33   C C   . GLY   A 1 4   ? -3.695  8.006   11.575  1.000 16.251 0 4   GLY   AAA C   1 ? 
ATOM   34   O O   . GLY   A 1 4   ? -4.072  6.919   11.103  1.000 15.891 0 4   GLY   AAA O   1 ? 
ATOM   35   N N   . ARG   A 1 5   ? -2.574  8.166   12.201  1.000 16.011 0 5   ARG   AAA N   1 ? 
ATOM   36   C CA  . ARG   A 1 5   ? -1.549  7.094   12.265  1.000 17.194 0 5   ARG   AAA CA  1 ? 
ATOM   37   C C   . ARG   A 1 5   ? -2.119  5.854   12.968  1.000 16.147 0 5   ARG   AAA C   1 ? 
ATOM   38   O O   . ARG   A 1 5   ? -2.099  4.738   12.427  1.000 15.518 0 5   ARG   AAA O   1 ? 
ATOM   39   C CB  . ARG   A 1 5   ? -0.314  7.654   12.953  1.000 17.812 0 5   ARG   AAA CB  1 ? 
ATOM   40   C CG  . ARG   A 1 5   ? 0.765   6.619   13.212  1.000 18.666 0 5   ARG   AAA CG  1 ? 
ATOM   41   C CD  . ARG   A 1 5   ? 1.976   7.288   13.812  1.000 19.664 0 5   ARG   AAA CD  1 ? 
ATOM   42   N NE  . ARG   A 1 5   ? 1.703   7.831   15.148  1.000 22.405 0 5   ARG   AAA NE  1 ? 
ATOM   43   C CZ  . ARG   A 1 5   ? 1.775   7.141   16.284  1.000 20.946 0 5   ARG   AAA CZ  1 ? 
ATOM   44   N NH1 . ARG   A 1 5   ? 2.192   5.897   16.322  1.000 21.696 0 5   ARG   AAA NH1 1 ? 
ATOM   45   N NH2 . ARG   A 1 5   ? 1.507   7.738   17.436  1.000 24.770 0 5   ARG   AAA NH2 1 ? 
ATOM   46   N N   . CYS   A 1 6   ? -2.638  6.025   14.206  1.000 16.886 0 6   CYS   AAA N   1 ? 
ATOM   47   C CA  . CYS   A 1 6   ? -3.143  4.865   14.953  1.000 16.619 0 6   CYS   AAA CA  1 ? 
ATOM   48   C C   . CYS   A 1 6   ? -4.456  4.344   14.385  1.000 14.681 0 6   CYS   AAA C   1 ? 
ATOM   49   O O   . CYS   A 1 6   ? -4.756  3.183   14.454  1.000 15.718 0 6   CYS   AAA O   1 ? 
ATOM   50   C CB  . CYS   A 1 6   ? -3.295  5.183   16.440  1.000 18.364 0 6   CYS   AAA CB  1 ? 
ATOM   51   S SG  . CYS   A 1 6   ? -1.686  5.395   17.273  1.000 22.200 0 6   CYS   AAA SG  1 ? 
ATOM   52   N N   . GLU   A 1 7   ? -5.249  5.239   13.785  1.000 15.945 0 7   GLU   AAA N   1 ? 
ATOM   53   C CA  . GLU   A 1 7   ? -6.454  4.832   13.076  1.000 16.184 0 7   GLU   AAA CA  1 ? 
ATOM   54   C C   . GLU   A 1 7   ? -6.100  3.869   11.915  1.000 14.970 0 7   GLU   AAA C   1 ? 
ATOM   55   O O   . GLU   A 1 7   ? -6.728  2.842   11.761  1.000 16.291 0 7   GLU   AAA O   1 ? 
ATOM   56   C CB  . GLU   A 1 7   ? -7.162  6.078   12.529  1.000 17.275 0 7   GLU   AAA CB  1 ? 
ATOM   57   C CG  . GLU   A 1 7   ? -8.451  5.817   11.848  1.000 19.394 0 7   GLU   AAA CG  1 ? 
ATOM   58   C CD  . GLU   A 1 7   ? -9.085  7.016   11.162  1.000 20.772 0 7   GLU   AAA CD  1 ? 
ATOM   59   O OE1 . GLU   A 1 7   ? -8.386  8.013   10.927  1.000 20.873 0 7   GLU   AAA OE1 1 ? 
ATOM   60   O OE2 . GLU   A 1 7   ? -10.329 6.932   10.922  1.000 23.224 0 7   GLU   AAA OE2 1 ? 
ATOM   61   N N   . LEU   A 1 8   ? -5.059  4.229   11.153  1.000 14.878 0 8   LEU   AAA N   1 ? 
ATOM   62   C CA  . LEU   A 1 8   ? -4.620  3.328   10.054  1.000 13.484 0 8   LEU   AAA CA  1 ? 
ATOM   63   C C   . LEU   A 1 8   ? -3.992  2.053   10.602  1.000 12.875 0 8   LEU   AAA C   1 ? 
ATOM   64   O O   . LEU   A 1 8   ? -4.276  0.993   10.085  1.000 13.612 0 8   LEU   AAA O   1 ? 
ATOM   65   C CB  . LEU   A 1 8   ? -3.615  4.057   9.156   1.000 14.330 0 8   LEU   AAA CB  1 ? 
ATOM   66   C CG  . LEU   A 1 8   ? -3.164  3.230   7.954   1.000 13.780 0 8   LEU   AAA CG  1 ? 
ATOM   67   C CD1 . LEU   A 1 8   ? -4.319  2.932   7.046   1.000 15.082 0 8   LEU   AAA CD1 1 ? 
ATOM   68   C CD2 . LEU   A 1 8   ? -2.067  3.961   7.195   1.000 16.067 0 8   LEU   AAA CD2 1 ? 
ATOM   69   N N   . ALA   A 1 9   ? -3.240  2.167   11.686  1.000 13.733 0 9   ALA   AAA N   1 ? 
ATOM   70   C CA  . ALA   A 1 9   ? -2.628  0.966   12.305  1.000 14.641 0 9   ALA   AAA CA  1 ? 
ATOM   71   C C   . ALA   A 1 9   ? -3.713  -0.026  12.685  1.000 15.096 0 9   ALA   AAA C   1 ? 
ATOM   72   O O   . ALA   A 1 9   ? -3.611  -1.202  12.400  1.000 14.520 0 9   ALA   AAA O   1 ? 
ATOM   73   C CB  . ALA   A 1 9   ? -1.774  1.342   13.491  1.000 15.015 0 9   ALA   AAA CB  1 ? 
ATOM   74   N N   . ALA   A 1 10  ? -4.788  0.470   13.323  1.000 14.774 0 10  ALA   AAA N   1 ? 
ATOM   75   C CA  . ALA   A 1 10  ? -5.914  -0.398  13.726  1.000 15.887 0 10  ALA   AAA CA  1 ? 
ATOM   76   C C   . ALA   A 1 10  ? -6.587  -1.032  12.512  1.000 15.808 0 10  ALA   AAA C   1 ? 
ATOM   77   O O   . ALA   A 1 10  ? -6.943  -2.203  12.547  1.000 17.443 0 10  ALA   AAA O   1 ? 
ATOM   78   C CB  . ALA   A 1 10  ? -6.917  0.409   14.562  1.000 17.517 0 10  ALA   AAA CB  1 ? 
ATOM   79   N N   . ALA   A 1 11  ? -6.815  -0.252  11.444  1.000 16.164 0 11  ALA   AAA N   1 ? 
ATOM   80   C CA  . ALA   A 1 11  ? -7.474  -0.779  10.228  1.000 16.526 0 11  ALA   AAA CA  1 ? 
ATOM   81   C C   . ALA   A 1 11  ? -6.577  -1.843  9.575   1.000 15.670 0 11  ALA   AAA C   1 ? 
ATOM   82   O O   . ALA   A 1 11  ? -7.031  -2.895  9.153   1.000 16.253 0 11  ALA   AAA O   1 ? 
ATOM   83   C CB  . ALA   A 1 11  ? -7.787  0.365   9.271   1.000 15.744 0 11  ALA   AAA CB  1 ? 
ATOM   84   N N   . MET   A 1 12  ? -5.267  -1.558  9.464   1.000 15.217 0 12  MET   AAA N   1 ? 
ATOM   85   C CA  . MET   A 1 12  ? -4.334  -2.552  8.852   1.000 14.627 0 12  MET   AAA CA  1 ? 
ATOM   86   C C   . MET   A 1 12  ? -4.247  -3.821  9.711   1.000 15.161 0 12  MET   AAA C   1 ? 
ATOM   87   O O   . MET   A 1 12  ? -4.205  -4.913  9.167   1.000 16.504 0 12  MET   AAA O   1 ? 
ATOM   88   C CB  . MET   A 1 12  ? -2.963  -1.940  8.675   1.000 14.159 0 12  MET   AAA CB  1 ? 
ATOM   89   C CG  . MET   A 1 12  ? -2.928  -0.869  7.601   1.000 13.729 0 12  MET   AAA CG  1 ? 
ATOM   90   S SD  . MET   A 1 12  ? -1.265  -0.164  7.465   1.000 14.492 0 12  MET   AAA SD  1 ? 
ATOM   91   C CE  . MET   A 1 12  ? -1.181  0.258   5.727   1.000 15.234 0 12  MET   AAA CE  1 ? 
ATOM   92   N N   . LYS   A 1 13  ? -4.255  -3.640  11.029  1.000 15.472 0 13  LYS   AAA N   1 ? 
ATOM   93   C CA  . LYS   A 1 13  ? -4.284  -4.839  11.909  1.000 16.955 0 13  LYS   AAA CA  1 ? 
ATOM   94   C C   . LYS   A 1 13  ? -5.570  -5.656  11.717  1.000 17.054 0 13  LYS   AAA C   1 ? 
ATOM   95   O O   . LYS   A 1 13  ? -5.512  -6.903  11.591  1.000 18.714 0 13  LYS   AAA O   1 ? 
ATOM   96   C CB  . LYS   A 1 13  ? -4.093  -4.409  13.347  1.000 17.852 0 13  LYS   AAA CB  1 ? 
ATOM   97   C CG  . LYS   A 1 13  ? -4.103  -5.608  14.295  1.000 21.724 0 13  LYS   AAA CG  1 ? 
ATOM   98   C CD  . LYS   A 1 13  ? -3.644  -5.249  15.662  1.000 24.334 0 13  LYS   AAA CD  1 ? 
ATOM   99   C CE  . LYS   A 1 13  ? -3.273  -6.465  16.491  1.000 29.807 0 13  LYS   AAA CE  1 ? 
ATOM   100  N NZ  . LYS   A 1 13  ? -2.946  -6.065  17.881  1.000 33.914 0 13  LYS   AAA NZ  1 ? 
ATOM   101  N N   A ARG   A 1 14  ? -6.712  -4.996  11.657  0.500 16.805 0 14  ARG   AAA N   1 ? 
ATOM   102  N N   B ARG   A 1 14  ? -6.711  -4.959  11.653  0.500 16.709 0 14  ARG   AAA N   1 ? 
ATOM   103  C CA  A ARG   A 1 14  ? -7.954  -5.781  11.481  0.500 18.652 0 14  ARG   AAA CA  1 ? 
ATOM   104  C CA  B ARG   A 1 14  ? -8.063  -5.563  11.438  0.500 18.443 0 14  ARG   AAA CA  1 ? 
ATOM   105  C C   A ARG   A 1 14  ? -7.893  -6.597  10.195  0.500 19.170 0 14  ARG   AAA C   1 ? 
ATOM   106  C C   B ARG   A 1 14  ? -8.085  -6.420  10.163  0.500 18.300 0 14  ARG   AAA C   1 ? 
ATOM   107  O O   A ARG   A 1 14  ? -8.333  -7.772  10.188  0.500 20.295 0 14  ARG   AAA O   1 ? 
ATOM   108  O O   B ARG   A 1 14  ? -8.795  -7.446  10.116  0.500 18.773 0 14  ARG   AAA O   1 ? 
ATOM   109  C CB  A ARG   A 1 14  ? -9.193  -4.906  11.407  0.500 20.695 0 14  ARG   AAA CB  1 ? 
ATOM   110  C CB  B ARG   A 1 14  ? -9.129  -4.462  11.394  0.500 20.886 0 14  ARG   AAA CB  1 ? 
ATOM   111  C CG  A ARG   A 1 14  ? -10.336 -5.686  10.784  0.500 22.305 0 14  ARG   AAA CG  1 ? 
ATOM   112  C CG  B ARG   A 1 14  ? -10.395 -4.846  10.638  0.500 24.791 0 14  ARG   AAA CG  1 ? 
ATOM   113  C CD  A ARG   A 1 14  ? -11.625 -4.941  10.869  0.500 23.885 0 14  ARG   AAA CD  1 ? 
ATOM   114  C CD  B ARG   A 1 14  ? -11.452 -3.767  10.729  0.500 23.875 0 14  ARG   AAA CD  1 ? 
ATOM   115  N NE  A ARG   A 1 14  ? -11.854 -4.037  9.741   0.500 22.882 0 14  ARG   AAA NE  1 ? 
ATOM   116  N NE  B ARG   A 1 14  ? -11.420 -2.772  9.678   0.500 28.126 0 14  ARG   AAA NE  1 ? 
ATOM   117  C CZ  A ARG   A 1 14  ? -12.568 -4.312  8.662   0.500 18.864 0 14  ARG   AAA CZ  1 ? 
ATOM   118  C CZ  B ARG   A 1 14  ? -11.056 -1.522  9.895   0.500 24.219 0 14  ARG   AAA CZ  1 ? 
ATOM   119  N NH1 A ARG   A 1 14  ? -13.080 -5.513  8.442   0.500 22.493 0 14  ARG   AAA NH1 1 ? 
ATOM   120  N NH1 B ARG   A 1 14  ? -11.041 -0.649  8.907   0.500 25.675 0 14  ARG   AAA NH1 1 ? 
ATOM   121  N NH2 A ARG   A 1 14  ? -12.764 -3.357  7.792   0.500 22.452 0 14  ARG   AAA NH2 1 ? 
ATOM   122  N NH2 B ARG   A 1 14  ? -10.723 -1.144  11.120  0.500 28.053 0 14  ARG   AAA NH2 1 ? 
ATOM   123  N N   . HIS   A 1 15  ? -7.339  -6.003  9.133   1.000 19.629 0 15  HIS   AAA N   1 ? 
ATOM   124  C CA  . HIS   A 1 15  ? -7.295  -6.625  7.792   1.000 20.631 0 15  HIS   AAA CA  1 ? 
ATOM   125  C C   . HIS   A 1 15  ? -6.155  -7.629  7.657   1.000 23.683 0 15  HIS   AAA C   1 ? 
ATOM   126  O O   . HIS   A 1 15  ? -5.983  -8.159  6.515   1.000 28.216 0 15  HIS   AAA O   1 ? 
ATOM   127  C CB  . HIS   A 1 15  ? -7.180  -5.524  6.721   1.000 21.062 0 15  HIS   AAA CB  1 ? 
ATOM   128  C CG  . HIS   A 1 15  ? -8.465  -4.833  6.423   1.000 23.164 0 15  HIS   AAA CG  1 ? 
ATOM   129  N ND1 . HIS   A 1 15  ? -8.775  -3.558  6.829   1.000 27.226 0 15  HIS   AAA ND1 1 ? 
ATOM   130  C CD2 . HIS   A 1 15  ? -9.515  -5.242  5.698   1.000 27.381 0 15  HIS   AAA CD2 1 ? 
ATOM   131  C CE1 . HIS   A 1 15  ? -9.953  -3.208  6.351   1.000 25.233 0 15  HIS   AAA CE1 1 ? 
ATOM   132  N NE2 . HIS   A 1 15  ? -10.441 -4.234  5.726   1.000 27.444 0 15  HIS   AAA NE2 1 ? 
ATOM   133  N N   . GLY   A 1 16  ? -5.425  -7.907  8.717   1.000 20.444 0 16  GLY   AAA N   1 ? 
ATOM   134  C CA  . GLY   A 1 16  ? -4.464  -9.015  8.778   1.000 21.839 0 16  GLY   AAA CA  1 ? 
ATOM   135  C C   . GLY   A 1 16  ? -3.067  -8.667  8.277   1.000 22.551 0 16  GLY   AAA C   1 ? 
ATOM   136  O O   . GLY   A 1 16  ? -2.351  -9.622  7.924   1.000 23.808 0 16  GLY   AAA O   1 ? 
ATOM   137  N N   . LEU   A 1 17  ? -2.671  -7.382  8.219   1.000 20.203 0 17  LEU   AAA N   1 ? 
ATOM   138  C CA  . LEU   A 1 17  ? -1.289  -7.049  7.751   1.000 18.739 0 17  LEU   AAA CA  1 ? 
ATOM   139  C C   . LEU   A 1 17  ? -0.252  -7.260  8.830   1.000 21.360 0 17  LEU   AAA C   1 ? 
ATOM   140  O O   . LEU   A 1 17  ? 0.930   -7.364  8.445   1.000 20.445 0 17  LEU   AAA O   1 ? 
ATOM   141  C CB  . LEU   A 1 17  ? -1.227  -5.613  7.242   1.000 19.329 0 17  LEU   AAA CB  1 ? 
ATOM   142  C CG  . LEU   A 1 17  ? -1.856  -5.438  5.872   1.000 19.006 0 17  LEU   AAA CG  1 ? 
ATOM   143  C CD1 . LEU   A 1 17  ? -1.738  -3.980  5.490   1.000 18.109 0 17  LEU   AAA CD1 1 ? 
ATOM   144  C CD2 . LEU   A 1 17  ? -1.214  -6.329  4.803   1.000 19.511 0 17  LEU   AAA CD2 1 ? 
ATOM   145  N N   . ASP   A 1 18  ? -0.567  -7.227  10.122  1.000 20.156 0 18  ASP   AAA N   1 ? 
ATOM   146  C CA  . ASP   A 1 18  ? 0.490   -7.362  11.157  1.000 21.119 0 18  ASP   AAA CA  1 ? 
ATOM   147  C C   . ASP   A 1 18  ? 1.165   -8.720  11.009  1.000 24.536 0 18  ASP   AAA C   1 ? 
ATOM   148  O O   . ASP   A 1 18  ? 0.524   -9.753  11.176  1.000 23.644 0 18  ASP   AAA O   1 ? 
ATOM   149  C CB  . ASP   A 1 18  ? -0.016  -7.182  12.592  1.000 23.428 0 18  ASP   AAA CB  1 ? 
ATOM   150  C CG  . ASP   A 1 18  ? 1.036   -7.157  13.708  1.000 25.903 0 18  ASP   AAA CG  1 ? 
ATOM   151  O OD1 . ASP   A 1 18  ? 2.258   -6.732  13.521  1.000 24.167 0 18  ASP   AAA OD1 1 ? 
ATOM   152  O OD2 . ASP   A 1 18  ? 0.593   -7.414  14.871  1.000 31.099 0 18  ASP   AAA OD2 1 ? 
ATOM   153  N N   A ASN   A 1 19  ? 2.443   -8.771  10.628  0.500 21.841 0 19  ASN   AAA N   1 ? 
ATOM   154  N N   B ASN   A 1 19  ? 2.447   -8.615  10.693  0.500 22.533 0 19  ASN   AAA N   1 ? 
ATOM   155  C CA  A ASN   A 1 19  ? 3.228   -10.034 10.474  0.500 20.735 0 19  ASN   AAA CA  1 ? 
ATOM   156  C CA  B ASN   A 1 19  ? 3.402   -9.723  10.502  0.500 21.893 0 19  ASN   AAA CA  1 ? 
ATOM   157  C C   A ASN   A 1 19  ? 2.891   -10.749 9.176   0.500 19.784 0 19  ASN   AAA C   1 ? 
ATOM   158  C C   B ASN   A 1 19  ? 2.990   -10.593 9.303   0.500 20.373 0 19  ASN   AAA C   1 ? 
ATOM   159  O O   A ASN   A 1 19  ? 3.223   -11.922 8.949   0.500 17.475 0 19  ASN   AAA O   1 ? 
ATOM   160  O O   B ASN   A 1 19  ? 3.504   -11.725 9.324   0.500 19.167 0 19  ASN   AAA O   1 ? 
ATOM   161  C CB  A ASN   A 1 19  ? 3.000   -10.994 11.641  0.500 20.464 0 19  ASN   AAA CB  1 ? 
ATOM   162  C CB  B ASN   A 1 19  ? 3.655   -10.456 11.829  0.500 23.735 0 19  ASN   AAA CB  1 ? 
ATOM   163  C CG  A ASN   A 1 19  ? 3.202   -10.270 12.953  0.500 24.297 0 19  ASN   AAA CG  1 ? 
ATOM   164  C CG  B ASN   A 1 19  ? 4.690   -9.723  12.659  0.500 26.167 0 19  ASN   AAA CG  1 ? 
ATOM   165  O OD1 A ASN   A 1 19  ? 4.142   -9.500  13.069  0.500 27.967 0 19  ASN   AAA OD1 1 ? 
ATOM   166  O OD1 B ASN   A 1 19  ? 4.360   -9.058  13.645  0.500 32.306 0 19  ASN   AAA OD1 1 ? 
ATOM   167  N ND2 A ASN   A 1 19  ? 2.290   -10.437 13.904  0.500 23.381 0 19  ASN   AAA ND2 1 ? 
ATOM   168  N ND2 B ASN   A 1 19  ? 5.941   -9.766  12.221  0.500 25.360 0 19  ASN   AAA ND2 1 ? 
ATOM   169  N N   . TYR   A 1 20  ? 2.226   -10.071 8.288   1.000 19.044 0 20  TYR   AAA N   1 ? 
ATOM   170  C CA  . TYR   A 1 20  ? 1.890   -10.719 7.011   1.000 19.206 0 20  TYR   AAA CA  1 ? 
ATOM   171  C C   . TYR   A 1 20  ? 3.197   -10.879 6.227   1.000 20.103 0 20  TYR   AAA C   1 ? 
ATOM   172  O O   . TYR   A 1 20  ? 3.961   -9.904  6.064   1.000 17.611 0 20  TYR   AAA O   1 ? 
ATOM   173  C CB  . TYR   A 1 20  ? 0.852   -9.925  6.232   1.000 18.603 0 20  TYR   AAA CB  1 ? 
ATOM   174  C CG  . TYR   A 1 20  ? 0.313   -10.704 5.081   1.000 19.546 0 20  TYR   AAA CG  1 ? 
ATOM   175  C CD1 . TYR   A 1 20  ? -0.738  -11.595 5.262   1.000 21.544 0 20  TYR   AAA CD1 1 ? 
ATOM   176  C CD2 . TYR   A 1 20  ? 0.864   -10.617 3.817   1.000 19.983 0 20  TYR   AAA CD2 1 ? 
ATOM   177  C CE1 . TYR   A 1 20  ? -1.227  -12.351 4.213   1.000 22.801 0 20  TYR   AAA CE1 1 ? 
ATOM   178  C CE2 . TYR   A 1 20  ? 0.371   -11.357 2.762   1.000 20.879 0 20  TYR   AAA CE2 1 ? 
ATOM   179  C CZ  . TYR   A 1 20  ? -0.661  -12.253 2.954   1.000 23.308 0 20  TYR   AAA CZ  1 ? 
ATOM   180  O OH  . TYR   A 1 20  ? -1.160  -12.950 1.890   1.000 26.999 0 20  TYR   AAA OH  1 ? 
ATOM   181  N N   . ARG   A 1 21  ? 3.538   -12.119 5.902   1.000 21.262 0 21  ARG   AAA N   1 ? 
ATOM   182  C CA  . ARG   A 1 21  ? 4.845   -12.495 5.286   1.000 23.987 0 21  ARG   AAA CA  1 ? 
ATOM   183  C C   . ARG   A 1 21  ? 6.006   -12.019 6.172   1.000 20.556 0 21  ARG   AAA C   1 ? 
ATOM   184  O O   . ARG   A 1 21  ? 7.120   -11.770 5.648   1.000 21.854 0 21  ARG   AAA O   1 ? 
ATOM   185  C CB  . ARG   A 1 21  ? 4.997   -11.939 3.869   1.000 25.183 0 21  ARG   AAA CB  1 ? 
ATOM   186  C CG  . ARG   A 1 21  ? 4.084   -12.589 2.833   1.000 28.188 0 21  ARG   AAA CG  1 ? 
ATOM   187  C CD  . ARG   A 1 21  ? 4.216   -14.101 2.843   1.000 33.815 0 21  ARG   AAA CD  1 ? 
ATOM   188  N NE  . ARG   A 1 21  ? 3.820   -14.710 1.585   1.000 43.995 0 21  ARG   AAA NE  1 ? 
ATOM   189  C CZ  . ARG   A 1 21  ? 2.672   -15.327 1.357   1.000 45.886 0 21  ARG   AAA CZ  1 ? 
ATOM   190  N NH1 . ARG   A 1 21  ? 1.744   -15.390 2.298   1.000 51.382 0 21  ARG   AAA NH1 1 ? 
ATOM   191  N NH2 . ARG   A 1 21  ? 2.450   -15.878 0.175   1.000 49.342 0 21  ARG   AAA NH2 1 ? 
ATOM   192  N N   . GLY   A 1 22  ? 5.835   -11.960 7.487   1.000 19.401 0 22  GLY   AAA N   1 ? 
ATOM   193  C CA  . GLY   A 1 22  ? 6.856   -11.596 8.472   1.000 20.708 0 22  GLY   AAA CA  1 ? 
ATOM   194  C C   . GLY   A 1 22  ? 7.125   -10.107 8.622   1.000 16.227 0 22  GLY   AAA C   1 ? 
ATOM   195  O O   . GLY   A 1 22  ? 8.007   -9.718  9.349   1.000 18.068 0 22  GLY   AAA O   1 ? 
ATOM   196  N N   . TYR   A 1 23  ? 6.305   -9.256  7.959   1.000 16.643 0 23  TYR   AAA N   1 ? 
ATOM   197  C CA  . TYR   A 1 23  ? 6.419   -7.779  8.089   1.000 15.116 0 23  TYR   AAA CA  1 ? 
ATOM   198  C C   . TYR   A 1 23  ? 5.516   -7.264  9.218   1.000 15.421 0 23  TYR   AAA C   1 ? 
ATOM   199  O O   . TYR   A 1 23  ? 4.286   -7.270  9.055   1.000 15.785 0 23  TYR   AAA O   1 ? 
ATOM   200  C CB  . TYR   A 1 23  ? 6.119   -7.114  6.743   1.000 14.573 0 23  TYR   AAA CB  1 ? 
ATOM   201  C CG  . TYR   A 1 23  ? 7.126   -7.413  5.667   1.000 13.159 0 23  TYR   AAA CG  1 ? 
ATOM   202  C CD1 . TYR   A 1 23  ? 8.284   -6.679  5.526   1.000 13.245 0 23  TYR   AAA CD1 1 ? 
ATOM   203  C CD2 . TYR   A 1 23  ? 6.944   -8.477  4.827   1.000 13.794 0 23  TYR   AAA CD2 1 ? 
ATOM   204  C CE1 . TYR   A 1 23  ? 9.229   -6.968  4.565   1.000 12.453 0 23  TYR   AAA CE1 1 ? 
ATOM   205  C CE2 . TYR   A 1 23  ? 7.860   -8.773  3.816   1.000 12.620 0 23  TYR   AAA CE2 1 ? 
ATOM   206  C CZ  . TYR   A 1 23  ? 8.985   -7.991  3.693   1.000 13.148 0 23  TYR   AAA CZ  1 ? 
ATOM   207  O OH  . TYR   A 1 23  ? 9.907   -8.230  2.707   1.000 14.027 0 23  TYR   AAA OH  1 ? 
ATOM   208  N N   . SER   A 1 24  ? 6.141   -6.795  10.268  1.000 15.760 0 24  SER   AAA N   1 ? 
ATOM   209  C CA  . SER   A 1 24  ? 5.412   -6.267  11.445  1.000 16.454 0 24  SER   AAA CA  1 ? 
ATOM   210  C C   . SER   A 1 24  ? 4.555   -5.085  11.011  1.000 14.522 0 24  SER   AAA C   1 ? 
ATOM   211  O O   . SER   A 1 24  ? 4.906   -4.363  10.016  1.000 14.731 0 24  SER   AAA O   1 ? 
ATOM   212  C CB  . SER   A 1 24  ? 6.376   -5.868  12.557  1.000 18.572 0 24  SER   AAA CB  1 ? 
ATOM   213  O OG  . SER   A 1 24  ? 7.192   -4.788  12.168  1.000 20.437 0 24  SER   AAA OG  1 ? 
ATOM   214  N N   . LEU   A 1 25  ? 3.542   -4.753  11.795  1.000 14.147 0 25  LEU   AAA N   1 ? 
ATOM   215  C CA  . LEU   A 1 25  ? 2.557   -3.697  11.468  1.000 14.300 0 25  LEU   AAA CA  1 ? 
ATOM   216  C C   . LEU   A 1 25  ? 3.272   -2.377  11.228  1.000 13.949 0 25  LEU   AAA C   1 ? 
ATOM   217  O O   . LEU   A 1 25  ? 2.869   -1.610  10.299  1.000 13.390 0 25  LEU   AAA O   1 ? 
ATOM   218  C CB  . LEU   A 1 25  ? 1.581   -3.595  12.653  1.000 14.047 0 25  LEU   AAA CB  1 ? 
ATOM   219  C CG  . LEU   A 1 25  ? 0.390   -2.663  12.387  1.000 14.361 0 25  LEU   AAA CG  1 ? 
ATOM   220  C CD1 . LEU   A 1 25  ? -0.434  -3.116  11.198  1.000 17.482 0 25  LEU   AAA CD1 1 ? 
ATOM   221  C CD2 . LEU   A 1 25  ? -0.474  -2.635  13.646  1.000 14.941 0 25  LEU   AAA CD2 1 ? 
ATOM   222  N N   . GLY   A 1 26  ? 4.286   -2.020  11.966  1.000 13.834 0 26  GLY   AAA N   1 ? 
ATOM   223  C CA  . GLY   A 1 26  ? 4.964   -0.738  11.788  1.000 13.759 0 26  GLY   AAA CA  1 ? 
ATOM   224  C C   . GLY   A 1 26  ? 5.548   -0.580  10.382  1.000 12.894 0 26  GLY   AAA C   1 ? 
ATOM   225  O O   . GLY   A 1 26  ? 5.639   0.557   9.900   1.000 12.917 0 26  GLY   AAA O   1 ? 
ATOM   226  N N   . ASN   A 1 27  ? 5.978   -1.664  9.763   1.000 12.347 0 27  ASN   AAA N   1 ? 
ATOM   227  C CA  . ASN   A 1 27  ? 6.452   -1.596  8.350   1.000 12.357 0 27  ASN   AAA CA  1 ? 
ATOM   228  C C   . ASN   A 1 27  ? 5.353   -1.054  7.428   1.000 11.497 0 27  ASN   AAA C   1 ? 
ATOM   229  O O   . ASN   A 1 27  ? 5.667   -0.243  6.526   1.000 11.937 0 27  ASN   AAA O   1 ? 
ATOM   230  C CB  . ASN   A 1 27  ? 6.900   -2.949  7.829   1.000 11.778 0 27  ASN   AAA CB  1 ? 
ATOM   231  C CG  . ASN   A 1 27  ? 8.251   -3.340  8.373   1.000 12.511 0 27  ASN   AAA CG  1 ? 
ATOM   232  O OD1 . ASN   A 1 27  ? 9.259   -2.812  7.987   1.000 12.875 0 27  ASN   AAA OD1 1 ? 
ATOM   233  N ND2 . ASN   A 1 27  ? 8.237   -4.202  9.394   1.000 15.220 0 27  ASN   AAA ND2 1 ? 
ATOM   234  N N   . TRP   A 1 28  ? 4.156   -1.530  7.625   1.000 11.387 0 28  TRP   AAA N   1 ? 
ATOM   235  C CA  . TRP   A 1 28  ? 3.017   -1.163  6.748   1.000 11.848 0 28  TRP   AAA CA  1 ? 
ATOM   236  C C   . TRP   A 1 28  ? 2.575   0.268   7.022   1.000 11.496 0 28  TRP   AAA C   1 ? 
ATOM   237  O O   . TRP   A 1 28  ? 2.241   1.011   6.074   1.000 12.255 0 28  TRP   AAA O   1 ? 
ATOM   238  C CB  . TRP   A 1 28  ? 1.875   -2.122  6.992   1.000 12.610 0 28  TRP   AAA CB  1 ? 
ATOM   239  C CG  . TRP   A 1 28  ? 2.227   -3.518  6.630   1.000 12.511 0 28  TRP   AAA CG  1 ? 
ATOM   240  C CD1 . TRP   A 1 28  ? 2.536   -4.551  7.459   1.000 13.134 0 28  TRP   AAA CD1 1 ? 
ATOM   241  C CD2 . TRP   A 1 28  ? 2.271   -4.059  5.303   1.000 12.105 0 28  TRP   AAA CD2 1 ? 
ATOM   242  N NE1 . TRP   A 1 28  ? 2.802   -5.661  6.722   1.000 14.220 0 28  TRP   AAA NE1 1 ? 
ATOM   243  C CE2 . TRP   A 1 28  ? 2.664   -5.409  5.403   1.000 13.172 0 28  TRP   AAA CE2 1 ? 
ATOM   244  C CE3 . TRP   A 1 28  ? 2.036   -3.502  4.034   1.000 13.905 0 28  TRP   AAA CE3 1 ? 
ATOM   245  C CZ2 . TRP   A 1 28  ? 2.763   -6.226  4.272   1.000 14.345 0 28  TRP   AAA CZ2 1 ? 
ATOM   246  C CZ3 . TRP   A 1 28  ? 2.170   -4.291  2.913   1.000 14.911 0 28  TRP   AAA CZ3 1 ? 
ATOM   247  C CH2 . TRP   A 1 28  ? 2.528   -5.644  3.047   1.000 15.830 0 28  TRP   AAA CH2 1 ? 
ATOM   248  N N   . VAL   A 1 29  ? 2.576   0.689   8.292   1.000 11.975 0 29  VAL   AAA N   1 ? 
ATOM   249  C CA  . VAL   A 1 29  ? 2.218   2.088   8.641   1.000 11.816 0 29  VAL   AAA CA  1 ? 
ATOM   250  C C   . VAL   A 1 29  ? 3.274   3.046   8.086   1.000 12.101 0 29  VAL   AAA C   1 ? 
ATOM   251  O O   . VAL   A 1 29  ? 2.959   4.071   7.504   1.000 12.412 0 29  VAL   AAA O   1 ? 
ATOM   252  C CB  . VAL   A 1 29  ? 2.018   2.221   10.161  1.000 12.254 0 29  VAL   AAA CB  1 ? 
ATOM   253  C CG1 . VAL   A 1 29  ? 1.717   3.674   10.499  1.000 13.497 0 29  VAL   AAA CG1 1 ? 
ATOM   254  C CG2 . VAL   A 1 29  ? 0.884   1.346   10.638  1.000 13.419 0 29  VAL   AAA CG2 1 ? 
ATOM   255  N N   . CYS   A 1 30  ? 4.549   2.705   8.280   1.000 11.950 0 30  CYS   AAA N   1 ? 
ATOM   256  C CA  . CYS   A 1 30  ? 5.656   3.513   7.728   1.000 11.877 0 30  CYS   AAA CA  1 ? 
ATOM   257  C C   . CYS   A 1 30  ? 5.548   3.612   6.200   1.000 11.561 0 30  CYS   AAA C   1 ? 
ATOM   258  O O   . CYS   A 1 30  ? 5.693   4.701   5.636   1.000 11.978 0 30  CYS   AAA O   1 ? 
ATOM   259  C CB  . CYS   A 1 30  ? 6.988   2.895   8.162   1.000 12.590 0 30  CYS   AAA CB  1 ? 
ATOM   260  S SG  . CYS   A 1 30  ? 8.439   3.855   7.677   1.000 13.688 0 30  CYS   AAA SG  1 ? 
ATOM   261  N N   . ALA   A 1 31  ? 5.270   2.530   5.547   1.000 11.562 0 31  ALA   AAA N   1 ? 
ATOM   262  C CA  . ALA   A 1 31  ? 5.145   2.518   4.077   1.000 11.680 0 31  ALA   AAA CA  1 ? 
ATOM   263  C C   . ALA   A 1 31  ? 4.017   3.459   3.696   1.000 11.640 0 31  ALA   AAA C   1 ? 
ATOM   264  O O   . ALA   A 1 31  ? 4.166   4.272   2.746   1.000 12.414 0 31  ALA   AAA O   1 ? 
ATOM   265  C CB  . ALA   A 1 31  ? 4.894   1.155   3.554   1.000 12.746 0 31  ALA   AAA CB  1 ? 
ATOM   266  N N   . ALA   A 1 32  ? 2.870   3.332   4.327   1.000 11.244 0 32  ALA   AAA N   1 ? 
ATOM   267  C CA  . ALA   A 1 32  ? 1.724   4.205   3.958   1.000 11.605 0 32  ALA   AAA CA  1 ? 
ATOM   268  C C   . ALA   A 1 32  ? 2.094   5.658   4.205   1.000 11.760 0 32  ALA   AAA C   1 ? 
ATOM   269  O O   . ALA   A 1 32  ? 1.646   6.557   3.449   1.000 12.517 0 32  ALA   AAA O   1 ? 
ATOM   270  C CB  . ALA   A 1 32  ? 0.493   3.819   4.744   1.000 12.683 0 32  ALA   AAA CB  1 ? 
ATOM   271  N N   . LYS   A 1 33  ? 2.759   5.978   5.297   1.000 11.911 0 33  LYS   AAA N   1 ? 
ATOM   272  C CA  . LYS   A 1 33  ? 3.109   7.363   5.591   1.000 12.595 0 33  LYS   AAA CA  1 ? 
ATOM   273  C C   . LYS   A 1 33  ? 3.902   7.933   4.442   1.000 12.908 0 33  LYS   AAA C   1 ? 
ATOM   274  O O   . LYS   A 1 33  ? 3.592   9.040   3.929   1.000 14.030 0 33  LYS   AAA O   1 ? 
ATOM   275  C CB  . LYS   A 1 33  ? 3.944   7.473   6.864   1.000 14.495 0 33  LYS   AAA CB  1 ? 
ATOM   276  C CG  . LYS   A 1 33  ? 4.614   8.813   7.087   1.000 18.676 0 33  LYS   AAA CG  1 ? 
ATOM   277  C CD  . LYS   A 1 33  ? 3.668   9.899   7.334   1.000 22.332 0 33  LYS   AAA CD  1 ? 
ATOM   278  C CE  . LYS   A 1 33  ? 4.382   11.234  7.421   1.000 26.664 0 33  LYS   AAA CE  1 ? 
ATOM   279  N NZ  . LYS   A 1 33  ? 3.404   12.293  7.742   1.000 30.165 0 33  LYS   AAA NZ  1 ? 
ATOM   280  N N   . PHE   A 1 34  ? 4.941   7.252   4.010   1.000 12.369 0 34  PHE   AAA N   1 ? 
ATOM   281  C CA  . PHE   A 1 34  ? 5.863   7.810   2.994   1.000 13.429 0 34  PHE   AAA CA  1 ? 
ATOM   282  C C   . PHE   A 1 34  ? 5.375   7.550   1.575   1.000 13.941 0 34  PHE   AAA C   1 ? 
ATOM   283  O O   . PHE   A 1 34  ? 5.865   8.275   0.685   1.000 17.176 0 34  PHE   AAA O   1 ? 
ATOM   284  C CB  . PHE   A 1 34  ? 7.287   7.332   3.246   1.000 13.257 0 34  PHE   AAA CB  1 ? 
ATOM   285  C CG  . PHE   A 1 34  ? 7.813   7.836   4.561   1.000 13.736 0 34  PHE   AAA CG  1 ? 
ATOM   286  C CD1 . PHE   A 1 34  ? 7.860   9.183   4.860   1.000 13.809 0 34  PHE   AAA CD1 1 ? 
ATOM   287  C CD2 . PHE   A 1 34  ? 8.342   6.971   5.492   1.000 16.528 0 34  PHE   AAA CD2 1 ? 
ATOM   288  C CE1 . PHE   A 1 34  ? 8.378   9.643   6.057   1.000 15.118 0 34  PHE   AAA CE1 1 ? 
ATOM   289  C CE2 . PHE   A 1 34  ? 8.863   7.449   6.702   1.000 17.800 0 34  PHE   AAA CE2 1 ? 
ATOM   290  C CZ  . PHE   A 1 34  ? 8.878   8.791   6.985   1.000 16.644 0 34  PHE   AAA CZ  1 ? 
ATOM   291  N N   . GLU   A 1 35  ? 4.475   6.657   1.338   1.000 12.141 0 35  GLU   AAA N   1 ? 
ATOM   292  C CA  . GLU   A 1 35  ? 3.886   6.461   -0.013  1.000 12.467 0 35  GLU   AAA CA  1 ? 
ATOM   293  C C   . GLU   A 1 35  ? 2.796   7.500   -0.224  1.000 13.005 0 35  GLU   AAA C   1 ? 
ATOM   294  O O   . GLU   A 1 35  ? 2.741   8.070   -1.337  1.000 14.409 0 35  GLU   AAA O   1 ? 
ATOM   295  C CB  . GLU   A 1 35  ? 3.344   5.047   -0.127  1.000 13.312 0 35  GLU   AAA CB  1 ? 
ATOM   296  C CG  . GLU   A 1 35  ? 4.395   3.971   -0.306  1.000 13.954 0 35  GLU   AAA CG  1 ? 
ATOM   297  C CD  . GLU   A 1 35  ? 5.200   3.972   -1.601  1.000 16.674 0 35  GLU   AAA CD  1 ? 
ATOM   298  O OE1 . GLU   A 1 35  ? 4.911   4.807   -2.470  1.000 20.287 0 35  GLU   AAA OE1 1 ? 
ATOM   299  O OE2 . GLU   A 1 35  ? 6.244   3.238   -1.679  1.000 18.246 0 35  GLU   AAA OE2 1 ? 
ATOM   300  N N   . SER   A 1 36  ? 1.892   7.724   0.723   1.000 13.084 0 36  SER   AAA N   1 ? 
ATOM   301  C CA  . SER   A 1 36  ? 0.634   8.473   0.478   1.000 13.521 0 36  SER   AAA CA  1 ? 
ATOM   302  C C   . SER   A 1 36  ? 0.364   9.533   1.509   1.000 13.987 0 36  SER   AAA C   1 ? 
ATOM   303  O O   . SER   A 1 36  ? -0.676  10.206  1.381   1.000 14.439 0 36  SER   AAA O   1 ? 
ATOM   304  C CB  . SER   A 1 36  ? -0.514  7.570   0.446   1.000 12.881 0 36  SER   AAA CB  1 ? 
ATOM   305  O OG  . SER   A 1 36  ? -0.762  7.024   1.755   1.000 12.802 0 36  SER   AAA OG  1 ? 
ATOM   306  N N   . ASN   A 1 37  ? 1.187   9.689   2.541   1.000 14.017 0 37  ASN   AAA N   1 ? 
ATOM   307  C CA  . ASN   A 1 37  ? 0.848   10.576  3.667   1.000 14.561 0 37  ASN   AAA CA  1 ? 
ATOM   308  C C   . ASN   A 1 37  ? -0.450  10.159  4.304   1.000 14.308 0 37  ASN   AAA C   1 ? 
ATOM   309  O O   . ASN   A 1 37  ? -1.183  11.031  4.815   1.000 16.152 0 37  ASN   AAA O   1 ? 
ATOM   310  C CB  . ASN   A 1 37  ? 0.922   12.050  3.268   1.000 19.877 0 37  ASN   AAA CB  1 ? 
ATOM   311  C CG  . ASN   A 1 37  ? 1.284   12.939  4.431   1.000 26.745 0 37  ASN   AAA CG  1 ? 
ATOM   312  O OD1 . ASN   A 1 37  ? 1.855   12.487  5.422   1.000 27.357 0 37  ASN   AAA OD1 1 ? 
ATOM   313  N ND2 . ASN   A 1 37  ? 0.895   14.206  4.358   1.000 31.540 0 37  ASN   AAA ND2 1 ? 
ATOM   314  N N   . PHE   A 1 38  ? -0.794  8.900   4.317   1.000 12.728 0 38  PHE   AAA N   1 ? 
ATOM   315  C CA  . PHE   A 1 38  ? -2.011  8.345   4.935   1.000 13.328 0 38  PHE   AAA CA  1 ? 
ATOM   316  C C   . PHE   A 1 38  ? -3.295  8.787   4.223   1.000 13.570 0 38  PHE   AAA C   1 ? 
ATOM   317  O O   . PHE   A 1 38  ? -4.371  8.648   4.766   1.000 13.727 0 38  PHE   AAA O   1 ? 
ATOM   318  C CB  . PHE   A 1 38  ? -2.125  8.709   6.422   1.000 13.912 0 38  PHE   AAA CB  1 ? 
ATOM   319  C CG  . PHE   A 1 38  ? -1.002  8.239   7.302   1.000 12.372 0 38  PHE   AAA CG  1 ? 
ATOM   320  C CD1 . PHE   A 1 38  ? -0.338  7.023   7.122   1.000 13.982 0 38  PHE   AAA CD1 1 ? 
ATOM   321  C CD2 . PHE   A 1 38  ? -0.624  9.004   8.388   1.000 14.705 0 38  PHE   AAA CD2 1 ? 
ATOM   322  C CE1 . PHE   A 1 38  ? 0.634   6.566   8.019   1.000 13.806 0 38  PHE   AAA CE1 1 ? 
ATOM   323  C CE2 . PHE   A 1 38  ? 0.367   8.570   9.278   1.000 15.078 0 38  PHE   AAA CE2 1 ? 
ATOM   324  C CZ  . PHE   A 1 38  ? 0.988   7.367   9.095   1.000 14.271 0 38  PHE   AAA CZ  1 ? 
ATOM   325  N N   . ASN   A 1 39  ? -3.166  9.192   2.970   1.000 13.491 0 39  ASN   AAA N   1 ? 
ATOM   326  C CA  . ASN   A 1 39  ? -4.304  9.731   2.176   1.000 13.513 0 39  ASN   AAA CA  1 ? 
ATOM   327  C C   . ASN   A 1 39  ? -4.781  8.667   1.189   1.000 12.856 0 39  ASN   AAA C   1 ? 
ATOM   328  O O   . ASN   A 1 39  ? -4.033  8.337   0.231   1.000 13.649 0 39  ASN   AAA O   1 ? 
ATOM   329  C CB  . ASN   A 1 39  ? -3.862  10.968  1.462   1.000 15.255 0 39  ASN   AAA CB  1 ? 
ATOM   330  C CG  . ASN   A 1 39  ? -4.988  11.646  0.684   1.000 14.239 0 39  ASN   AAA CG  1 ? 
ATOM   331  O OD1 . ASN   A 1 39  ? -6.094  11.204  0.628   1.000 14.130 0 39  ASN   AAA OD1 1 ? 
ATOM   332  N ND2 . ASN   A 1 39  ? -4.579  12.722  0.070   1.000 19.169 0 39  ASN   AAA ND2 1 ? 
ATOM   333  N N   . THR   A 1 40  ? -5.968  8.143   1.359   1.000 12.838 0 40  THR   AAA N   1 ? 
ATOM   334  C CA  . THR   A 1 40  ? -6.517  7.129   0.442   1.000 13.985 0 40  THR   AAA CA  1 ? 
ATOM   335  C C   . THR   A 1 40  ? -6.649  7.659   -0.998  1.000 13.961 0 40  THR   AAA C   1 ? 
ATOM   336  O O   . THR   A 1 40  ? -6.666  6.842   -1.920  1.000 14.048 0 40  THR   AAA O   1 ? 
ATOM   337  C CB  . THR   A 1 40  ? -7.844  6.530   0.904   1.000 14.622 0 40  THR   AAA CB  1 ? 
ATOM   338  O OG1 . THR   A 1 40  ? -8.851  7.543   0.803   1.000 17.407 0 40  THR   AAA OG1 1 ? 
ATOM   339  C CG2 . THR   A 1 40  ? -7.781  5.955   2.312   1.000 15.847 0 40  THR   AAA CG2 1 ? 
ATOM   340  N N   . GLN   A 1 41  ? -6.751  8.972   -1.177  1.000 12.274 0 41  GLN   AAA N   1 ? 
ATOM   341  C CA  . GLN   A 1 41  ? -7.033  9.541   -2.524  1.000 12.043 0 41  GLN   AAA CA  1 ? 
ATOM   342  C C   . GLN   A 1 41  ? -5.751  9.837   -3.269  1.000 12.338 0 41  GLN   AAA C   1 ? 
ATOM   343  O O   . GLN   A 1 41  ? -5.844  10.294  -4.422  1.000 13.962 0 41  GLN   AAA O   1 ? 
ATOM   344  C CB  . GLN   A 1 41  ? -7.879  10.802  -2.434  1.000 12.801 0 41  GLN   AAA CB  1 ? 
ATOM   345  C CG  . GLN   A 1 41  ? -9.230  10.505  -1.843  1.000 14.311 0 41  GLN   AAA CG  1 ? 
ATOM   346  C CD  . GLN   A 1 41  ? -10.214 11.619  -2.090  1.000 15.286 0 41  GLN   AAA CD  1 ? 
ATOM   347  O OE1 . GLN   A 1 41  ? -10.722 11.801  -3.215  1.000 17.817 0 41  GLN   AAA OE1 1 ? 
ATOM   348  N NE2 . GLN   A 1 41  ? -10.402 12.465  -1.114  1.000 15.726 0 41  GLN   AAA NE2 1 ? 
ATOM   349  N N   . ALA   A 1 42  ? -4.555  9.600   -2.710  1.000 12.383 0 42  ALA   AAA N   1 ? 
ATOM   350  C CA  . ALA   A 1 42  ? -3.293  9.950   -3.362  1.000 12.832 0 42  ALA   AAA CA  1 ? 
ATOM   351  C C   . ALA   A 1 42  ? -3.155  9.186   -4.696  1.000 11.997 0 42  ALA   AAA C   1 ? 
ATOM   352  O O   . ALA   A 1 42  ? -3.353  7.983   -4.795  1.000 12.406 0 42  ALA   AAA O   1 ? 
ATOM   353  C CB  . ALA   A 1 42  ? -2.149  9.575   -2.474  1.000 13.483 0 42  ALA   AAA CB  1 ? 
ATOM   354  N N   . THR   A 1 43  ? -2.722  9.932   -5.715  1.000 12.533 0 43  THR   AAA N   1 ? 
ATOM   355  C CA  . THR   A 1 43  ? -2.392  9.382   -7.051  1.000 12.049 0 43  THR   AAA CA  1 ? 
ATOM   356  C C   . THR   A 1 43  ? -1.113  10.017  -7.514  1.000 13.686 0 43  THR   AAA C   1 ? 
ATOM   357  O O   . THR   A 1 43  ? -0.932  11.247  -7.359  1.000 16.029 0 43  THR   AAA O   1 ? 
ATOM   358  C CB  . THR   A 1 43  ? -3.478  9.614   -8.103  1.000 13.665 0 43  THR   AAA CB  1 ? 
ATOM   359  O OG1 . THR   A 1 43  ? -3.702  11.017  -8.328  1.000 15.547 0 43  THR   AAA OG1 1 ? 
ATOM   360  C CG2 . THR   A 1 43  ? -4.781  8.948   -7.759  1.000 14.603 0 43  THR   AAA CG2 1 ? 
ATOM   361  N N   . ASN   A 1 44  ? -0.247  9.276   -8.187  1.000 12.822 0 44  ASN   AAA N   1 ? 
ATOM   362  C CA  . ASN   A 1 44  ? 1.015   9.820   -8.706  1.000 13.457 0 44  ASN   AAA CA  1 ? 
ATOM   363  C C   . ASN   A 1 44  ? 1.350   9.117   -10.020 1.000 13.978 0 44  ASN   AAA C   1 ? 
ATOM   364  O O   . ASN   A 1 44  ? 1.482   7.873   -10.045 1.000 14.411 0 44  ASN   AAA O   1 ? 
ATOM   365  C CB  . ASN   A 1 44  ? 2.153   9.703   -7.690  1.000 16.691 0 44  ASN   AAA CB  1 ? 
ATOM   366  C CG  . ASN   A 1 44  ? 1.927   10.553  -6.450  1.000 18.796 0 44  ASN   AAA CG  1 ? 
ATOM   367  O OD1 . ASN   A 1 44  ? 1.557   10.033  -5.370  1.000 23.095 0 44  ASN   AAA OD1 1 ? 
ATOM   368  N ND2 . ASN   A 1 44  ? 2.126   11.853  -6.550  1.000 20.527 0 44  ASN   AAA ND2 1 ? 
ATOM   369  N N   . ARG   A 1 45  ? 1.558   9.879   -11.060 1.000 15.192 0 45  ARG   AAA N   1 ? 
ATOM   370  C CA  . ARG   A 1 45  ? 1.975   9.372   -12.375 1.000 15.377 0 45  ARG   AAA CA  1 ? 
ATOM   371  C C   . ARG   A 1 45  ? 3.444   9.021   -12.318 1.000 16.879 0 45  ARG   AAA C   1 ? 
ATOM   372  O O   . ARG   A 1 45  ? 4.244   9.758   -11.772 1.000 20.167 0 45  ARG   AAA O   1 ? 
ATOM   373  C CB  . ARG   A 1 45  ? 1.723   10.459  -13.415 1.000 18.111 0 45  ARG   AAA CB  1 ? 
ATOM   374  C CG  . ARG   A 1 45  ? 1.912   9.971   -14.844 1.000 22.091 0 45  ARG   AAA CG  1 ? 
ATOM   375  C CD  . ARG   A 1 45  ? 0.611   9.323   -15.117 1.000 26.223 0 45  ARG   AAA CD  1 ? 
ATOM   376  N NE  . ARG   A 1 45  ? 0.368   8.631   -16.374 1.000 30.343 0 45  ARG   AAA NE  1 ? 
ATOM   377  C CZ  . ARG   A 1 45  ? -0.358  9.091   -17.385 1.000 29.416 0 45  ARG   AAA CZ  1 ? 
ATOM   378  N NH1 . ARG   A 1 45  ? -0.911  10.297  -17.386 1.000 32.678 0 45  ARG   AAA NH1 1 ? 
ATOM   379  N NH2 . ARG   A 1 45  ? -0.538  8.287   -18.398 1.000 25.011 0 45  ARG   AAA NH2 1 ? 
ATOM   380  N N   . ASN   A 1 46  ? 3.751   7.889   -12.922 1.000 15.110 0 46  ASN   AAA N   1 ? 
ATOM   381  C CA  . ASN   A 1 46  ? 5.152   7.427   -13.016 1.000 17.235 0 46  ASN   AAA CA  1 ? 
ATOM   382  C C   . ASN   A 1 46  ? 5.722   7.760   -14.404 1.000 17.196 0 46  ASN   AAA C   1 ? 
ATOM   383  O O   . ASN   A 1 46  ? 4.976   7.955   -15.364 1.000 17.425 0 46  ASN   AAA O   1 ? 
ATOM   384  C CB  . ASN   A 1 46  ? 5.203   5.920   -12.780 1.000 17.263 0 46  ASN   AAA CB  1 ? 
ATOM   385  C CG  . ASN   A 1 46  ? 4.537   5.502   -11.479 1.000 19.188 0 46  ASN   AAA CG  1 ? 
ATOM   386  O OD1 . ASN   A 1 46  ? 3.686   4.597   -11.418 1.000 22.668 0 46  ASN   AAA OD1 1 ? 
ATOM   387  N ND2 . ASN   A 1 46  ? 4.883   6.171   -10.422 1.000 21.379 0 46  ASN   AAA ND2 1 ? 
ATOM   388  N N   A THR   A 1 47  ? 7.048   7.798   -14.521 0.500 19.567 0 47  THR   AAA N   1 ? 
ATOM   389  N N   B THR   A 1 47  ? 7.054   7.733   -14.495 0.500 19.254 0 47  THR   AAA N   1 ? 
ATOM   390  C CA  A THR   A 1 47  ? 7.739   8.069   -15.816 0.500 19.969 0 47  THR   AAA CA  1 ? 
ATOM   391  C CA  B THR   A 1 47  ? 7.795   8.065   -15.743 0.500 19.938 0 47  THR   AAA CA  1 ? 
ATOM   392  C C   A THR   A 1 47  ? 7.223   7.124   -16.905 0.500 19.730 0 47  THR   AAA C   1 ? 
ATOM   393  C C   B THR   A 1 47  ? 7.386   7.110   -16.869 0.500 20.625 0 47  THR   AAA C   1 ? 
ATOM   394  O O   A THR   A 1 47  ? 6.996   7.569   -18.082 0.500 21.340 0 47  THR   AAA O   1 ? 
ATOM   395  O O   B THR   A 1 47  ? 7.386   7.562   -18.028 0.500 23.934 0 47  THR   AAA O   1 ? 
ATOM   396  C CB  A THR   A 1 47  ? 9.254   7.924   -15.662 0.500 22.799 0 47  THR   AAA CB  1 ? 
ATOM   397  C CB  B THR   A 1 47  ? 9.311   8.130   -15.502 0.500 21.686 0 47  THR   AAA CB  1 ? 
ATOM   398  O OG1 A THR   A 1 47  ? 9.545   6.539   -15.523 0.500 24.773 0 47  THR   AAA OG1 1 ? 
ATOM   399  O OG1 B THR   A 1 47  ? 9.540   9.130   -14.512 0.500 24.137 0 47  THR   AAA OG1 1 ? 
ATOM   400  C CG2 A THR   A 1 47  ? 9.793   8.644   -14.450 0.500 21.744 0 47  THR   AAA CG2 1 ? 
ATOM   401  C CG2 B THR   A 1 47  ? 10.097  8.482   -16.748 0.500 20.423 0 47  THR   AAA CG2 1 ? 
ATOM   402  N N   . ASP   A 1 48  ? 7.049   5.849   -16.565 1.000 19.848 0 48  ASP   AAA N   1 ? 
ATOM   403  C CA  . ASP   A 1 48  ? 6.744   4.821   -17.578 1.000 20.372 0 48  ASP   AAA CA  1 ? 
ATOM   404  C C   . ASP   A 1 48  ? 5.319   5.007   -18.105 1.000 20.371 0 48  ASP   AAA C   1 ? 
ATOM   405  O O   . ASP   A 1 48  ? 4.901   4.216   -18.941 1.000 22.624 0 48  ASP   AAA O   1 ? 
ATOM   406  C CB  . ASP   A 1 48  ? 7.066   3.437   -16.996 1.000 22.343 0 48  ASP   AAA CB  1 ? 
ATOM   407  C CG  . ASP   A 1 48  ? 6.023   2.911   -16.000 1.000 23.266 0 48  ASP   AAA CG  1 ? 
ATOM   408  O OD1 . ASP   A 1 48  ? 5.172   3.702   -15.522 1.000 20.593 0 48  ASP   AAA OD1 1 ? 
ATOM   409  O OD2 . ASP   A 1 48  ? 6.030   1.703   -15.729 1.000 26.681 0 48  ASP   AAA OD2 1 ? 
ATOM   410  N N   . GLY   A 1 49  ? 4.524   5.952   -17.556 1.000 18.854 0 49  GLY   AAA N   1 ? 
ATOM   411  C CA  . GLY   A 1 49  ? 3.135   6.224   -17.966 1.000 17.887 0 49  GLY   AAA CA  1 ? 
ATOM   412  C C   . GLY   A 1 49  ? 2.084   5.512   -17.109 1.000 15.804 0 49  GLY   AAA C   1 ? 
ATOM   413  O O   . GLY   A 1 49  ? 0.895   5.809   -17.223 1.000 18.802 0 49  GLY   AAA O   1 ? 
ATOM   414  N N   . SER   A 1 50  ? 2.529   4.597   -16.236 1.000 15.715 0 50  SER   AAA N   1 ? 
ATOM   415  C CA  . SER   A 1 50  ? 1.618   4.028   -15.226 1.000 15.341 0 50  SER   AAA CA  1 ? 
ATOM   416  C C   . SER   A 1 50  ? 1.345   5.086   -14.151 1.000 12.987 0 50  SER   AAA C   1 ? 
ATOM   417  O O   . SER   A 1 50  ? 1.995   6.136   -14.110 1.000 14.372 0 50  SER   AAA O   1 ? 
ATOM   418  C CB  . SER   A 1 50  ? 2.221   2.794   -14.637 1.000 14.771 0 50  SER   AAA CB  1 ? 
ATOM   419  O OG  . SER   A 1 50  ? 3.332   3.069   -13.869 1.000 15.097 0 50  SER   AAA OG  1 ? 
ATOM   420  N N   . THR   A 1 51  ? 0.431   4.745   -13.280 1.000 12.570 0 51  THR   AAA N   1 ? 
ATOM   421  C CA  . THR   A 1 51  ? 0.069   5.580   -12.113 1.000 12.369 0 51  THR   AAA CA  1 ? 
ATOM   422  C C   . THR   A 1 51  ? 0.058   4.667   -10.878 1.000 11.972 0 51  THR   AAA C   1 ? 
ATOM   423  O O   . THR   A 1 51  ? -0.390  3.537   -10.954 1.000 12.329 0 51  THR   AAA O   1 ? 
ATOM   424  C CB  . THR   A 1 51  ? -1.253  6.303   -12.381 1.000 12.353 0 51  THR   AAA CB  1 ? 
ATOM   425  O OG1 . THR   A 1 51  ? -1.136  7.079   -13.581 1.000 14.061 0 51  THR   AAA OG1 1 ? 
ATOM   426  C CG2 . THR   A 1 51  ? -1.670  7.236   -11.290 1.000 14.042 0 51  THR   AAA CG2 1 ? 
ATOM   427  N N   . ASP   A 1 52  ? 0.378   5.304   -9.753  1.000 12.368 0 52  ASP   AAA N   1 ? 
ATOM   428  C CA  . ASP   A 1 52  ? 0.274   4.670   -8.414  1.000 12.327 0 52  ASP   AAA CA  1 ? 
ATOM   429  C C   . ASP   A 1 52  ? -0.943  5.207   -7.664  1.000 11.538 0 52  ASP   AAA C   1 ? 
ATOM   430  O O   . ASP   A 1 52  ? -1.201  6.440   -7.723  1.000 12.355 0 52  ASP   AAA O   1 ? 
ATOM   431  C CB  . ASP   A 1 52  ? 1.523   4.931   -7.572  1.000 14.149 0 52  ASP   AAA CB  1 ? 
ATOM   432  C CG  . ASP   A 1 52  ? 2.801   4.226   -7.990  1.000 17.115 0 52  ASP   AAA CG  1 ? 
ATOM   433  O OD1 . ASP   A 1 52  ? 2.739   3.317   -8.786  1.000 17.391 0 52  ASP   AAA OD1 1 ? 
ATOM   434  O OD2 . ASP   A 1 52  ? 3.848   4.591   -7.385  1.000 22.790 0 52  ASP   AAA OD2 1 ? 
ATOM   435  N N   . TYR   A 1 53  ? -1.729  4.349   -7.063  1.000 11.769 0 53  TYR   AAA N   1 ? 
ATOM   436  C CA  . TYR   A 1 53  ? -3.017  4.685   -6.470  1.000 11.843 0 53  TYR   AAA CA  1 ? 
ATOM   437  C C   . TYR   A 1 53  ? -3.135  4.318   -5.009  1.000 12.001 0 53  TYR   AAA C   1 ? 
ATOM   438  O O   . TYR   A 1 53  ? -2.855  3.172   -4.644  1.000 12.398 0 53  TYR   AAA O   1 ? 
ATOM   439  C CB  . TYR   A 1 53  ? -4.118  3.936   -7.227  1.000 12.142 0 53  TYR   AAA CB  1 ? 
ATOM   440  C CG  . TYR   A 1 53  ? -4.286  4.363   -8.662  1.000 12.449 0 53  TYR   AAA CG  1 ? 
ATOM   441  C CD1 . TYR   A 1 53  ? -3.508  3.792   -9.643  1.000 12.591 0 53  TYR   AAA CD1 1 ? 
ATOM   442  C CD2 . TYR   A 1 53  ? -5.177  5.381   -9.060  1.000 12.841 0 53  TYR   AAA CD2 1 ? 
ATOM   443  C CE1 . TYR   A 1 53  ? -3.636  4.180   -10.970 1.000 12.291 0 53  TYR   AAA CE1 1 ? 
ATOM   444  C CE2 . TYR   A 1 53  ? -5.306  5.778   -10.386 1.000 12.959 0 53  TYR   AAA CE2 1 ? 
ATOM   445  C CZ  . TYR   A 1 53  ? -4.489  5.208   -11.335 1.000 12.725 0 53  TYR   AAA CZ  1 ? 
ATOM   446  O OH  . TYR   A 1 53  ? -4.621  5.645   -12.638 1.000 13.295 0 53  TYR   AAA OH  1 ? 
ATOM   447  N N   . GLY   A 1 54  ? -3.658  5.244   -4.231  1.000 11.824 0 54  GLY   AAA N   1 ? 
ATOM   448  C CA  . GLY   A 1 54  ? -4.162  4.999   -2.890  1.000 12.198 0 54  GLY   AAA CA  1 ? 
ATOM   449  C C   . GLY   A 1 54  ? -3.079  4.947   -1.810  1.000 11.416 0 54  GLY   AAA C   1 ? 
ATOM   450  O O   . GLY   A 1 54  ? -1.994  5.429   -1.973  1.000 11.271 0 54  GLY   AAA O   1 ? 
ATOM   451  N N   . ILE   A 1 55  ? -3.545  4.523   -0.645  1.000 13.158 0 55  ILE   AAA N   1 ? 
ATOM   452  C CA  . ILE   A 1 55  ? -2.764  4.596   0.613   1.000 14.691 0 55  ILE   AAA CA  1 ? 
ATOM   453  C C   . ILE   A 1 55  ? -1.426  3.846   0.538   1.000 13.807 0 55  ILE   AAA C   1 ? 
ATOM   454  O O   . ILE   A 1 55  ? -0.480  4.256   1.165   1.000 14.596 0 55  ILE   AAA O   1 ? 
ATOM   455  C CB  . ILE   A 1 55  ? -3.711  4.115   1.727   1.000 19.835 0 55  ILE   AAA CB  1 ? 
ATOM   456  C CG1 . ILE   A 1 55  ? -3.167  4.532   3.102   1.000 25.223 0 55  ILE   AAA CG1 1 ? 
ATOM   457  C CG2 . ILE   A 1 55  ? -3.989  2.632   1.622   1.000 20.781 0 55  ILE   AAA CG2 1 ? 
ATOM   458  C CD1 . ILE   A 1 55  ? -4.139  5.114   4.076   1.000 24.967 0 55  ILE   AAA CD1 1 ? 
ATOM   459  N N   . LEU   A 1 56  ? -1.330  2.857   -0.342  1.000 13.478 0 56  LEU   AAA N   1 ? 
ATOM   460  C CA  . LEU   A 1 56  ? -0.102  2.051   -0.545  1.000 13.901 0 56  LEU   AAA CA  1 ? 
ATOM   461  C C   . LEU   A 1 56  ? 0.406   2.218   -1.976  1.000 14.438 0 56  LEU   AAA C   1 ? 
ATOM   462  O O   . LEU   A 1 56  ? 1.312   1.455   -2.429  1.000 15.343 0 56  LEU   AAA O   1 ? 
ATOM   463  C CB  . LEU   A 1 56  ? -0.292  0.598   -0.127  1.000 14.530 0 56  LEU   AAA CB  1 ? 
ATOM   464  C CG  . LEU   A 1 56  ? -0.264  0.404   1.407   1.000 15.336 0 56  LEU   AAA CG  1 ? 
ATOM   465  C CD1 . LEU   A 1 56  ? -0.636  -1.052  1.714   1.000 17.988 0 56  LEU   AAA CD1 1 ? 
ATOM   466  C CD2 . LEU   A 1 56  ? 1.113   0.735   2.022   1.000 17.534 0 56  LEU   AAA CD2 1 ? 
ATOM   467  N N   . GLN   A 1 57  ? -0.090  3.219   -2.733  1.000 13.428 0 57  GLN   AAA N   1 ? 
ATOM   468  C CA  . GLN   A 1 57  ? 0.524   3.588   -4.033  1.000 13.302 0 57  GLN   AAA CA  1 ? 
ATOM   469  C C   . GLN   A 1 57  ? 0.725   2.343   -4.917  1.000 12.518 0 57  GLN   AAA C   1 ? 
ATOM   470  O O   . GLN   A 1 57  ? 1.848   2.117   -5.412  1.000 15.068 0 57  GLN   AAA O   1 ? 
ATOM   471  C CB  . GLN   A 1 57  ? 1.750   4.419   -3.784  1.000 13.431 0 57  GLN   AAA CB  1 ? 
ATOM   472  C CG  . GLN   A 1 57  ? 1.420   5.783   -3.218  1.000 13.224 0 57  GLN   AAA CG  1 ? 
ATOM   473  C CD  . GLN   A 1 57  ? 0.746   6.648   -4.243  1.000 12.552 0 57  GLN   AAA CD  1 ? 
ATOM   474  O OE1 . GLN   A 1 57  ? 1.404   7.237   -5.097  1.000 14.770 0 57  GLN   AAA OE1 1 ? 
ATOM   475  N NE2 . GLN   A 1 57  ? -0.580  6.737   -4.163  1.000 12.920 0 57  GLN   AAA NE2 1 ? 
ATOM   476  N N   . ILE   A 1 58  ? -0.345  1.646   -5.182  1.000 12.622 0 58  ILE   AAA N   1 ? 
ATOM   477  C CA  . ILE   A 1 58  ? -0.346  0.394   -5.986  1.000 13.925 0 58  ILE   AAA CA  1 ? 
ATOM   478  C C   . ILE   A 1 58  ? -0.370  0.774   -7.470  1.000 13.493 0 58  ILE   AAA C   1 ? 
ATOM   479  O O   . ILE   A 1 58  ? -1.173  1.646   -7.921  1.000 12.976 0 58  ILE   AAA O   1 ? 
ATOM   480  C CB  . ILE   A 1 58  ? -1.502  -0.478  -5.542  1.000 15.520 0 58  ILE   AAA CB  1 ? 
ATOM   481  C CG1 . ILE   A 1 58  ? -1.114  -1.038  -4.156  1.000 17.827 0 58  ILE   AAA CG1 1 ? 
ATOM   482  C CG2 . ILE   A 1 58  ? -1.808  -1.578  -6.562  1.000 15.057 0 58  ILE   AAA CG2 1 ? 
ATOM   483  C CD1 . ILE   A 1 58  ? -2.173  -1.766  -3.445  1.000 19.947 0 58  ILE   AAA CD1 1 ? 
ATOM   484  N N   A ASN   A 1 59  ? 0.603   0.245   -8.250  0.500 11.055 0 59  ASN   AAA N   1 ? 
ATOM   485  N N   B ASN   A 1 59  ? 0.239   -0.063  -8.280  0.500 13.423 0 59  ASN   AAA N   1 ? 
ATOM   486  C CA  A ASN   A 1 59  ? 0.882   0.640   -9.650  0.500 13.735 0 59  ASN   AAA CA  1 ? 
ATOM   487  C CA  B ASN   A 1 59  ? 0.662   0.396   -9.603  0.500 15.699 0 59  ASN   AAA CA  1 ? 
ATOM   488  C C   A ASN   A 1 59  ? 0.017   -0.088  -10.706 0.500 13.287 0 59  ASN   AAA C   1 ? 
ATOM   489  C C   B ASN   A 1 59  ? -0.259  -0.147  -10.695 0.500 14.022 0 59  ASN   AAA C   1 ? 
ATOM   490  O O   A ASN   A 1 59  ? -0.036  -1.333  -10.683 0.500 12.984 0 59  ASN   AAA O   1 ? 
ATOM   491  O O   B ASN   A 1 59  ? -0.748  -1.274  -10.656 0.500 13.567 0 59  ASN   AAA O   1 ? 
ATOM   492  C CB  A ASN   A 1 59  ? 2.369   0.367   -9.866  0.500 14.737 0 59  ASN   AAA CB  1 ? 
ATOM   493  C CB  B ASN   A 1 59  ? 2.137   0.058   -9.770  0.500 19.895 0 59  ASN   AAA CB  1 ? 
ATOM   494  C CG  A ASN   A 1 59  ? 2.848   0.916   -11.175 0.500 13.974 0 59  ASN   AAA CG  1 ? 
ATOM   495  C CG  B ASN   A 1 59  ? 2.573   0.357   -11.168 0.500 23.488 0 59  ASN   AAA CG  1 ? 
ATOM   496  O OD1 A ASN   A 1 59  ? 2.783   0.227   -12.196 0.500 15.645 0 59  ASN   AAA OD1 1 ? 
ATOM   497  O OD1 B ASN   A 1 59  ? 2.709   1.515   -11.537 0.500 27.290 0 59  ASN   AAA OD1 1 ? 
ATOM   498  N ND2 A ASN   A 1 59  ? 3.117   2.200   -11.144 0.500 15.469 0 59  ASN   AAA ND2 1 ? 
ATOM   499  N ND2 B ASN   A 1 59  ? 2.651   -0.694  -11.955 0.500 23.518 0 59  ASN   AAA ND2 1 ? 
ATOM   500  N N   . SER   A 1 60  ? -0.516  0.691   -11.664 1.000 13.250 0 60  SER   AAA N   1 ? 
ATOM   501  C CA  . SER   A 1 60  ? -1.374  0.297   -12.798 1.000 14.453 0 60  SER   AAA CA  1 ? 
ATOM   502  C C   . SER   A 1 60  ? -0.634  -0.541  -13.860 1.000 15.742 0 60  SER   AAA C   1 ? 
ATOM   503  O O   . SER   A 1 60  ? -1.354  -1.113  -14.687 1.000 19.128 0 60  SER   AAA O   1 ? 
ATOM   504  C CB  . SER   A 1 60  ? -2.014  1.503   -13.449 1.000 13.214 0 60  SER   AAA CB  1 ? 
ATOM   505  O OG  . SER   A 1 60  ? -1.041  2.298   -14.016 1.000 14.221 0 60  SER   AAA OG  1 ? 
ATOM   506  N N   . ARG   A 1 61  ? 0.653   -0.671  -13.831 1.000 15.553 0 61  ARG   AAA N   1 ? 
ATOM   507  C CA  . ARG   A 1 61  ? 1.311   -1.528  -14.875 1.000 19.048 0 61  ARG   AAA CA  1 ? 
ATOM   508  C C   . ARG   A 1 61  ? 1.089   -3.001  -14.553 1.000 19.217 0 61  ARG   AAA C   1 ? 
ATOM   509  O O   . ARG   A 1 61  ? 0.921   -3.788  -15.512 1.000 22.665 0 61  ARG   AAA O   1 ? 
ATOM   510  C CB  . ARG   A 1 61  ? 2.794   -1.253  -14.992 1.000 23.621 0 61  ARG   AAA CB  1 ? 
ATOM   511  C CG  . ARG   A 1 61  ? 3.459   -2.127  -16.059 1.000 28.470 0 61  ARG   AAA CG  1 ? 
ATOM   512  C CD  . ARG   A 1 61  ? 4.692   -1.501  -16.669 1.000 34.614 0 61  ARG   AAA CD  1 ? 
ATOM   513  N NE  . ARG   A 1 61  ? 4.465   -0.150  -17.183 1.000 39.712 0 61  ARG   AAA NE  1 ? 
ATOM   514  C CZ  . ARG   A 1 61  ? 3.786   0.177   -18.290 1.000 41.465 0 61  ARG   AAA CZ  1 ? 
ATOM   515  N NH1 . ARG   A 1 61  ? 3.217   -0.748  -19.056 1.000 43.204 0 61  ARG   AAA NH1 1 ? 
ATOM   516  N NH2 . ARG   A 1 61  ? 3.669   1.452   -18.619 1.000 38.452 0 61  ARG   AAA NH2 1 ? 
ATOM   517  N N   . TRP   A 1 62  ? 0.972   -3.370  -13.297 1.000 17.195 0 62  TRP   AAA N   1 ? 
ATOM   518  C CA  . TRP   A 1 62  ? 0.834   -4.782  -12.920 1.000 18.451 0 62  TRP   AAA CA  1 ? 
ATOM   519  C C   . TRP   A 1 62  ? -0.472  -5.103  -12.249 1.000 16.630 0 62  TRP   AAA C   1 ? 
ATOM   520  O O   . TRP   A 1 62  ? -1.007  -6.202  -12.455 1.000 17.398 0 62  TRP   AAA O   1 ? 
ATOM   521  C CB  . TRP   A 1 62  ? 2.017   -5.180  -12.019 1.000 21.984 0 62  TRP   AAA CB  1 ? 
ATOM   522  C CG  . TRP   A 1 62  ? 3.343   -5.008  -12.692 1.000 30.122 0 62  TRP   AAA CG  1 ? 
ATOM   523  C CD1 . TRP   A 1 62  ? 4.240   -3.995  -12.496 1.000 31.922 0 62  TRP   AAA CD1 1 ? 
ATOM   524  C CD2 . TRP   A 1 62  ? 3.884   -5.837  -13.731 1.000 36.547 0 62  TRP   AAA CD2 1 ? 
ATOM   525  N NE1 . TRP   A 1 62  ? 5.323   -4.162  -13.318 1.000 37.376 0 62  TRP   AAA NE1 1 ? 
ATOM   526  C CE2 . TRP   A 1 62  ? 5.139   -5.291  -14.076 1.000 36.951 0 62  TRP   AAA CE2 1 ? 
ATOM   527  C CE3 . TRP   A 1 62  ? 3.454   -7.011  -14.359 1.000 39.494 0 62  TRP   AAA CE3 1 ? 
ATOM   528  C CZ2 . TRP   A 1 62  ? 5.946   -5.865  -15.057 1.000 42.817 0 62  TRP   AAA CZ2 1 ? 
ATOM   529  C CZ3 . TRP   A 1 62  ? 4.266   -7.593  -15.308 1.000 45.975 0 62  TRP   AAA CZ3 1 ? 
ATOM   530  C CH2 . TRP   A 1 62  ? 5.492   -7.022  -15.652 1.000 44.038 0 62  TRP   AAA CH2 1 ? 
ATOM   531  N N   . TRP   A 1 63  ? -0.995  -4.206  -11.396 1.000 14.214 0 63  TRP   AAA N   1 ? 
ATOM   532  C CA  . TRP   A 1 63  ? -1.872  -4.666  -10.294 1.000 14.626 0 63  TRP   AAA CA  1 ? 
ATOM   533  C C   . TRP   A 1 63  ? -3.327  -4.285  -10.462 1.000 14.059 0 63  TRP   AAA C   1 ? 
ATOM   534  O O   . TRP   A 1 63  ? -4.186  -4.952  -9.960  1.000 16.320 0 63  TRP   AAA O   1 ? 
ATOM   535  C CB  . TRP   A 1 63  ? -1.365  -4.154  -8.949  1.000 14.615 0 63  TRP   AAA CB  1 ? 
ATOM   536  C CG  . TRP   A 1 63  ? 0.030   -4.610  -8.690  1.000 15.840 0 63  TRP   AAA CG  1 ? 
ATOM   537  C CD1 . TRP   A 1 63  ? 1.144   -3.841  -8.745  1.000 15.806 0 63  TRP   AAA CD1 1 ? 
ATOM   538  C CD2 . TRP   A 1 63  ? 0.499   -5.962  -8.521  1.000 16.191 0 63  TRP   AAA CD2 1 ? 
ATOM   539  N NE1 . TRP   A 1 63  ? 2.269   -4.607  -8.519  1.000 19.249 0 63  TRP   AAA NE1 1 ? 
ATOM   540  C CE2 . TRP   A 1 63  ? 1.904   -5.921  -8.425  1.000 17.691 0 63  TRP   AAA CE2 1 ? 
ATOM   541  C CE3 . TRP   A 1 63  ? -0.158  -7.179  -8.386  1.000 17.024 0 63  TRP   AAA CE3 1 ? 
ATOM   542  C CZ2 . TRP   A 1 63  ? 2.658   -7.077  -8.150  1.000 19.714 0 63  TRP   AAA CZ2 1 ? 
ATOM   543  C CZ3 . TRP   A 1 63  ? 0.594   -8.318  -8.136  1.000 19.776 0 63  TRP   AAA CZ3 1 ? 
ATOM   544  C CH2 . TRP   A 1 63  ? 1.968   -8.242  -8.053  1.000 19.472 0 63  TRP   AAA CH2 1 ? 
ATOM   545  N N   . CYS   A 1 64  ? -3.621  -3.159  -11.126 1.000 15.010 0 64  CYS   AAA N   1 ? 
ATOM   546  C CA  . CYS   A 1 64  ? -5.004  -2.660  -11.306 1.000 15.085 0 64  CYS   AAA CA  1 ? 
ATOM   547  C C   . CYS   A 1 64  ? -5.180  -2.073  -12.696 1.000 14.947 0 64  CYS   AAA C   1 ? 
ATOM   548  O O   . CYS   A 1 64  ? -4.205  -1.746  -13.309 1.000 15.658 0 64  CYS   AAA O   1 ? 
ATOM   549  C CB  . CYS   A 1 64  ? -5.346  -1.643  -10.228 1.000 15.936 0 64  CYS   AAA CB  1 ? 
ATOM   550  S SG  . CYS   A 1 64  ? -4.377  -0.111  -10.194 1.000 15.383 0 64  CYS   AAA SG  1 ? 
ATOM   551  N N   . ASN   A 1 65  ? -6.438  -1.971  -13.121 1.000 15.172 0 65  ASN   AAA N   1 ? 
ATOM   552  C CA  . ASN   A 1 65  ? -6.769  -1.384  -14.430 1.000 15.004 0 65  ASN   AAA CA  1 ? 
ATOM   553  C C   . ASN   A 1 65  ? -7.199  0.089   -14.280 1.000 14.454 0 65  ASN   AAA C   1 ? 
ATOM   554  O O   . ASN   A 1 65  ? -8.166  0.360   -13.610 1.000 14.894 0 65  ASN   AAA O   1 ? 
ATOM   555  C CB  . ASN   A 1 65  ? -7.868  -2.173  -15.126 1.000 17.143 0 65  ASN   AAA CB  1 ? 
ATOM   556  C CG  . ASN   A 1 65  ? -8.222  -1.467  -16.415 1.000 19.082 0 65  ASN   AAA CG  1 ? 
ATOM   557  O OD1 . ASN   A 1 65  ? -7.346  -1.314  -17.226 1.000 22.383 0 65  ASN   AAA OD1 1 ? 
ATOM   558  N ND2 . ASN   A 1 65  ? -9.410  -0.926  -16.535 1.000 24.391 0 65  ASN   AAA ND2 1 ? 
ATOM   559  N N   . ASP   A 1 66  ? -6.472  0.942   -14.950 1.000 14.256 0 66  ASP   AAA N   1 ? 
ATOM   560  C CA  . ASP   A 1 66  ? -6.872  2.385   -15.035 1.000 14.067 0 66  ASP   AAA CA  1 ? 
ATOM   561  C C   . ASP   A 1 66  ? -7.214  2.812   -16.466 1.000 15.610 0 66  ASP   AAA C   1 ? 
ATOM   562  O O   . ASP   A 1 66  ? -7.480  4.035   -16.635 1.000 16.882 0 66  ASP   AAA O   1 ? 
ATOM   563  C CB  . ASP   A 1 66  ? -5.838  3.304   -14.418 1.000 14.030 0 66  ASP   AAA CB  1 ? 
ATOM   564  C CG  . ASP   A 1 66  ? -4.532  3.467   -15.142 1.000 13.747 0 66  ASP   AAA CG  1 ? 
ATOM   565  O OD1 . ASP   A 1 66  ? -4.350  2.878   -16.258 1.000 15.021 0 66  ASP   AAA OD1 1 ? 
ATOM   566  O OD2 . ASP   A 1 66  ? -3.663  4.200   -14.633 1.000 13.627 0 66  ASP   AAA OD2 1 ? 
ATOM   567  N N   . GLY   A 1 67  ? -7.210  1.891   -17.413 1.000 16.190 0 67  GLY   AAA N   1 ? 
ATOM   568  C CA  . GLY   A 1 67  ? -7.584  2.146   -18.813 1.000 18.284 0 67  GLY   AAA CA  1 ? 
ATOM   569  C C   . GLY   A 1 67  ? -6.606  2.984   -19.581 1.000 18.937 0 67  GLY   AAA C   1 ? 
ATOM   570  O O   . GLY   A 1 67  ? -6.921  3.247   -20.790 1.000 22.234 0 67  GLY   AAA O   1 ? 
ATOM   571  N N   . ARG   A 1 68  ? -5.498  3.433   -19.034 1.000 16.530 0 68  ARG   AAA N   1 ? 
ATOM   572  C CA  . ARG   A 1 68  ? -4.556  4.308   -19.776 1.000 16.486 0 68  ARG   AAA CA  1 ? 
ATOM   573  C C   . ARG   A 1 68  ? -3.113  3.826   -19.678 1.000 17.995 0 68  ARG   AAA C   1 ? 
ATOM   574  O O   . ARG   A 1 68  ? -2.205  4.627   -19.940 1.000 22.530 0 68  ARG   AAA O   1 ? 
ATOM   575  C CB  . ARG   A 1 68  ? -4.726  5.775   -19.375 1.000 17.356 0 68  ARG   AAA CB  1 ? 
ATOM   576  C CG  . ARG   A 1 68  ? -4.270  6.041   -17.959 1.000 17.338 0 68  ARG   AAA CG  1 ? 
ATOM   577  C CD  . ARG   A 1 68  ? -4.265  7.527   -17.683 1.000 16.885 0 68  ARG   AAA CD  1 ? 
ATOM   578  N NE  . ARG   A 1 68  ? -3.524  7.818   -16.467 1.000 17.269 0 68  ARG   AAA NE  1 ? 
ATOM   579  C CZ  . ARG   A 1 68  ? -3.510  9.014   -15.866 1.000 15.220 0 68  ARG   AAA CZ  1 ? 
ATOM   580  N NH1 . ARG   A 1 68  ? -4.270  9.991   -16.345 1.000 16.602 0 68  ARG   AAA NH1 1 ? 
ATOM   581  N NH2 . ARG   A 1 68  ? -2.820  9.155   -14.732 1.000 15.159 0 68  ARG   AAA NH2 1 ? 
ATOM   582  N N   . THR   A 1 69  ? -2.871  2.577   -19.288 1.000 17.023 0 69  THR   AAA N   1 ? 
ATOM   583  C CA  . THR   A 1 69  ? -1.500  2.066   -19.092 1.000 17.016 0 69  THR   AAA CA  1 ? 
ATOM   584  C C   . THR   A 1 69  ? -1.295  0.930   -20.113 1.000 18.819 0 69  THR   AAA C   1 ? 
ATOM   585  O O   . THR   A 1 69  ? -1.634  -0.213  -19.828 1.000 19.108 0 69  THR   AAA O   1 ? 
ATOM   586  C CB  . THR   A 1 69  ? -1.232  1.614   -17.651 1.000 16.123 0 69  THR   AAA CB  1 ? 
ATOM   587  O OG1 . THR   A 1 69  ? -1.640  2.643   -16.711 1.000 15.832 0 69  THR   AAA OG1 1 ? 
ATOM   588  C CG2 . THR   A 1 69  ? 0.220   1.293   -17.412 1.000 17.257 0 69  THR   AAA CG2 1 ? 
ATOM   589  N N   . PRO   A 1 70  ? -0.852  1.226   -21.364 1.000 22.246 0 70  PRO   AAA N   1 ? 
ATOM   590  C CA  . PRO   A 1 70  ? -0.770  0.189   -22.401 1.000 22.909 0 70  PRO   AAA CA  1 ? 
ATOM   591  C C   . PRO   A 1 70  ? 0.119   -0.977  -22.003 1.000 26.930 0 70  PRO   AAA C   1 ? 
ATOM   592  O O   . PRO   A 1 70  ? 1.129   -0.795  -21.382 1.000 31.289 0 70  PRO   AAA O   1 ? 
ATOM   593  C CB  . PRO   A 1 70  ? -0.135  0.930   -23.583 1.000 27.295 0 70  PRO   AAA CB  1 ? 
ATOM   594  C CG  . PRO   A 1 70  ? -0.663  2.335   -23.419 1.000 25.206 0 70  PRO   AAA CG  1 ? 
ATOM   595  C CD  . PRO   A 1 70  ? -0.610  2.569   -21.916 1.000 23.970 0 70  PRO   AAA CD  1 ? 
ATOM   596  N N   . GLY   A 1 71  ? -0.363  -2.175  -22.327 1.000 27.651 0 71  GLY   AAA N   1 ? 
ATOM   597  C CA  . GLY   A 1 71  ? 0.419   -3.411  -22.217 1.000 31.484 0 71  GLY   AAA CA  1 ? 
ATOM   598  C C   . GLY   A 1 71  ? 0.441   -3.903  -20.799 1.000 31.123 0 71  GLY   AAA C   1 ? 
ATOM   599  O O   . GLY   A 1 71  ? 1.206   -4.836  -20.532 1.000 40.138 0 71  GLY   AAA O   1 ? 
ATOM   600  N N   . SER   A 1 72  ? -0.341  -3.290  -19.906 1.000 30.117 0 72  SER   AAA N   1 ? 
ATOM   601  C CA  . SER   A 1 72  ? -0.295  -3.561  -18.454 1.000 30.913 0 72  SER   AAA CA  1 ? 
ATOM   602  C C   . SER   A 1 72  ? -1.156  -4.767  -18.080 1.000 29.046 0 72  SER   AAA C   1 ? 
ATOM   603  O O   . SER   A 1 72  ? -2.033  -5.236  -18.844 1.000 30.665 0 72  SER   AAA O   1 ? 
ATOM   604  C CB  . SER   A 1 72  ? -0.690  -2.349  -17.664 1.000 28.113 0 72  SER   AAA CB  1 ? 
ATOM   605  O OG  . SER   A 1 72  ? -2.074  -2.134  -17.764 1.000 24.585 0 72  SER   AAA OG  1 ? 
ATOM   606  N N   . ARG   A 1 73  ? -0.932  -5.240  -16.867 1.000 25.076 0 73  ARG   AAA N   1 ? 
ATOM   607  C CA  . ARG   A 1 73  ? -1.762  -6.286  -16.288 1.000 25.513 0 73  ARG   AAA CA  1 ? 
ATOM   608  C C   . ARG   A 1 73  ? -2.631  -5.630  -15.211 1.000 23.960 0 73  ARG   AAA C   1 ? 
ATOM   609  O O   . ARG   A 1 73  ? -2.467  -4.414  -14.873 1.000 27.813 0 73  ARG   AAA O   1 ? 
ATOM   610  C CB  . ARG   A 1 73  ? -0.850  -7.416  -15.787 1.000 26.279 0 73  ARG   AAA CB  1 ? 
ATOM   611  C CG  . ARG   A 1 73  ? 0.137   -7.918  -16.836 1.000 33.653 0 73  ARG   AAA CG  1 ? 
ATOM   612  C CD  . ARG   A 1 73  ? -0.507  -8.874  -17.825 1.000 40.862 0 73  ARG   AAA CD  1 ? 
ATOM   613  N NE  . ARG   A 1 73  ? -0.350  -10.266 -17.387 1.000 52.132 0 73  ARG   AAA NE  1 ? 
ATOM   614  C CZ  . ARG   A 1 73  ? -1.332  -11.109 -17.061 1.000 50.736 0 73  ARG   AAA CZ  1 ? 
ATOM   615  N NH1 . ARG   A 1 73  ? -2.604  -10.743 -17.131 1.000 54.486 0 73  ARG   AAA NH1 1 ? 
ATOM   616  N NH2 . ARG   A 1 73  ? -1.030  -12.334 -16.666 1.000 49.458 0 73  ARG   AAA NH2 1 ? 
ATOM   617  N N   . ASN   A 1 74  ? -3.519  -6.439  -14.720 1.000 20.858 0 74  ASN   AAA N   1 ? 
ATOM   618  C CA  . ASN   A 1 74  ? -4.522  -6.168  -13.691 1.000 18.583 0 74  ASN   AAA CA  1 ? 
ATOM   619  C C   . ASN   A 1 74  ? -4.541  -7.410  -12.805 1.000 18.619 0 74  ASN   AAA C   1 ? 
ATOM   620  O O   . ASN   A 1 74  ? -5.570  -8.077  -12.697 1.000 18.612 0 74  ASN   AAA O   1 ? 
ATOM   621  C CB  . ASN   A 1 74  ? -5.867  -5.867  -14.326 1.000 17.571 0 74  ASN   AAA CB  1 ? 
ATOM   622  C CG  . ASN   A 1 74  ? -6.951  -5.566  -13.336 1.000 18.770 0 74  ASN   AAA CG  1 ? 
ATOM   623  O OD1 . ASN   A 1 74  ? -6.691  -5.365  -12.165 1.000 18.706 0 74  ASN   AAA OD1 1 ? 
ATOM   624  N ND2 . ASN   A 1 74  ? -8.190  -5.473  -13.808 1.000 19.379 0 74  ASN   AAA ND2 1 ? 
ATOM   625  N N   . LEU   A 1 75  ? -3.434  -7.659  -12.120 1.000 17.546 0 75  LEU   AAA N   1 ? 
ATOM   626  C CA  . LEU   A 1 75  ? -3.306  -8.933  -11.352 1.000 20.030 0 75  LEU   AAA CA  1 ? 
ATOM   627  C C   . LEU   A 1 75  ? -4.186  -8.928  -10.113 1.000 19.653 0 75  LEU   AAA C   1 ? 
ATOM   628  O O   . LEU   A 1 75  ? -4.576  -10.038 -9.640  1.000 21.704 0 75  LEU   AAA O   1 ? 
ATOM   629  C CB  . LEU   A 1 75  ? -1.837  -9.203  -11.064 1.000 21.180 0 75  LEU   AAA CB  1 ? 
ATOM   630  C CG  . LEU   A 1 75  ? -0.986  -9.424  -12.316 1.000 22.239 0 75  LEU   AAA CG  1 ? 
ATOM   631  C CD1 . LEU   A 1 75  ? 0.507   -9.407  -11.997 1.000 24.378 0 75  LEU   AAA CD1 1 ? 
ATOM   632  C CD2 . LEU   A 1 75  ? -1.400  -10.665 -13.120 1.000 26.070 0 75  LEU   AAA CD2 1 ? 
ATOM   633  N N   . CYS   A 1 76  ? -4.575  -7.769  -9.540  1.000 16.653 0 76  CYS   AAA N   1 ? 
ATOM   634  C CA  . CYS   A 1 76  ? -5.532  -7.726  -8.420  1.000 17.288 0 76  CYS   AAA CA  1 ? 
ATOM   635  C C   . CYS   A 1 76  ? -6.975  -7.730  -8.901  1.000 16.743 0 76  CYS   AAA C   1 ? 
ATOM   636  O O   . CYS   A 1 76  ? -7.876  -7.791  -8.099  1.000 18.177 0 76  CYS   AAA O   1 ? 
ATOM   637  C CB  . CYS   A 1 76  ? -5.271  -6.537  -7.507  1.000 17.043 0 76  CYS   AAA CB  1 ? 
ATOM   638  S SG  . CYS   A 1 76  ? -3.680  -6.742  -6.677  1.000 17.410 0 76  CYS   AAA SG  1 ? 
ATOM   639  N N   A ASN   A 1 77  ? -7.180  -7.719  -10.228 0.500 17.750 0 77  ASN   AAA N   1 ? 
ATOM   640  N N   B ASN   A 1 77  ? -7.162  -7.701  -10.227 0.500 16.783 0 77  ASN   AAA N   1 ? 
ATOM   641  C CA  A ASN   A 1 77  ? -8.520  -7.783  -10.877 0.500 20.134 0 77  ASN   AAA CA  1 ? 
ATOM   642  C CA  B ASN   A 1 77  ? -8.491  -7.787  -10.893 0.500 18.636 0 77  ASN   AAA CA  1 ? 
ATOM   643  C C   A ASN   A 1 77  ? -9.447  -6.725  -10.281 0.500 20.064 0 77  ASN   AAA C   1 ? 
ATOM   644  C C   B ASN   A 1 77  ? -9.455  -6.725  -10.362 0.500 18.887 0 77  ASN   AAA C   1 ? 
ATOM   645  O O   A ASN   A 1 77  ? -10.483 -7.056  -9.683  0.500 21.418 0 77  ASN   AAA O   1 ? 
ATOM   646  O O   B ASN   A 1 77  ? -10.554 -7.053  -9.936  0.500 19.846 0 77  ASN   AAA O   1 ? 
ATOM   647  C CB  A ASN   A 1 77  ? -9.108  -9.193  -10.791 0.500 23.229 0 77  ASN   AAA CB  1 ? 
ATOM   648  C CB  B ASN   A 1 77  ? -9.107  -9.175  -10.716 0.500 20.369 0 77  ASN   AAA CB  1 ? 
ATOM   649  C CG  A ASN   A 1 77  ? -8.344  -10.167 -11.660 0.500 25.475 0 77  ASN   AAA CG  1 ? 
ATOM   650  C CG  B ASN   A 1 77  ? -10.224 -9.417  -11.706 0.500 21.689 0 77  ASN   AAA CG  1 ? 
ATOM   651  O OD1 A ASN   A 1 77  ? -8.217  -9.969  -12.873 0.500 31.539 0 77  ASN   AAA OD1 1 ? 
ATOM   652  O OD1 B ASN   A 1 77  ? -10.161 -8.979  -12.850 0.500 25.460 0 77  ASN   AAA OD1 1 ? 
ATOM   653  N ND2 A ASN   A 1 77  ? -7.771  -11.183 -11.039 0.500 29.923 0 77  ASN   AAA ND2 1 ? 
ATOM   654  N ND2 B ASN   A 1 77  ? -11.229 -10.153 -11.273 0.500 23.112 0 77  ASN   AAA ND2 1 ? 
ATOM   655  N N   . ILE   A 1 78  ? -9.015  -5.466  -10.374 1.000 19.393 0 78  ILE   AAA N   1 ? 
ATOM   656  C CA  . ILE   A 1 78  ? -9.785  -4.337  -9.798  1.000 18.358 0 78  ILE   AAA CA  1 ? 
ATOM   657  C C   . ILE   A 1 78  ? -9.523  -3.103  -10.637 1.000 17.339 0 78  ILE   AAA C   1 ? 
ATOM   658  O O   . ILE   A 1 78  ? -8.420  -2.940  -11.116 1.000 16.482 0 78  ILE   AAA O   1 ? 
ATOM   659  C CB  . ILE   A 1 78  ? -9.409  -4.041  -8.341  1.000 20.186 0 78  ILE   AAA CB  1 ? 
ATOM   660  C CG1 . ILE   A 1 78  ? -7.898  -3.863  -8.167  1.000 20.466 0 78  ILE   AAA CG1 1 ? 
ATOM   661  C CG2 . ILE   A 1 78  ? -10.033 -5.040  -7.384  1.000 23.837 0 78  ILE   AAA CG2 1 ? 
ATOM   662  C CD1 . ILE   A 1 78  ? -7.506  -3.328  -6.849  1.000 27.111 0 78  ILE   AAA CD1 1 ? 
ATOM   663  N N   . PRO   A 1 79  ? -10.513 -2.186  -10.735 1.000 17.378 0 79  PRO   AAA N   1 ? 
ATOM   664  C CA  . PRO   A 1 79  ? -10.231 -0.856  -11.266 1.000 16.418 0 79  PRO   AAA CA  1 ? 
ATOM   665  C C   . PRO   A 1 79  ? -9.346  -0.107  -10.265 1.000 13.742 0 79  PRO   AAA C   1 ? 
ATOM   666  O O   . PRO   A 1 79  ? -9.527  -0.210  -9.054  1.000 14.867 0 79  PRO   AAA O   1 ? 
ATOM   667  C CB  . PRO   A 1 79  ? -11.618 -0.210  -11.401 1.000 17.874 0 79  PRO   AAA CB  1 ? 
ATOM   668  C CG  . PRO   A 1 79  ? -12.484 -0.933  -10.394 1.000 21.399 0 79  PRO   AAA CG  1 ? 
ATOM   669  C CD  . PRO   A 1 79  ? -11.895 -2.326  -10.262 1.000 18.449 0 79  PRO   AAA CD  1 ? 
ATOM   670  N N   . CYS   A 1 80  ? -8.383  0.622   -10.758 1.000 13.569 0 80  CYS   AAA N   1 ? 
ATOM   671  C CA  . CYS   A 1 80  ? -7.479  1.373   -9.871  1.000 13.884 0 80  CYS   AAA CA  1 ? 
ATOM   672  C C   . CYS   A 1 80  ? -8.260  2.306   -8.962  1.000 13.686 0 80  CYS   AAA C   1 ? 
ATOM   673  O O   . CYS   A 1 80  ? -7.833  2.587   -7.813  1.000 14.803 0 80  CYS   AAA O   1 ? 
ATOM   674  C CB  . CYS   A 1 80  ? -6.426  2.111   -10.648 1.000 13.217 0 80  CYS   AAA CB  1 ? 
ATOM   675  S SG  . CYS   A 1 80  ? -5.292  1.028   -11.585 1.000 14.242 0 80  CYS   AAA SG  1 ? 
ATOM   676  N N   . SER   A 1 81  ? -9.379  2.871   -9.418  1.000 14.872 0 81  SER   AAA N   1 ? 
ATOM   677  C CA  . SER   A 1 81  ? -10.223 3.770   -8.600  1.000 17.456 0 81  SER   AAA CA  1 ? 
ATOM   678  C C   . SER   A 1 81  ? -10.703 3.071   -7.312  1.000 18.193 0 81  SER   AAA C   1 ? 
ATOM   679  O O   . SER   A 1 81  ? -10.916 3.763   -6.306  1.000 19.478 0 81  SER   AAA O   1 ? 
ATOM   680  C CB  . SER   A 1 81  ? -11.417 4.289   -9.420  1.000 18.771 0 81  SER   AAA CB  1 ? 
ATOM   681  O OG  . SER   A 1 81  ? -12.233 3.169   -9.710  1.000 21.749 0 81  SER   AAA OG  1 ? 
ATOM   682  N N   . ALA   A 1 82  ? -10.850 1.758   -7.298  1.000 18.127 0 82  ALA   AAA N   1 ? 
ATOM   683  C CA  . ALA   A 1 82  ? -11.217 1.019   -6.051  1.000 18.919 0 82  ALA   AAA CA  1 ? 
ATOM   684  C C   . ALA   A 1 82  ? -10.168 1.216   -4.967  1.000 20.317 0 82  ALA   AAA C   1 ? 
ATOM   685  O O   . ALA   A 1 82  ? -10.440 1.011   -3.744  1.000 20.550 0 82  ALA   AAA O   1 ? 
ATOM   686  C CB  . ALA   A 1 82  ? -11.419 -0.452  -6.297  1.000 21.989 0 82  ALA   AAA CB  1 ? 
ATOM   687  N N   A LEU   A 1 83  ? -8.960  1.566   -5.355  0.500 16.886 0 83  LEU   AAA N   1 ? 
ATOM   688  N N   B LEU   A 1 83  ? -8.920  1.501   -5.358  0.500 17.501 0 83  LEU   AAA N   1 ? 
ATOM   689  C CA  A LEU   A 1 83  ? -7.868  1.685   -4.375  0.500 17.070 0 83  LEU   AAA CA  1 ? 
ATOM   690  C CA  B LEU   A 1 83  ? -7.793  1.708   -4.404  0.500 17.839 0 83  LEU   AAA CA  1 ? 
ATOM   691  C C   A LEU   A 1 83  ? -7.827  3.111   -3.833  0.500 16.571 0 83  LEU   AAA C   1 ? 
ATOM   692  C C   B LEU   A 1 83  ? -7.931  3.061   -3.712  0.500 17.569 0 83  LEU   AAA C   1 ? 
ATOM   693  O O   A LEU   A 1 83  ? -6.858  3.428   -3.162  0.500 15.486 0 83  LEU   AAA O   1 ? 
ATOM   694  O O   B LEU   A 1 83  ? -7.186  3.307   -2.813  0.500 17.483 0 83  LEU   AAA O   1 ? 
ATOM   695  C CB  A LEU   A 1 83  ? -6.594  1.274   -5.093  0.500 15.551 0 83  LEU   AAA CB  1 ? 
ATOM   696  C CB  B LEU   A 1 83  ? -6.442  1.631   -5.115  0.500 17.323 0 83  LEU   AAA CB  1 ? 
ATOM   697  C CG  A LEU   A 1 83  ? -6.595  -0.140  -5.653  0.500 16.482 0 83  LEU   AAA CG  1 ? 
ATOM   698  C CG  B LEU   A 1 83  ? -6.095  0.256   -5.673  0.500 17.752 0 83  LEU   AAA CG  1 ? 
ATOM   699  C CD1 A LEU   A 1 83  ? -5.390  -0.368  -6.512  0.500 15.982 0 83  LEU   AAA CD1 1 ? 
ATOM   700  C CD1 B LEU   A 1 83  ? -7.308  -0.300  -6.384  0.500 22.427 0 83  LEU   AAA CD1 1 ? 
ATOM   701  C CD2 A LEU   A 1 83  ? -6.564  -1.154  -4.521  0.500 17.878 0 83  LEU   AAA CD2 1 ? 
ATOM   702  C CD2 B LEU   A 1 83  ? -4.850  0.270   -6.556  0.500 16.246 0 83  LEU   AAA CD2 1 ? 
ATOM   703  N N   . LEU   A 1 84  ? -8.849  3.929   -4.132  1.000 16.970 0 84  LEU   AAA N   1 ? 
ATOM   704  C CA  . LEU   A 1 84  ? -8.938  5.309   -3.588  1.000 16.471 0 84  LEU   AAA CA  1 ? 
ATOM   705  C C   . LEU   A 1 84  ? -10.017 5.480   -2.528  1.000 17.260 0 84  LEU   AAA C   1 ? 
ATOM   706  O O   . LEU   A 1 84  ? -10.141 6.587   -1.929  1.000 20.183 0 84  LEU   AAA O   1 ? 
ATOM   707  C CB  . LEU   A 1 84  ? -9.133  6.276   -4.752  1.000 15.839 0 84  LEU   AAA CB  1 ? 
ATOM   708  C CG  . LEU   A 1 84  ? -8.046  6.247   -5.813  1.000 16.373 0 84  LEU   AAA CG  1 ? 
ATOM   709  C CD1 . LEU   A 1 84  ? -8.369  7.202   -6.954  1.000 19.294 0 84  LEU   AAA CD1 1 ? 
ATOM   710  C CD2 . LEU   A 1 84  ? -6.650  6.461   -5.263  1.000 15.686 0 84  LEU   AAA CD2 1 ? 
ATOM   711  N N   A SER   A 1 85  ? -10.725 4.404   -2.251  0.500 17.295 0 85  SER   AAA N   1 ? 
ATOM   712  N N   B SER   A 1 85  ? -10.720 4.382   -2.238  0.500 18.140 0 85  SER   AAA N   1 ? 
ATOM   713  C CA  A SER   A 1 85  ? -11.865 4.392   -1.319  0.500 18.295 0 85  SER   AAA CA  1 ? 
ATOM   714  C CA  B SER   A 1 85  ? -11.882 4.286   -1.318  0.500 19.847 0 85  SER   AAA CA  1 ? 
ATOM   715  C C   A SER   A 1 85  ? -11.414 4.777   0.088   0.500 19.691 0 85  SER   AAA C   1 ? 
ATOM   716  C C   B SER   A 1 85  ? -11.470 4.595   0.122   0.500 19.668 0 85  SER   AAA C   1 ? 
ATOM   717  O O   A SER   A 1 85  ? -10.226 4.680   0.444   0.500 19.990 0 85  SER   AAA O   1 ? 
ATOM   718  O O   B SER   A 1 85  ? -10.381 4.196   0.549   0.500 17.177 0 85  SER   AAA O   1 ? 
ATOM   719  C CB  A SER   A 1 85  ? -12.457 3.024   -1.332  0.500 19.249 0 85  SER   AAA CB  1 ? 
ATOM   720  C CB  B SER   A 1 85  ? -12.481 2.892   -1.406  0.500 21.752 0 85  SER   AAA CB  1 ? 
ATOM   721  O OG  A SER   A 1 85  ? -13.526 2.956   -0.424  0.500 19.335 0 85  SER   AAA OG  1 ? 
ATOM   722  O OG  B SER   A 1 85  ? -11.481 1.883   -1.272  0.500 25.762 0 85  SER   AAA OG  1 ? 
ATOM   723  N N   . SER   A 1 86  ? -12.361 5.202   0.898   1.000 20.936 0 86  SER   AAA N   1 ? 
ATOM   724  C CA  . SER   A 1 86  ? -12.140 5.399   2.346   1.000 20.562 0 86  SER   AAA CA  1 ? 
ATOM   725  C C   . SER   A 1 86  ? -12.011 4.033   3.042   1.000 21.489 0 86  SER   AAA C   1 ? 
ATOM   726  O O   . SER   A 1 86  ? -11.387 3.952   4.115   1.000 23.436 0 86  SER   AAA O   1 ? 
ATOM   727  C CB  A SER   A 1 86  ? -13.245 6.252   2.916   0.500 21.633 0 86  SER   AAA CB  1 ? 
ATOM   728  C CB  B SER   A 1 86  ? -13.270 6.233   2.922   0.500 24.815 0 86  SER   AAA CB  1 ? 
ATOM   729  O OG  A SER   A 1 86  ? -14.494 5.647   2.681   0.500 21.856 0 86  SER   AAA OG  1 ? 
ATOM   730  O OG  B SER   A 1 86  ? -13.195 7.574   2.458   0.500 32.366 0 86  SER   AAA OG  1 ? 
ATOM   731  N N   . ASP   A 1 87  ? -12.574 3.004   2.444   1.000 19.758 0 87  ASP   AAA N   1 ? 
ATOM   732  C CA  . ASP   A 1 87  ? -12.455 1.605   2.909   1.000 22.512 0 87  ASP   AAA CA  1 ? 
ATOM   733  C C   . ASP   A 1 87  ? -11.163 1.060   2.314   1.000 20.061 0 87  ASP   AAA C   1 ? 
ATOM   734  O O   . ASP   A 1 87  ? -11.121 0.906   1.087   1.000 20.575 0 87  ASP   AAA O   1 ? 
ATOM   735  C CB  . ASP   A 1 87  ? -13.681 0.825   2.438   1.000 25.670 0 87  ASP   AAA CB  1 ? 
ATOM   736  C CG  . ASP   A 1 87  ? -13.722 -0.660  2.743   1.000 32.866 0 87  ASP   AAA CG  1 ? 
ATOM   737  O OD1 . ASP   A 1 87  ? -12.736 -1.205  3.256   1.000 30.761 0 87  ASP   AAA OD1 1 ? 
ATOM   738  O OD2 . ASP   A 1 87  ? -14.772 -1.267  2.459   1.000 38.796 0 87  ASP   AAA OD2 1 ? 
ATOM   739  N N   . ILE   A 1 88  ? -10.216 0.643   3.156   1.000 18.070 0 88  ILE   AAA N   1 ? 
ATOM   740  C CA  . ILE   A 1 88  ? -8.888  0.176   2.650   1.000 17.688 0 88  ILE   AAA CA  1 ? 
ATOM   741  C C   . ILE   A 1 88  ? -8.920  -1.282  2.278   1.000 15.709 0 88  ILE   AAA C   1 ? 
ATOM   742  O O   . ILE   A 1 88  ? -7.829  -1.783  1.872   1.000 15.208 0 88  ILE   AAA O   1 ? 
ATOM   743  C CB  . ILE   A 1 88  ? -7.759  0.466   3.647   1.000 16.789 0 88  ILE   AAA CB  1 ? 
ATOM   744  C CG1 . ILE   A 1 88  ? -7.817  -0.390  4.926   1.000 18.227 0 88  ILE   AAA CG1 1 ? 
ATOM   745  C CG2 . ILE   A 1 88  ? -7.718  1.947   3.940   1.000 19.963 0 88  ILE   AAA CG2 1 ? 
ATOM   746  C CD1 . ILE   A 1 88  ? -6.568  -0.334  5.776   1.000 20.414 0 88  ILE   AAA CD1 1 ? 
ATOM   747  N N   . THR   A 1 89  ? -10.043 -1.985  2.307   1.000 17.080 0 89  THR   AAA N   1 ? 
ATOM   748  C CA  . THR   A 1 89  ? -10.103 -3.431  2.027   1.000 17.210 0 89  THR   AAA CA  1 ? 
ATOM   749  C C   . THR   A 1 89  ? -9.415  -3.768  0.703   1.000 17.861 0 89  THR   AAA C   1 ? 
ATOM   750  O O   . THR   A 1 89  ? -8.583  -4.666  0.679   1.000 17.238 0 89  THR   AAA O   1 ? 
ATOM   751  C CB  . THR   A 1 89  ? -11.556 -3.952  1.997   1.000 20.253 0 89  THR   AAA CB  1 ? 
ATOM   752  O OG1 . THR   A 1 89  ? -12.128 -3.687  3.268   1.000 23.201 0 89  THR   AAA OG1 1 ? 
ATOM   753  C CG2 . THR   A 1 89  ? -11.650 -5.435  1.735   1.000 22.184 0 89  THR   AAA CG2 1 ? 
ATOM   754  N N   . ALA   A 1 90  ? -9.744  -3.091  -0.385  1.000 17.170 0 90  ALA   AAA N   1 ? 
ATOM   755  C CA  . ALA   A 1 90  ? -9.222  -3.458  -1.706  1.000 17.933 0 90  ALA   AAA CA  1 ? 
ATOM   756  C C   . ALA   A 1 90  ? -7.705  -3.231  -1.747  1.000 16.152 0 90  ALA   AAA C   1 ? 
ATOM   757  O O   . ALA   A 1 90  ? -6.982  -4.054  -2.292  1.000 16.692 0 90  ALA   AAA O   1 ? 
ATOM   758  C CB  . ALA   A 1 90  ? -9.946  -2.658  -2.771  1.000 19.363 0 90  ALA   AAA CB  1 ? 
ATOM   759  N N   . SER   A 1 91  ? -7.207  -2.144  -1.182  1.000 14.173 0 91  SER   AAA N   1 ? 
ATOM   760  C CA  . SER   A 1 91  ? -5.759  -1.850  -1.133  1.000 14.677 0 91  SER   AAA CA  1 ? 
ATOM   761  C C   . SER   A 1 91  ? -5.047  -2.948  -0.350  1.000 14.031 0 91  SER   AAA C   1 ? 
ATOM   762  O O   . SER   A 1 91  ? -3.960  -3.356  -0.750  1.000 14.738 0 91  SER   AAA O   1 ? 
ATOM   763  C CB  . SER   A 1 91  ? -5.476  -0.499  -0.558  1.000 13.940 0 91  SER   AAA CB  1 ? 
ATOM   764  O OG  . SER   A 1 91  ? -5.749  0.528   -1.517  1.000 15.655 0 91  SER   AAA OG  1 ? 
ATOM   765  N N   . VAL   A 1 92  ? -5.590  -3.332  0.807   1.000 14.073 0 92  VAL   AAA N   1 ? 
ATOM   766  C CA  . VAL   A 1 92  ? -4.927  -4.363  1.623   1.000 14.411 0 92  VAL   AAA CA  1 ? 
ATOM   767  C C   . VAL   A 1 92  ? -4.935  -5.689  0.915   1.000 16.428 0 92  VAL   AAA C   1 ? 
ATOM   768  O O   . VAL   A 1 92  ? -3.871  -6.366  0.866   1.000 16.132 0 92  VAL   AAA O   1 ? 
ATOM   769  C CB  . VAL   A 1 92  ? -5.584  -4.471  3.021   1.000 17.110 0 92  VAL   AAA CB  1 ? 
ATOM   770  C CG1 . VAL   A 1 92  ? -5.082  -5.716  3.747   1.000 18.533 0 92  VAL   AAA CG1 1 ? 
ATOM   771  C CG2 . VAL   A 1 92  ? -5.354  -3.211  3.820   1.000 18.598 0 92  VAL   AAA CG2 1 ? 
ATOM   772  N N   . ASN   A 1 93  ? -6.037  -6.085  0.320   1.000 15.754 0 93  ASN   AAA N   1 ? 
ATOM   773  C CA  . ASN   A 1 93  ? -6.099  -7.379  -0.387  1.000 18.627 0 93  ASN   AAA CA  1 ? 
ATOM   774  C C   . ASN   A 1 93  ? -5.046  -7.388  -1.488  1.000 17.210 0 93  ASN   AAA C   1 ? 
ATOM   775  O O   . ASN   A 1 93  ? -4.375  -8.424  -1.728  1.000 18.013 0 93  ASN   AAA O   1 ? 
ATOM   776  C CB  . ASN   A 1 93  ? -7.505  -7.667  -0.918  1.000 22.476 0 93  ASN   AAA CB  1 ? 
ATOM   777  C CG  . ASN   A 1 93  ? -8.470  -8.042  0.182   1.000 29.571 0 93  ASN   AAA CG  1 ? 
ATOM   778  O OD1 . ASN   A 1 93  ? -8.041  -8.418  1.268   1.000 37.897 0 93  ASN   AAA OD1 1 ? 
ATOM   779  N ND2 . ASN   A 1 93  ? -9.757  -7.957  -0.100  1.000 33.542 0 93  ASN   AAA ND2 1 ? 
ATOM   780  N N   . CYS   A 1 94  ? -4.957  -6.315  -2.257  1.000 15.629 0 94  CYS   AAA N   1 ? 
ATOM   781  C CA  . CYS   A 1 94  ? -3.977  -6.245  -3.358  1.000 15.197 0 94  CYS   AAA CA  1 ? 
ATOM   782  C C   . CYS   A 1 94  ? -2.545  -6.202  -2.784  1.000 14.480 0 94  CYS   AAA C   1 ? 
ATOM   783  O O   . CYS   A 1 94  ? -1.656  -6.882  -3.333  1.000 15.293 0 94  CYS   AAA O   1 ? 
ATOM   784  C CB  . CYS   A 1 94  ? -4.356  -5.076  -4.260  1.000 15.777 0 94  CYS   AAA CB  1 ? 
ATOM   785  S SG  . CYS   A 1 94  ? -3.345  -4.985  -5.749  1.000 17.140 0 94  CYS   AAA SG  1 ? 
ATOM   786  N N   . ALA   A 1 95  ? -2.280  -5.421  -1.750  1.000 13.823 0 95  ALA   AAA N   1 ? 
ATOM   787  C CA  . ALA   A 1 95  ? -0.954  -5.390  -1.105  1.000 13.488 0 95  ALA   AAA CA  1 ? 
ATOM   788  C C   . ALA   A 1 95  ? -0.498  -6.779  -0.659  1.000 12.977 0 95  ALA   AAA C   1 ? 
ATOM   789  O O   . ALA   A 1 95  ? 0.697   -7.113  -0.783  1.000 13.791 0 95  ALA   AAA O   1 ? 
ATOM   790  C CB  . ALA   A 1 95  ? -0.937  -4.420  0.026   1.000 13.734 0 95  ALA   AAA CB  1 ? 
ATOM   791  N N   . LYS   A 1 96  ? -1.436  -7.590  -0.186  1.000 13.993 0 96  LYS   AAA N   1 ? 
ATOM   792  C CA  . LYS   A 1 96  ? -1.059  -8.963  0.215   1.000 14.858 0 96  LYS   AAA CA  1 ? 
ATOM   793  C C   . LYS   A 1 96  ? -0.563  -9.752  -1.001  1.000 15.159 0 96  LYS   AAA C   1 ? 
ATOM   794  O O   . LYS   A 1 96  ? 0.415   -10.540 -0.857  1.000 16.862 0 96  LYS   AAA O   1 ? 
ATOM   795  C CB  . LYS   A 1 96  ? -2.257  -9.667  0.851   1.000 16.042 0 96  LYS   AAA CB  1 ? 
ATOM   796  C CG  . LYS   A 1 96  ? -2.593  -9.170  2.242   1.000 16.732 0 96  LYS   AAA CG  1 ? 
ATOM   797  C CD  . LYS   A 1 96  ? -3.844  -9.838  2.806   1.000 19.529 0 96  LYS   AAA CD  1 ? 
ATOM   798  C CE  . LYS   A 1 96  ? -4.130  -9.422  4.235   1.000 19.805 0 96  LYS   AAA CE  1 ? 
ATOM   799  N NZ  . LYS   A 1 96  ? -5.300  -10.169 4.738   1.000 24.979 0 96  LYS   AAA NZ  1 ? 
ATOM   800  N N   . LYS   A 1 97  ? -1.142  -9.565  -2.158  1.000 15.138 0 97  LYS   AAA N   1 ? 
ATOM   801  C CA  . LYS   A 1 97  ? -0.630  -10.241 -3.358  1.000 16.432 0 97  LYS   AAA CA  1 ? 
ATOM   802  C C   . LYS   A 1 97  ? 0.737   -9.685  -3.722  1.000 16.328 0 97  LYS   AAA C   1 ? 
ATOM   803  O O   . LYS   A 1 97  ? 1.653   -10.468 -4.066  1.000 17.680 0 97  LYS   AAA O   1 ? 
ATOM   804  C CB  . LYS   A 1 97  ? -1.645  -10.083 -4.472  1.000 17.326 0 97  LYS   AAA CB  1 ? 
ATOM   805  C CG  . LYS   A 1 97  ? -2.979  -10.740 -4.157  1.000 23.319 0 97  LYS   AAA CG  1 ? 
ATOM   806  C CD  . LYS   A 1 97  ? -4.052  -10.564 -5.226  1.000 27.932 0 97  LYS   AAA CD  1 ? 
ATOM   807  C CE  . LYS   A 1 97  ? -5.450  -10.775 -4.662  1.000 34.783 0 97  LYS   AAA CE  1 ? 
ATOM   808  N NZ  . LYS   A 1 97  ? -6.503  -10.563 -5.686  1.000 38.462 0 97  LYS   AAA NZ  1 ? 
ATOM   809  N N   . ILE   A 1 98  ? 0.918   -8.374  -3.713  1.000 14.197 0 98  ILE   AAA N   1 ? 
ATOM   810  C CA  . ILE   A 1 98  ? 2.179   -7.738  -4.124  1.000 13.891 0 98  ILE   AAA CA  1 ? 
ATOM   811  C C   . ILE   A 1 98  ? 3.286   -8.292  -3.231  1.000 14.700 0 98  ILE   AAA C   1 ? 
ATOM   812  O O   . ILE   A 1 98  ? 4.395   -8.610  -3.718  1.000 16.400 0 98  ILE   AAA O   1 ? 
ATOM   813  C CB  . ILE   A 1 98  ? 2.059   -6.208  -4.010  1.000 14.110 0 98  ILE   AAA CB  1 ? 
ATOM   814  C CG1 . ILE   A 1 98  ? 1.026   -5.684  -5.012  1.000 14.790 0 98  ILE   AAA CG1 1 ? 
ATOM   815  C CG2 . ILE   A 1 98  ? 3.411   -5.586  -4.267  1.000 15.762 0 98  ILE   AAA CG2 1 ? 
ATOM   816  C CD1 . ILE   A 1 98  ? 0.650   -4.232  -4.819  1.000 16.091 0 98  ILE   AAA CD1 1 ? 
ATOM   817  N N   . VAL   A 1 99  ? 3.105   -8.278  -1.924  1.000 13.878 0 99  VAL   AAA N   1 ? 
ATOM   818  C CA  . VAL   A 1 99  ? 4.195   -8.623  -0.975  1.000 14.928 0 99  VAL   AAA CA  1 ? 
ATOM   819  C C   . VAL   A 1 99  ? 4.516   -10.107 -1.027  1.000 15.772 0 99  VAL   AAA C   1 ? 
ATOM   820  O O   . VAL   A 1 99  ? 5.605   -10.499 -0.543  1.000 17.794 0 99  VAL   AAA O   1 ? 
ATOM   821  C CB  . VAL   A 1 99  ? 3.854   -8.156  0.446   1.000 13.402 0 99  VAL   AAA CB  1 ? 
ATOM   822  C CG1 . VAL   A 1 99  ? 2.809   -9.048  1.089   1.000 15.311 0 99  VAL   AAA CG1 1 ? 
ATOM   823  C CG2 . VAL   A 1 99  ? 5.107   -8.025  1.286   1.000 14.120 0 99  VAL   AAA CG2 1 ? 
ATOM   824  N N   . SER   A 1 100 ? 3.642   -10.925 -1.593  1.000 17.890 0 100 SER   AAA N   1 ? 
ATOM   825  C CA  . SER   A 1 100 ? 3.862   -12.368 -1.841  1.000 22.197 0 100 SER   AAA CA  1 ? 
ATOM   826  C C   . SER   A 1 100 ? 4.662   -12.596 -3.132  1.000 25.282 0 100 SER   AAA C   1 ? 
ATOM   827  O O   . SER   A 1 100 ? 5.053   -13.743 -3.376  1.000 28.392 0 100 SER   AAA O   1 ? 
ATOM   828  C CB  . SER   A 1 100 ? 2.524   -13.062 -1.810  1.000 23.278 0 100 SER   AAA CB  1 ? 
ATOM   829  O OG  . SER   A 1 100 ? 1.883   -12.887 -0.544  1.000 24.875 0 100 SER   AAA OG  1 ? 
ATOM   830  N N   . ASP   A 1 101 ? 4.966   -11.557 -3.908  1.000 24.953 0 101 ASP   AAA N   1 ? 
ATOM   831  C CA  . ASP   A 1 101 ? 5.347   -11.663 -5.349  1.000 33.368 0 101 ASP   AAA CA  1 ? 
ATOM   832  C C   . ASP   A 1 101 ? 6.803   -12.079 -5.566  1.000 37.132 0 101 ASP   AAA C   1 ? 
ATOM   833  O O   . ASP   A 1 101 ? 7.104   -12.487 -6.702  1.000 41.187 0 101 ASP   AAA O   1 ? 
ATOM   834  C CB  . ASP   A 1 101 ? 5.142   -10.335 -6.087  1.000 40.134 0 101 ASP   AAA CB  1 ? 
ATOM   835  C CG  . ASP   A 1 101 ? 5.208   -10.429 -7.604  1.000 46.124 0 101 ASP   AAA CG  1 ? 
ATOM   836  O OD1 . ASP   A 1 101 ? 4.689   -11.428 -8.155  1.000 51.865 0 101 ASP   AAA OD1 1 ? 
ATOM   837  O OD2 . ASP   A 1 101 ? 5.749   -9.488  -8.218  1.000 47.182 0 101 ASP   AAA OD2 1 ? 
ATOM   838  N N   . GLY   A 1 102 ? 7.692   -11.929 -4.584  1.000 30.726 0 102 GLY   AAA N   1 ? 
ATOM   839  C CA  . GLY   A 1 102 ? 9.127   -12.230 -4.806  1.000 28.322 0 102 GLY   AAA CA  1 ? 
ATOM   840  C C   . GLY   A 1 102 ? 10.088  -11.290 -4.053  1.000 24.627 0 102 GLY   AAA C   1 ? 
ATOM   841  O O   . GLY   A 1 102 ? 10.971  -11.789 -3.328  1.000 25.355 0 102 GLY   AAA O   1 ? 
ATOM   842  N N   A ASN   A 1 103 ? 9.894   -9.984  -4.204  0.500 23.589 0 103 ASN   AAA N   1 ? 
ATOM   843  N N   B ASN   A 1 103 ? 10.041  -9.963  -4.243  0.500 23.389 0 103 ASN   AAA N   1 ? 
ATOM   844  C CA  A ASN   A 1 103 ? 10.803  -8.970  -3.616  0.500 20.392 0 103 ASN   AAA CA  1 ? 
ATOM   845  C CA  B ASN   A 1 103 ? 10.962  -9.075  -3.471  0.500 20.300 0 103 ASN   AAA CA  1 ? 
ATOM   846  C C   A ASN   A 1 103 ? 10.229  -8.482  -2.278  0.500 15.447 0 103 ASN   AAA C   1 ? 
ATOM   847  C C   B ASN   A 1 103 ? 10.258  -8.508  -2.228  0.500 15.043 0 103 ASN   AAA C   1 ? 
ATOM   848  O O   A ASN   A 1 103 ? 10.825  -7.601  -1.680  0.500 15.583 0 103 ASN   AAA O   1 ? 
ATOM   849  O O   B ASN   A 1 103 ? 10.803  -7.616  -1.611  0.500 14.335 0 103 ASN   AAA O   1 ? 
ATOM   850  C CB  A ASN   A 1 103 ? 11.128  -7.896  -4.650  0.500 22.254 0 103 ASN   AAA CB  1 ? 
ATOM   851  C CB  B ASN   A 1 103 ? 11.654  -7.994  -4.313  0.500 21.679 0 103 ASN   AAA CB  1 ? 
ATOM   852  C CG  A ASN   A 1 103 ? 12.022  -8.443  -5.751  0.500 25.294 0 103 ASN   AAA CG  1 ? 
ATOM   853  C CG  B ASN   A 1 103 ? 10.710  -6.942  -4.851  0.500 25.183 0 103 ASN   AAA CG  1 ? 
ATOM   854  O OD1 A ASN   A 1 103 ? 12.904  -9.260  -5.492  0.500 30.209 0 103 ASN   AAA OD1 1 ? 
ATOM   855  O OD1 B ASN   A 1 103 ? 9.498   -7.129  -4.829  0.500 28.184 0 103 ASN   AAA OD1 1 ? 
ATOM   856  N ND2 A ASN   A 1 103 ? 11.794  -8.021  -6.981  0.500 28.847 0 103 ASN   AAA ND2 1 ? 
ATOM   857  N ND2 B ASN   A 1 103 ? 11.249  -5.846  -5.365  0.500 27.555 0 103 ASN   AAA ND2 1 ? 
ATOM   858  N N   . GLY   A 1 104 ? 9.157   -9.080  -1.790  1.000 15.171 0 104 GLY   AAA N   1 ? 
ATOM   859  C CA  . GLY   A 1 104 ? 8.606   -8.634  -0.517  1.000 14.786 0 104 GLY   AAA CA  1 ? 
ATOM   860  C C   . GLY   A 1 104 ? 8.232   -7.155  -0.522  1.000 12.721 0 104 GLY   AAA C   1 ? 
ATOM   861  O O   . GLY   A 1 104 ? 7.741   -6.651  -1.518  1.000 14.231 0 104 GLY   AAA O   1 ? 
ATOM   862  N N   . MET   A 1 105 ? 8.480   -6.518  0.582   1.000 11.776 0 105 MET   AAA N   1 ? 
ATOM   863  C CA  . MET   A 1 105 ? 8.126   -5.066  0.694   1.000 11.984 0 105 MET   AAA CA  1 ? 
ATOM   864  C C   . MET   A 1 105 ? 9.088   -4.204  -0.130  1.000 12.015 0 105 MET   AAA C   1 ? 
ATOM   865  O O   . MET   A 1 105 ? 8.784   -2.990  -0.284  1.000 11.962 0 105 MET   AAA O   1 ? 
ATOM   866  C CB  . MET   A 1 105 ? 8.027   -4.582  2.134   1.000 12.248 0 105 MET   AAA CB  1 ? 
ATOM   867  C CG  . MET   A 1 105 ? 6.755   -5.103  2.815   1.000 12.827 0 105 MET   AAA CG  1 ? 
ATOM   868  S SD  . MET   A 1 105 ? 6.352   -4.198  4.344   1.000 13.080 0 105 MET   AAA SD  1 ? 
ATOM   869  C CE  . MET   A 1 105 ? 5.642   -2.706  3.673   1.000 13.010 0 105 MET   AAA CE  1 ? 
ATOM   870  N N   . ASN   A 1 106 ? 10.141  -4.741  -0.722  1.000 12.777 0 106 ASN   AAA N   1 ? 
ATOM   871  C CA  . ASN   A 1 106 ? 10.995  -3.933  -1.631  1.000 13.500 0 106 ASN   AAA CA  1 ? 
ATOM   872  C C   . ASN   A 1 106 ? 10.183  -3.461  -2.836  1.000 13.114 0 106 ASN   AAA C   1 ? 
ATOM   873  O O   . ASN   A 1 106 ? 10.680  -2.512  -3.481  1.000 15.996 0 106 ASN   AAA O   1 ? 
ATOM   874  C CB  . ASN   A 1 106 ? 12.259  -4.692  -2.034  1.000 13.412 0 106 ASN   AAA CB  1 ? 
ATOM   875  C CG  . ASN   A 1 106 ? 13.129  -4.985  -0.843  1.000 14.106 0 106 ASN   AAA CG  1 ? 
ATOM   876  O OD1 . ASN   A 1 106 ? 13.766  -4.100  -0.297  1.000 14.588 0 106 ASN   AAA OD1 1 ? 
ATOM   877  N ND2 . ASN   A 1 106 ? 13.126  -6.250  -0.442  1.000 15.545 0 106 ASN   AAA ND2 1 ? 
ATOM   878  N N   . ALA   A 1 107 ? 9.013   -4.022  -3.103  1.000 13.713 0 107 ALA   AAA N   1 ? 
ATOM   879  C CA  . ALA   A 1 107 ? 8.111   -3.519  -4.150  1.000 15.635 0 107 ALA   AAA CA  1 ? 
ATOM   880  C C   . ALA   A 1 107 ? 7.714   -2.064  -3.878  1.000 14.443 0 107 ALA   AAA C   1 ? 
ATOM   881  O O   . ALA   A 1 107 ? 7.280   -1.353  -4.831  1.000 17.725 0 107 ALA   AAA O   1 ? 
ATOM   882  C CB  . ALA   A 1 107 ? 6.895   -4.388  -4.200  1.000 16.585 0 107 ALA   AAA CB  1 ? 
ATOM   883  N N   . TRP   A 1 108 ? 7.730   -1.591  -2.652  1.000 11.894 0 108 TRP   AAA N   1 ? 
ATOM   884  C CA  . TRP   A 1 108 ? 7.383   -0.196  -2.282  1.000 12.526 0 108 TRP   AAA CA  1 ? 
ATOM   885  C C   . TRP   A 1 108 ? 8.649   0.602   -2.126  1.000 12.914 0 108 TRP   AAA C   1 ? 
ATOM   886  O O   . TRP   A 1 108 ? 9.416   0.397   -1.141  1.000 13.398 0 108 TRP   AAA O   1 ? 
ATOM   887  C CB  . TRP   A 1 108 ? 6.546   -0.155  -1.035  1.000 12.737 0 108 TRP   AAA CB  1 ? 
ATOM   888  C CG  . TRP   A 1 108 ? 5.152   -0.629  -1.236  1.000 12.584 0 108 TRP   AAA CG  1 ? 
ATOM   889  C CD1 . TRP   A 1 108 ? 4.121   0.111   -1.728  1.000 12.027 0 108 TRP   AAA CD1 1 ? 
ATOM   890  C CD2 . TRP   A 1 108 ? 4.601   -1.929  -1.028  1.000 12.274 0 108 TRP   AAA CD2 1 ? 
ATOM   891  N NE1 . TRP   A 1 108 ? 2.997   -0.636  -1.835  1.000 13.696 0 108 TRP   AAA NE1 1 ? 
ATOM   892  C CE2 . TRP   A 1 108 ? 3.253   -1.917  -1.413  1.000 12.684 0 108 TRP   AAA CE2 1 ? 
ATOM   893  C CE3 . TRP   A 1 108 ? 5.148   -3.141  -0.570  1.000 13.372 0 108 TRP   AAA CE3 1 ? 
ATOM   894  C CZ2 . TRP   A 1 108 ? 2.410   -2.996  -1.329  1.000 13.045 0 108 TRP   AAA CZ2 1 ? 
ATOM   895  C CZ3 . TRP   A 1 108 ? 4.321   -4.230  -0.478  1.000 12.924 0 108 TRP   AAA CZ3 1 ? 
ATOM   896  C CH2 . TRP   A 1 108 ? 2.977   -4.174  -0.875  1.000 13.008 0 108 TRP   AAA CH2 1 ? 
ATOM   897  N N   . VAL   A 1 109 ? 8.924   1.476   -3.071  1.000 13.604 0 109 VAL   AAA N   1 ? 
ATOM   898  C CA  . VAL   A 1 109 ? 10.158  2.287   -3.073  1.000 15.338 0 109 VAL   AAA CA  1 ? 
ATOM   899  C C   . VAL   A 1 109 ? 10.256  3.110   -1.799  1.000 13.078 0 109 VAL   AAA C   1 ? 
ATOM   900  O O   . VAL   A 1 109 ? 11.383  3.210   -1.239  1.000 14.336 0 109 VAL   AAA O   1 ? 
ATOM   901  C CB  A VAL   A 1 109 ? 10.148  3.211   -4.306  0.520 16.145 0 109 VAL   AAA CB  1 ? 
ATOM   902  C CB  B VAL   A 1 109 ? 10.275  3.191   -4.323  0.480 17.134 0 109 VAL   AAA CB  1 ? 
ATOM   903  C CG1 A VAL   A 1 109 ? 11.214  4.295   -4.215  0.520 15.809 0 109 VAL   AAA CG1 1 ? 
ATOM   904  C CG1 B VAL   A 1 109 ? 9.211   4.270   -4.382  0.480 17.684 0 109 VAL   AAA CG1 1 ? 
ATOM   905  C CG2 A VAL   A 1 109 ? 10.270  2.357   -5.570  0.520 17.268 0 109 VAL   AAA CG2 1 ? 
ATOM   906  C CG2 B VAL   A 1 109 ? 11.668  3.798   -4.448  0.480 18.069 0 109 VAL   AAA CG2 1 ? 
ATOM   907  N N   . ALA   A 1 110 ? 9.164   3.657   -1.305  1.000 13.980 0 110 ALA   AAA N   1 ? 
ATOM   908  C CA  . ALA   A 1 110 ? 9.256   4.477   -0.080  1.000 15.493 0 110 ALA   AAA CA  1 ? 
ATOM   909  C C   . ALA   A 1 110 ? 9.623   3.558   1.094   1.000 14.322 0 110 ALA   AAA C   1 ? 
ATOM   910  O O   . ALA   A 1 110 ? 10.302  4.031   2.021   1.000 14.341 0 110 ALA   AAA O   1 ? 
ATOM   911  C CB  . ALA   A 1 110 ? 7.984   5.264   0.148   1.000 16.931 0 110 ALA   AAA CB  1 ? 
ATOM   912  N N   . TRP   A 1 111 ? 9.069   2.345   1.136   1.000 13.386 0 111 TRP   AAA N   1 ? 
ATOM   913  C CA  . TRP   A 1 111 ? 9.475   1.423   2.201   1.000 13.540 0 111 TRP   AAA CA  1 ? 
ATOM   914  C C   . TRP   A 1 111 ? 10.965  1.189   2.123   1.000 13.526 0 111 TRP   AAA C   1 ? 
ATOM   915  O O   . TRP   A 1 111 ? 11.645  1.282   3.137   1.000 13.258 0 111 TRP   AAA O   1 ? 
ATOM   916  C CB  . TRP   A 1 111 ? 8.695   0.119   2.183   1.000 13.254 0 111 TRP   AAA CB  1 ? 
ATOM   917  C CG  . TRP   A 1 111 ? 9.100   -0.817  3.280   1.000 13.214 0 111 TRP   AAA CG  1 ? 
ATOM   918  C CD1 . TRP   A 1 111 ? 8.651   -0.795  4.578   1.000 12.228 0 111 TRP   AAA CD1 1 ? 
ATOM   919  C CD2 . TRP   A 1 111 ? 10.101  -1.815  3.207   1.000 13.077 0 111 TRP   AAA CD2 1 ? 
ATOM   920  N NE1 . TRP   A 1 111 ? 9.288   -1.755  5.294   1.000 12.356 0 111 TRP   AAA NE1 1 ? 
ATOM   921  C CE2 . TRP   A 1 111 ? 10.159  -2.424  4.474   1.000 12.502 0 111 TRP   AAA CE2 1 ? 
ATOM   922  C CE3 . TRP   A 1 111 ? 10.868  -2.337  2.170   1.000 13.485 0 111 TRP   AAA CE3 1 ? 
ATOM   923  C CZ2 . TRP   A 1 111 ? 11.011  -3.489  4.746   1.000 13.551 0 111 TRP   AAA CZ2 1 ? 
ATOM   924  C CZ3 . TRP   A 1 111 ? 11.689  -3.399  2.431   1.000 15.021 0 111 TRP   AAA CZ3 1 ? 
ATOM   925  C CH2 . TRP   A 1 111 ? 11.777  -3.981  3.712   1.000 13.713 0 111 TRP   AAA CH2 1 ? 
ATOM   926  N N   . ARG   A 1 112 ? 11.463  0.800   0.980   1.000 13.064 0 112 ARG   AAA N   1 ? 
ATOM   927  C CA  . ARG   A 1 112 ? 12.878  0.457   0.864   1.000 15.419 0 112 ARG   AAA CA  1 ? 
ATOM   928  C C   . ARG   A 1 112 ? 13.752  1.645   1.260   1.000 14.240 0 112 ARG   AAA C   1 ? 
ATOM   929  O O   . ARG   A 1 112 ? 14.733  1.466   1.987   1.000 14.912 0 112 ARG   AAA O   1 ? 
ATOM   930  C CB  . ARG   A 1 112 ? 13.161  0.040   -0.570  1.000 18.908 0 112 ARG   AAA CB  1 ? 
ATOM   931  C CG  . ARG   A 1 112 ? 14.511  -0.609  -0.817  1.000 23.808 0 112 ARG   AAA CG  1 ? 
ATOM   932  C CD  . ARG   A 1 112 ? 14.498  -1.142  -2.256  1.000 27.412 0 112 ARG   AAA CD  1 ? 
ATOM   933  N NE  . ARG   A 1 112 ? 14.479  -0.069  -3.254  1.000 29.887 0 112 ARG   AAA NE  1 ? 
ATOM   934  C CZ  . ARG   A 1 112 ? 13.600  0.158   -4.243  1.000 34.030 0 112 ARG   AAA CZ  1 ? 
ATOM   935  N NH1 . ARG   A 1 112 ? 13.822  1.189   -5.043  1.000 40.535 0 112 ARG   AAA NH1 1 ? 
ATOM   936  N NH2 . ARG   A 1 112 ? 12.532  -0.603  -4.467  1.000 33.179 0 112 ARG   AAA NH2 1 ? 
ATOM   937  N N   . ASN   A 1 113 ? 13.409  2.828   0.817   1.000 13.734 0 113 ASN   AAA N   1 ? 
ATOM   938  C CA  . ASN   A 1 113 ? 14.314  3.983   1.019   1.000 14.070 0 113 ASN   AAA CA  1 ? 
ATOM   939  C C   . ASN   A 1 113 ? 14.109  4.676   2.349   1.000 14.635 0 113 ASN   AAA C   1 ? 
ATOM   940  O O   . ASN   A 1 113 ? 15.034  5.478   2.758   1.000 16.445 0 113 ASN   AAA O   1 ? 
ATOM   941  C CB  . ASN   A 1 113 ? 14.163  4.957   -0.149  1.000 14.312 0 113 ASN   AAA CB  1 ? 
ATOM   942  C CG  . ASN   A 1 113 ? 14.816  4.435   -1.409  1.000 15.625 0 113 ASN   AAA CG  1 ? 
ATOM   943  O OD1 . ASN   A 1 113 ? 15.730  3.615   -1.334  1.000 18.659 0 113 ASN   AAA OD1 1 ? 
ATOM   944  N ND2 . ASN   A 1 113 ? 14.357  4.851   -2.577  1.000 15.920 0 113 ASN   AAA ND2 1 ? 
ATOM   945  N N   . ARG   A 1 114 ? 12.966  4.533   3.023   1.000 14.516 0 114 ARG   AAA N   1 ? 
ATOM   946  C CA  . ARG   A 1 114 ? 12.656  5.335   4.197   1.000 15.853 0 114 ARG   AAA CA  1 ? 
ATOM   947  C C   . ARG   A 1 114 ? 12.261  4.522   5.426   1.000 15.048 0 114 ARG   AAA C   1 ? 
ATOM   948  O O   . ARG   A 1 114 ? 12.216  5.119   6.499   1.000 16.403 0 114 ARG   AAA O   1 ? 
ATOM   949  C CB  . ARG   A 1 114 ? 11.620  6.371   3.838   1.000 15.569 0 114 ARG   AAA CB  1 ? 
ATOM   950  C CG  . ARG   A 1 114 ? 12.077  7.188   2.624   1.000 16.753 0 114 ARG   AAA CG  1 ? 
ATOM   951  C CD  . ARG   A 1 114 ? 11.109  8.248   2.244   1.000 16.764 0 114 ARG   AAA CD  1 ? 
ATOM   952  N NE  . ARG   A 1 114 ? 11.091  9.299   3.197   1.000 16.432 0 114 ARG   AAA NE  1 ? 
ATOM   953  C CZ  . ARG   A 1 114 ? 10.343  10.381  3.059   1.000 16.728 0 114 ARG   AAA CZ  1 ? 
ATOM   954  N NH1 . ARG   A 1 114 ? 9.513   10.449  2.035   1.000 17.239 0 114 ARG   AAA NH1 1 ? 
ATOM   955  N NH2 . ARG   A 1 114 ? 10.398  11.320  3.964   1.000 17.514 0 114 ARG   AAA NH2 1 ? 
ATOM   956  N N   . CYS   A 1 115 ? 11.965  3.243   5.285   1.000 13.144 0 115 CYS   AAA N   1 ? 
ATOM   957  C CA  . CYS   A 1 115 ? 11.485  2.387   6.399   1.000 12.917 0 115 CYS   AAA CA  1 ? 
ATOM   958  C C   . CYS   A 1 115 ? 12.381  1.208   6.666   1.000 13.054 0 115 CYS   AAA C   1 ? 
ATOM   959  O O   . CYS   A 1 115 ? 12.717  0.966   7.853   1.000 14.444 0 115 CYS   AAA O   1 ? 
ATOM   960  C CB  . CYS   A 1 115 ? 10.072  1.868   6.135   1.000 12.130 0 115 CYS   AAA CB  1 ? 
ATOM   961  S SG  . CYS   A 1 115 ? 8.859   3.162   5.779   1.000 13.304 0 115 CYS   AAA SG  1 ? 
ATOM   962  N N   . LYS   A 1 116 ? 12.846  0.536   5.645   1.000 13.278 0 116 LYS   AAA N   1 ? 
ATOM   963  C CA  . LYS   A 1 116 ? 13.704  -0.651  5.780   1.000 14.044 0 116 LYS   AAA CA  1 ? 
ATOM   964  C C   . LYS   A 1 116 ? 14.930  -0.294  6.621   1.000 15.738 0 116 LYS   AAA C   1 ? 
ATOM   965  O O   . LYS   A 1 116 ? 15.618  0.651   6.322   1.000 15.976 0 116 LYS   AAA O   1 ? 
ATOM   966  C CB  . LYS   A 1 116 ? 14.079  -1.113  4.397   1.000 13.541 0 116 LYS   AAA CB  1 ? 
ATOM   967  C CG  . LYS   A 1 116 ? 14.881  -2.403  4.368   1.000 14.447 0 116 LYS   AAA CG  1 ? 
ATOM   968  C CD  . LYS   A 1 116 ? 15.252  -2.813  2.959   1.000 15.138 0 116 LYS   AAA CD  1 ? 
ATOM   969  C CE  . LYS   A 1 116 ? 15.875  -4.193  2.852   1.000 15.294 0 116 LYS   AAA CE  1 ? 
ATOM   970  N NZ  . LYS   A 1 116 ? 16.190  -4.534  1.455   1.000 16.126 0 116 LYS   AAA NZ  1 ? 
ATOM   971  N N   . GLY   A 1 117 ? 15.243  -1.098  7.637   1.000 18.518 0 117 GLY   AAA N   1 ? 
ATOM   972  C CA  . GLY   A 1 117 ? 16.439  -0.916  8.486   1.000 20.875 0 117 GLY   AAA CA  1 ? 
ATOM   973  C C   . GLY   A 1 117 ? 16.246  0.136   9.558   1.000 23.511 0 117 GLY   AAA C   1 ? 
ATOM   974  O O   . GLY   A 1 117 ? 17.181  0.312   10.377  1.000 26.972 0 117 GLY   AAA O   1 ? 
ATOM   975  N N   . THR   A 1 118 ? 15.087  0.769   9.675   1.000 17.279 0 118 THR   AAA N   1 ? 
ATOM   976  C CA  . THR   A 1 118 ? 14.819  1.809   10.679  1.000 19.053 0 118 THR   AAA CA  1 ? 
ATOM   977  C C   . THR   A 1 118 ? 14.009  1.165   11.797  1.000 20.396 0 118 THR   AAA C   1 ? 
ATOM   978  O O   . THR   A 1 118 ? 13.551  -0.013  11.692  1.000 19.216 0 118 THR   AAA O   1 ? 
ATOM   979  C CB  . THR   A 1 118 ? 14.122  3.025   10.052  1.000 18.958 0 118 THR   AAA CB  1 ? 
ATOM   980  O OG1 . THR   A 1 118 ? 12.726  2.722   9.860   1.000 18.433 0 118 THR   AAA OG1 1 ? 
ATOM   981  C CG2 . THR   A 1 118 ? 14.761  3.501   8.767   1.000 20.050 0 118 THR   AAA CG2 1 ? 
ATOM   982  N N   . ASP   A 1 119 ? 13.801  1.938   12.855  1.000 21.389 0 119 ASP   AAA N   1 ? 
ATOM   983  C CA  . ASP   A 1 119 ? 12.973  1.519   14.009  1.000 24.793 0 119 ASP   AAA CA  1 ? 
ATOM   984  C C   . ASP   A 1 119 ? 11.502  1.633   13.607  1.000 23.591 0 119 ASP   AAA C   1 ? 
ATOM   985  O O   . ASP   A 1 119 ? 10.867  2.682   13.929  1.000 25.715 0 119 ASP   AAA O   1 ? 
ATOM   986  C CB  . ASP   A 1 119 ? 13.258  2.404   15.219  1.000 26.894 0 119 ASP   AAA CB  1 ? 
ATOM   987  C CG  . ASP   A 1 119 ? 12.444  2.013   16.439  1.000 32.947 0 119 ASP   AAA CG  1 ? 
ATOM   988  O OD1 . ASP   A 1 119 ? 11.843  0.902   16.440  1.000 35.897 0 119 ASP   AAA OD1 1 ? 
ATOM   989  O OD2 . ASP   A 1 119 ? 12.421  2.823   17.376  1.000 38.424 0 119 ASP   AAA OD2 1 ? 
ATOM   990  N N   . VAL   A 1 120 ? 10.976  0.678   12.844  1.000 22.048 0 120 VAL   AAA N   1 ? 
ATOM   991  C CA  . VAL   A 1 120 ? 9.604   0.835   12.254  1.000 21.248 0 120 VAL   AAA CA  1 ? 
ATOM   992  C C   . VAL   A 1 120 ? 8.551   0.643   13.346  1.000 23.627 0 120 VAL   AAA C   1 ? 
ATOM   993  O O   . VAL   A 1 120 ? 7.454   1.127   13.171  1.000 21.105 0 120 VAL   AAA O   1 ? 
ATOM   994  C CB  . VAL   A 1 120 ? 9.348   -0.126  11.088  1.000 21.630 0 120 VAL   AAA CB  1 ? 
ATOM   995  C CG1 . VAL   A 1 120 ? 10.204  0.219   9.886   1.000 21.009 0 120 VAL   AAA CG1 1 ? 
ATOM   996  C CG2 . VAL   A 1 120 ? 9.559   -1.560  11.518  1.000 21.757 0 120 VAL   AAA CG2 1 ? 
ATOM   997  N N   . GLN   A 1 121 ? 8.866   -0.001  14.470  1.000 23.823 0 121 GLN   AAA N   1 ? 
ATOM   998  C CA  . GLN   A 1 121 ? 7.907   -0.119  15.613  1.000 25.810 0 121 GLN   AAA CA  1 ? 
ATOM   999  C C   . GLN   A 1 121 ? 7.557   1.283   16.151  1.000 22.167 0 121 GLN   AAA C   1 ? 
ATOM   1000 O O   . GLN   A 1 121 ? 6.443   1.437   16.697  1.000 23.184 0 121 GLN   AAA O   1 ? 
ATOM   1001 C CB  . GLN   A 1 121 ? 8.496   -1.046  16.691  1.000 29.705 0 121 GLN   AAA CB  1 ? 
ATOM   1002 C CG  . GLN   A 1 121 ? 7.694   -1.142  17.995  1.000 37.574 0 121 GLN   AAA CG  1 ? 
ATOM   1003 C CD  . GLN   A 1 121 ? 6.951   -2.439  18.242  1.000 48.104 0 121 GLN   AAA CD  1 ? 
ATOM   1004 O OE1 . GLN   A 1 121 ? 7.491   -3.546  18.143  1.000 52.606 0 121 GLN   AAA OE1 1 ? 
ATOM   1005 N NE2 . GLN   A 1 121 ? 5.697   -2.312  18.651  1.000 52.245 0 121 GLN   AAA NE2 1 ? 
ATOM   1006 N N   . ALA   A 1 122 ? 8.357   2.324   15.932  1.000 21.309 0 122 ALA   AAA N   1 ? 
ATOM   1007 C CA  . ALA   A 1 122 ? 8.015   3.692   16.372  1.000 21.673 0 122 ALA   AAA CA  1 ? 
ATOM   1008 C C   . ALA   A 1 122 ? 6.672   4.119   15.753  1.000 20.848 0 122 ALA   AAA C   1 ? 
ATOM   1009 O O   . ALA   A 1 122 ? 5.938   4.932   16.320  1.000 20.948 0 122 ALA   AAA O   1 ? 
ATOM   1010 C CB  . ALA   A 1 122 ? 9.113   4.659   16.014  1.000 23.890 0 122 ALA   AAA CB  1 ? 
ATOM   1011 N N   . TRP   A 1 123 ? 6.368   3.627   14.548  1.000 18.223 0 123 TRP   AAA N   1 ? 
ATOM   1012 C CA  . TRP   A 1 123 ? 5.129   3.989   13.830  1.000 17.523 0 123 TRP   AAA CA  1 ? 
ATOM   1013 C C   . TRP   A 1 123 ? 3.856   3.474   14.511  1.000 17.819 0 123 TRP   AAA C   1 ? 
ATOM   1014 O O   . TRP   A 1 123 ? 2.817   3.996   14.162  1.000 17.774 0 123 TRP   AAA O   1 ? 
ATOM   1015 C CB  . TRP   A 1 123 ? 5.193   3.498   12.386  1.000 16.496 0 123 TRP   AAA CB  1 ? 
ATOM   1016 C CG  . TRP   A 1 123 ? 6.194   4.318   11.660  1.000 18.503 0 123 TRP   AAA CG  1 ? 
ATOM   1017 C CD1 . TRP   A 1 123 ? 7.495   3.985   11.437  1.000 20.832 0 123 TRP   AAA CD1 1 ? 
ATOM   1018 C CD2 . TRP   A 1 123 ? 5.993   5.640   11.186  1.000 17.558 0 123 TRP   AAA CD2 1 ? 
ATOM   1019 N NE1 . TRP   A 1 123 ? 8.124   5.035   10.838  1.000 21.968 0 123 TRP   AAA NE1 1 ? 
ATOM   1020 C CE2 . TRP   A 1 123 ? 7.260   6.078   10.700  1.000 19.027 0 123 TRP   AAA CE2 1 ? 
ATOM   1021 C CE3 . TRP   A 1 123 ? 4.894   6.516   11.186  1.000 21.238 0 123 TRP   AAA CE3 1 ? 
ATOM   1022 C CZ2 . TRP   A 1 123 ? 7.392   7.345   10.125  1.000 24.069 0 123 TRP   AAA CZ2 1 ? 
ATOM   1023 C CZ3 . TRP   A 1 123 ? 5.053   7.794   10.667  1.000 24.499 0 123 TRP   AAA CZ3 1 ? 
ATOM   1024 C CH2 . TRP   A 1 123 ? 6.302   8.188   10.151  1.000 25.632 0 123 TRP   AAA CH2 1 ? 
ATOM   1025 N N   . ILE   A 1 124 ? 3.930   2.486   15.400  1.000 17.034 0 124 ILE   AAA N   1 ? 
ATOM   1026 C CA  . ILE   A 1 124 ? 2.710   2.031   16.131  1.000 17.255 0 124 ILE   AAA CA  1 ? 
ATOM   1027 C C   . ILE   A 1 124 ? 2.807   2.420   17.626  1.000 18.758 0 124 ILE   AAA C   1 ? 
ATOM   1028 O O   . ILE   A 1 124 ? 1.875   2.083   18.385  1.000 19.605 0 124 ILE   AAA O   1 ? 
ATOM   1029 C CB  . ILE   A 1 124 ? 2.430   0.555   15.896  1.000 19.787 0 124 ILE   AAA CB  1 ? 
ATOM   1030 C CG1 . ILE   A 1 124 ? 3.556   -0.362  16.371  1.000 24.450 0 124 ILE   AAA CG1 1 ? 
ATOM   1031 C CG2 . ILE   A 1 124 ? 2.063   0.348   14.429  1.000 18.229 0 124 ILE   AAA CG2 1 ? 
ATOM   1032 C CD1 . ILE   A 1 124 ? 3.158   -1.813  16.506  1.000 28.260 0 124 ILE   AAA CD1 1 ? 
ATOM   1033 N N   . ARG   A 1 125 ? 3.791   3.216   18.007  1.000 21.608 0 125 ARG   AAA N   1 ? 
ATOM   1034 C CA  . ARG   A 1 125 ? 3.928   3.660   19.431  1.000 25.031 0 125 ARG   AAA CA  1 ? 
ATOM   1035 C C   . ARG   A 1 125 ? 2.688   4.444   19.847  1.000 23.208 0 125 ARG   AAA C   1 ? 
ATOM   1036 O O   . ARG   A 1 125 ? 2.232   5.294   19.108  1.000 24.515 0 125 ARG   AAA O   1 ? 
ATOM   1037 C CB  . ARG   A 1 125 ? 5.183   4.520   19.612  1.000 29.954 0 125 ARG   AAA CB  1 ? 
ATOM   1038 C CG  . ARG   A 1 125 ? 6.366   3.669   20.039  1.000 40.768 0 125 ARG   AAA CG  1 ? 
ATOM   1039 C CD  . ARG   A 1 125 ? 7.590   4.464   20.431  1.000 45.765 0 125 ARG   AAA CD  1 ? 
ATOM   1040 N NE  . ARG   A 1 125 ? 8.778   3.714   20.048  1.000 49.623 0 125 ARG   AAA NE  1 ? 
ATOM   1041 C CZ  . ARG   A 1 125 ? 9.927   4.259   19.662  1.000 55.664 0 125 ARG   AAA CZ  1 ? 
ATOM   1042 N NH1 . ARG   A 1 125 ? 10.058  5.577   19.590  1.000 55.467 0 125 ARG   AAA NH1 1 ? 
ATOM   1043 N NH2 . ARG   A 1 125 ? 10.944  3.474   19.341  1.000 56.113 0 125 ARG   AAA NH2 1 ? 
ATOM   1044 N N   . GLY   A 1 126 ? 2.124   4.110   21.024  1.000 23.379 0 126 GLY   AAA N   1 ? 
ATOM   1045 C CA  . GLY   A 1 126 ? 0.970   4.853   21.546  1.000 21.795 0 126 GLY   AAA CA  1 ? 
ATOM   1046 C C   . GLY   A 1 126 ? -0.356  4.289   21.080  1.000 21.789 0 126 GLY   AAA C   1 ? 
ATOM   1047 O O   . GLY   A 1 126 ? -1.360  4.623   21.672  1.000 25.030 0 126 GLY   AAA O   1 ? 
ATOM   1048 N N   . CYS   A 1 127 ? -0.368  3.431   20.056  1.000 18.626 0 127 CYS   AAA N   1 ? 
ATOM   1049 C CA  . CYS   A 1 127 ? -1.631  2.953   19.484  1.000 19.643 0 127 CYS   AAA CA  1 ? 
ATOM   1050 C C   . CYS   A 1 127 ? -2.189  1.854   20.357  1.000 19.891 0 127 CYS   AAA C   1 ? 
ATOM   1051 O O   . CYS   A 1 127 ? -1.428  1.067   20.892  1.000 19.614 0 127 CYS   AAA O   1 ? 
ATOM   1052 C CB  . CYS   A 1 127 ? -1.406  2.442   18.073  1.000 17.254 0 127 CYS   AAA CB  1 ? 
ATOM   1053 S SG  . CYS   A 1 127 ? -0.695  3.643   16.912  1.000 19.115 0 127 CYS   AAA SG  1 ? 
ATOM   1054 N N   . ARG   A 1 128 ? -3.503  1.858   20.518  1.000 22.051 0 128 ARG   AAA N   1 ? 
ATOM   1055 C CA  . ARG   A 1 128 ? -4.213  0.781   21.249  1.000 26.869 0 128 ARG   AAA CA  1 ? 
ATOM   1056 C C   . ARG   A 1 128 ? -4.610  -0.253  20.209  1.000 32.154 0 128 ARG   AAA C   1 ? 
ATOM   1057 O O   . ARG   A 1 128 ? -5.494  0.068   19.361  1.000 39.540 0 128 ARG   AAA O   1 ? 
ATOM   1058 C CB  . ARG   A 1 128 ? -5.496  1.245   21.921  1.000 28.835 0 128 ARG   AAA CB  1 ? 
ATOM   1059 C CG  . ARG   A 1 128 ? -5.534  2.713   22.280  1.000 30.677 0 128 ARG   AAA CG  1 ? 
ATOM   1060 C CD  . ARG   A 1 128 ? -6.749  2.880   23.160  1.000 30.826 0 128 ARG   AAA CD  1 ? 
ATOM   1061 N NE  . ARG   A 1 128 ? -6.627  4.003   24.065  1.000 32.468 0 128 ARG   AAA NE  1 ? 
ATOM   1062 C CZ  . ARG   A 1 128 ? -7.134  5.212   23.853  1.000 29.544 0 128 ARG   AAA CZ  1 ? 
ATOM   1063 N NH1 . ARG   A 1 128 ? -7.009  6.142   24.783  1.000 35.018 0 128 ARG   AAA NH1 1 ? 
ATOM   1064 N NH2 . ARG   A 1 128 ? -7.782  5.506   22.747  1.000 30.297 0 128 ARG   AAA NH2 1 ? 
ATOM   1065 N N   . LEU   A 1 129 ? -3.893  -1.369  20.193  1.000 31.955 0 129 LEU   AAA N   1 ? 
ATOM   1066 C CA  . LEU   A 1 129 ? -4.018  -2.396  19.122  1.000 36.671 0 129 LEU   AAA CA  1 ? 
ATOM   1067 C C   . LEU   A 1 129 ? -4.256  -3.766  19.742  1.000 44.426 0 129 LEU   AAA C   1 ? 
ATOM   1068 O O   . LEU   A 1 129 ? -5.056  -4.497  19.164  1.000 56.352 0 129 LEU   AAA O   1 ? 
ATOM   1069 C CB  . LEU   A 1 129 ? -2.738  -2.419  18.298  1.000 32.509 0 129 LEU   AAA CB  1 ? 
ATOM   1070 C CG  . LEU   A 1 129 ? -2.526  -1.193  17.421  1.000 30.683 0 129 LEU   AAA CG  1 ? 
ATOM   1071 C CD1 . LEU   A 1 129 ? -1.067  -1.040  17.087  1.000 30.084 0 129 LEU   AAA CD1 1 ? 
ATOM   1072 C CD2 . LEU   A 1 129 ? -3.364  -1.288  16.158  1.000 32.351 0 129 LEU   AAA CD2 1 ? 
ATOM   1073 O OXT . LEU   A 1 129 ? -3.671  -4.129  20.771  1.000 52.296 0 129 LEU   AAA OXT 1 ? 
HETATM 1074 N N1  A EPE   B 2 .   ? 7.745   3.726   -9.196  0.500 22.702 0 201 EPE   AAA N1  1 ? 
HETATM 1075 N N1  B EPE   B 2 .   ? 7.852   3.893   -7.545  0.500 50.992 0 201 EPE   AAA N1  1 ? 
HETATM 1076 C C2  A EPE   B 2 .   ? 7.434   4.348   -7.906  0.500 21.220 0 201 EPE   AAA C2  1 ? 
HETATM 1077 C C2  B EPE   B 2 .   ? 6.719   3.931   -6.604  0.500 48.834 0 201 EPE   AAA C2  1 ? 
HETATM 1078 C C3  A EPE   B 2 .   ? 7.025   3.314   -6.887  0.500 20.477 0 201 EPE   AAA C3  1 ? 
HETATM 1079 C C3  B EPE   B 2 .   ? 6.015   2.594   -6.524  0.500 47.855 0 201 EPE   AAA C3  1 ? 
HETATM 1080 N N4  A EPE   B 2 .   ? 5.820   2.590   -7.309  0.500 19.312 0 201 EPE   AAA N4  1 ? 
HETATM 1081 N N4  B EPE   B 2 .   ? 5.514   2.147   -7.837  0.500 42.762 0 201 EPE   AAA N4  1 ? 
HETATM 1082 C C5  A EPE   B 2 .   ? 6.127   1.923   -8.586  0.500 21.668 0 201 EPE   AAA C5  1 ? 
HETATM 1083 C C5  B EPE   B 2 .   ? 6.641   2.140   -8.789  0.500 48.099 0 201 EPE   AAA C5  1 ? 
HETATM 1084 C C6  A EPE   B 2 .   ? 6.587   2.917   -9.632  0.500 23.442 0 201 EPE   AAA C6  1 ? 
HETATM 1085 C C6  B EPE   B 2 .   ? 7.324   3.490   -8.860  0.500 49.639 0 201 EPE   AAA C6  1 ? 
HETATM 1086 C C7  A EPE   B 2 .   ? 5.418   1.634   -6.271  0.500 18.942 0 201 EPE   AAA C7  1 ? 
HETATM 1087 C C7  B EPE   B 2 .   ? 4.869   0.826   -7.744  0.500 37.138 0 201 EPE   AAA C7  1 ? 
HETATM 1088 C C8  A EPE   B 2 .   ? 5.124   2.280   -4.939  0.500 17.969 0 201 EPE   AAA C8  1 ? 
HETATM 1089 C C8  B EPE   B 2 .   ? 3.654   0.781   -6.828  0.500 31.808 0 201 EPE   AAA C8  1 ? 
HETATM 1090 O O8  A EPE   B 2 .   ? 6.360   2.414   -4.250  0.500 13.767 0 201 EPE   AAA O8  1 ? 
HETATM 1091 O O8  B EPE   B 2 .   ? 2.978   -0.471  -6.779  0.500 25.140 0 201 EPE   AAA O8  1 ? 
HETATM 1092 C C9  A EPE   B 2 .   ? 8.064   4.766   -10.190 0.500 23.553 0 201 EPE   AAA C9  1 ? 
HETATM 1093 C C9  B EPE   B 2 .   ? 8.559   5.203   -7.590  0.500 50.564 0 201 EPE   AAA C9  1 ? 
HETATM 1094 C C10 A EPE   B 2 .   ? 9.068   4.309   -11.218 0.500 24.974 0 201 EPE   AAA C10 1 ? 
HETATM 1095 C C10 B EPE   B 2 .   ? 9.971   5.180   -8.171  0.500 50.068 0 201 EPE   AAA C10 1 ? 
HETATM 1096 S S   A EPE   B 2 .   ? 9.404   5.561   -12.420 0.500 22.708 0 201 EPE   AAA S   1 ? 
HETATM 1097 S S   B EPE   B 2 .   ? 11.049  6.446   -7.538  0.500 53.988 0 201 EPE   AAA S   1 ? 
HETATM 1098 O O1S A EPE   B 2 .   ? 8.642   6.728   -12.049 0.500 22.084 0 201 EPE   AAA O1S 1 ? 
HETATM 1099 O O1S B EPE   B 2 .   ? 10.301  7.222   -6.587  0.500 47.770 0 201 EPE   AAA O1S 1 ? 
HETATM 1100 O O2S A EPE   B 2 .   ? 10.829  5.610   -12.573 0.500 29.140 0 201 EPE   AAA O2S 1 ? 
HETATM 1101 O O2S B EPE   B 2 .   ? 12.238  5.782   -7.080  0.500 54.090 0 201 EPE   AAA O2S 1 ? 
HETATM 1102 O O3S A EPE   B 2 .   ? 8.650   4.962   -13.701 0.500 22.416 0 201 EPE   AAA O3S 1 ? 
HETATM 1103 O O3S B EPE   B 2 .   ? 11.405  7.299   -8.788  0.500 49.511 0 201 EPE   AAA O3S 1 ? 
HETATM 1104 O O1  . A1H23 C 3 .   ? -8.220  8.495   25.045  0.500 33.183 0 202 A1H23 AAA O1  1 ? 
HETATM 1105 O O2  . A1H23 C 3 .   ? -10.672 8.946   24.342  0.500 37.319 0 202 A1H23 AAA O2  1 ? 
HETATM 1106 V V   . A1H23 C 3 .   ? -8.856  9.414   23.802  0.500 34.125 0 202 A1H23 AAA V   1 ? 
HETATM 1107 O OAA . A1H23 C 3 .   ? -8.906  10.851  24.806  0.500 37.520 0 202 A1H23 AAA OAA 1 ? 
HETATM 1108 C CAD . A1H23 C 3 .   ? -4.922  9.890   22.125  0.500 35.052 0 202 A1H23 AAA CAD 1 ? 
HETATM 1109 C CAE . A1H23 C 3 .   ? -6.154  9.277   22.337  0.500 35.030 0 202 A1H23 AAA CAE 1 ? 
HETATM 1110 C CAF . A1H23 C 3 .   ? -4.682  11.050  22.778  0.500 36.913 0 202 A1H23 AAA CAF 1 ? 
HETATM 1111 C CAG . A1H23 C 3 .   ? -6.308  13.398  25.148  0.500 35.683 0 202 A1H23 AAA CAG 1 ? 
HETATM 1112 N NAH . A1H23 C 3 .   ? -7.047  9.823   23.163  0.500 34.425 0 202 A1H23 AAA NAH 1 ? 
HETATM 1113 C CAI . A1H23 C 3 .   ? -5.326  12.917  24.343  0.500 36.136 0 202 A1H23 AAA CAI 1 ? 
HETATM 1114 C CAJ . A1H23 C 3 .   ? -7.757  11.548  24.657  0.500 35.004 0 202 A1H23 AAA CAJ 1 ? 
HETATM 1115 C CAK . A1H23 C 3 .   ? -7.524  12.716  25.321  0.500 38.270 0 202 A1H23 AAA CAK 1 ? 
HETATM 1116 C CAL . A1H23 C 3 .   ? -5.551  11.716  23.639  0.500 34.742 0 202 A1H23 AAA CAL 1 ? 
HETATM 1117 C CAM . A1H23 C 3 .   ? -6.770  11.010  23.803  0.500 34.671 0 202 A1H23 AAA CAM 1 ? 
HETATM 1118 O OBA . A1H23 C 3 .   ? -8.712  8.055   22.695  0.500 36.839 0 202 A1H23 AAA OBA 1 ? 
HETATM 1119 C CBD . A1H23 C 3 .   ? -10.597 12.240  21.068  0.500 36.539 0 202 A1H23 AAA CBD 1 ? 
HETATM 1120 C CBE . A1H23 C 3 .   ? -10.102 11.771  22.280  0.500 39.540 0 202 A1H23 AAA CBE 1 ? 
HETATM 1121 C CBF . A1H23 C 3 .   ? -10.562 11.402  20.007  0.500 37.999 0 202 A1H23 AAA CBF 1 ? 
HETATM 1122 C CBG . A1H23 C 3 .   ? -9.550  7.943   19.121  0.500 35.708 0 202 A1H23 AAA CBG 1 ? 
HETATM 1123 N NBH . A1H23 C 3 .   ? -9.634  10.527  22.386  0.500 36.994 0 202 A1H23 AAA NBH 1 ? 
HETATM 1124 C CBI . A1H23 C 3 .   ? -10.057 9.188   18.916  0.500 37.848 0 202 A1H23 AAA CBI 1 ? 
HETATM 1125 C CBJ . A1H23 C 3 .   ? -9.128  8.392   21.450  0.500 35.960 0 202 A1H23 AAA CBJ 1 ? 
HETATM 1126 C CBK . A1H23 C 3 .   ? -9.089  7.537   20.387  0.500 37.423 0 202 A1H23 AAA CBK 1 ? 
HETATM 1127 C CBL . A1H23 C 3 .   ? -10.101 10.087  20.002  0.500 37.821 0 202 A1H23 AAA CBL 1 ? 
HETATM 1128 C CBM . A1H23 C 3 .   ? -9.627  9.699   21.282  0.500 38.127 0 202 A1H23 AAA CBM 1 ? 
HETATM 1129 O O1  B VVO   D 4 .   ? -5.199  8.065   14.712  0.300 13.975 0 203 VVO   AAA O1  1 ? 
HETATM 1130 V V1  B VVO   D 4 .   ? -5.077  8.958   15.986  0.300 24.137 0 203 VVO   AAA V1  1 ? 
HETATM 1131 V V5  A VVB   E 5 .   ? -1.996  9.471   17.106  0.300 20.634 0 204 VVB   AAA V5  1 ? 
HETATM 1132 O O12 A VVB   E 5 .   ? -1.891  10.921  15.994  0.300 22.020 0 204 VVB   AAA O12 1 ? 
HETATM 1133 O O13 A VVB   E 5 .   ? -2.720  8.535   15.718  0.300 14.467 0 204 VVB   AAA O13 1 ? 
HETATM 1134 O O1  . VVO   F 4 .   ? -12.610 9.423   0.937   0.300 23.407 0 205 VVO   AAA O1  1 ? 
HETATM 1135 V V1  . VVO   F 4 .   ? -14.052 10.024  1.738   0.300 33.637 0 205 VVO   AAA V1  1 ? 
HETATM 1136 O O   . HOH   G 6 .   ? -12.356 -0.420  12.354  1.000 30.457 0 301 HOH   AAA O   1 ? 
HETATM 1137 O O   . HOH   G 6 .   ? -3.089  -2.202  -15.515 1.000 16.263 0 302 HOH   AAA O   1 ? 
HETATM 1138 O O   . HOH   G 6 .   ? -8.613  -6.812  2.867   1.000 51.381 0 303 HOH   AAA O   1 ? 
HETATM 1139 O O   . HOH   G 6 .   ? 0.436   -11.885 14.089  1.000 39.217 0 304 HOH   AAA O   1 ? 
HETATM 1140 O O   . HOH   G 6 .   ? -6.179  3.562   -0.664  1.000 26.902 0 305 HOH   AAA O   1 ? 
HETATM 1141 O O   . HOH   G 6 .   ? 5.866   6.346   -4.031  1.000 37.941 0 306 HOH   AAA O   1 ? 
HETATM 1142 O O   . HOH   G 6 .   ? -7.005  9.679   14.659  1.000 45.453 0 307 HOH   AAA O   1 ? 
HETATM 1143 O O   . HOH   G 6 .   ? -6.240  -11.124 -8.033  1.000 40.149 0 308 HOH   AAA O   1 ? 
HETATM 1144 O O   . HOH   G 6 .   ? 0.500   11.020  15.536  1.000 49.505 0 309 HOH   AAA O   1 ? 
HETATM 1145 O O   . HOH   G 6 .   ? -3.857  -8.706  -15.578 1.000 43.635 0 310 HOH   AAA O   1 ? 
HETATM 1146 O O   . HOH   G 6 .   ? -2.039  10.696  13.531  1.000 29.838 0 311 HOH   AAA O   1 ? 
HETATM 1147 O O   . HOH   G 6 .   ? -8.024  1.930   -22.606 1.000 34.580 0 312 HOH   AAA O   1 ? 
HETATM 1148 O O   . HOH   G 6 .   ? 11.497  -1.378  15.330  1.000 45.715 0 313 HOH   AAA O   1 ? 
HETATM 1149 O O   . HOH   G 6 .   ? -11.332 4.573   10.731  1.000 35.703 0 314 HOH   AAA O   1 ? 
HETATM 1150 O O   . HOH   G 6 .   ? 6.467   8.396   -1.813  1.000 31.440 0 315 HOH   AAA O   1 ? 
HETATM 1151 O O   . HOH   G 6 .   ? -2.718  -2.684  -23.235 0.500 38.450 0 316 HOH   AAA O   1 ? 
HETATM 1152 O O   . HOH   G 6 .   ? -13.622 -5.158  4.775   1.000 43.607 0 317 HOH   AAA O   1 ? 
HETATM 1153 O O   . HOH   G 6 .   ? 16.577  1.405   -2.850  1.000 33.179 0 318 HOH   AAA O   1 ? 
HETATM 1154 O O   . HOH   G 6 .   ? -3.386  -14.213 2.333   1.000 49.634 0 319 HOH   AAA O   1 ? 
HETATM 1155 O O   . HOH   G 6 .   ? 4.258   -1.671  -4.856  1.000 30.948 0 320 HOH   AAA O   1 ? 
HETATM 1156 O O   . HOH   G 6 .   ? -12.294 8.395   -1.453  1.000 24.265 0 321 HOH   AAA O   1 ? 
HETATM 1157 O O   A HOH   G 6 .   ? -13.421 -7.803  9.680   0.700 36.377 0 322 HOH   AAA O   1 ? 
HETATM 1158 O O   . HOH   G 6 .   ? -8.237  2.662   0.469   1.000 21.286 0 323 HOH   AAA O   1 ? 
HETATM 1159 O O   . HOH   G 6 .   ? -4.896  -12.705 5.340   1.000 37.068 0 324 HOH   AAA O   1 ? 
HETATM 1160 O O   . HOH   G 6 .   ? 11.545  5.180   13.372  1.000 34.256 0 325 HOH   AAA O   1 ? 
HETATM 1161 O O   . HOH   G 6 .   ? 12.783  7.408   7.716   1.000 21.940 0 326 HOH   AAA O   1 ? 
HETATM 1162 O O   . HOH   G 6 .   ? 13.028  7.573   -5.272  1.000 27.255 0 327 HOH   AAA O   1 ? 
HETATM 1163 O O   . HOH   G 6 .   ? -2.701  11.888  9.224   1.000 24.042 0 328 HOH   AAA O   1 ? 
HETATM 1164 O O   . HOH   G 6 .   ? 4.957   7.502   -8.113  1.000 42.812 0 329 HOH   AAA O   1 ? 
HETATM 1165 O O   . HOH   G 6 .   ? -9.380  10.240  9.452   1.000 31.467 0 330 HOH   AAA O   1 ? 
HETATM 1166 O O   . HOH   G 6 .   ? 8.374   0.447   -15.968 1.000 35.840 0 331 HOH   AAA O   1 ? 
HETATM 1167 O O   . HOH   G 6 .   ? 17.020  -1.347  12.467  1.000 47.075 0 332 HOH   AAA O   1 ? 
HETATM 1168 O O   . HOH   G 6 .   ? -7.167  -8.022  -5.172  1.000 27.756 0 333 HOH   AAA O   1 ? 
HETATM 1169 O O   . HOH   G 6 .   ? 9.895   -10.798 1.887   1.000 18.358 0 334 HOH   AAA O   1 ? 
HETATM 1170 O O   . HOH   G 6 .   ? -1.648  5.628   -15.799 1.000 15.152 0 335 HOH   AAA O   1 ? 
HETATM 1171 O O   . HOH   G 6 .   ? -2.688  -12.239 8.493   1.000 39.331 0 336 HOH   AAA O   1 ? 
HETATM 1172 O O   . HOH   G 6 .   ? 1.067   0.125   20.058  1.000 29.640 0 337 HOH   AAA O   1 ? 
HETATM 1173 O O   . HOH   G 6 .   ? 8.103   -1.195  -7.399  1.000 35.421 0 338 HOH   AAA O   1 ? 
HETATM 1174 O O   A HOH   G 6 .   ? -3.983  8.660   18.114  0.700 42.897 0 339 HOH   AAA O   1 ? 
HETATM 1175 O O   . HOH   G 6 .   ? -10.962 -8.488  -7.430  1.000 42.508 0 340 HOH   AAA O   1 ? 
HETATM 1176 O O   . HOH   G 6 .   ? -11.016 12.527  24.481  1.000 63.545 0 341 HOH   AAA O   1 ? 
HETATM 1177 O O   . HOH   G 6 .   ? 7.019   -7.929  -3.951  1.000 22.823 0 342 HOH   AAA O   1 ? 
HETATM 1178 O O   . HOH   G 6 .   ? 3.461   -5.257  15.477  1.000 40.064 0 343 HOH   AAA O   1 ? 
HETATM 1179 O O   . HOH   G 6 .   ? -4.709  12.173  -6.064  1.000 14.650 0 344 HOH   AAA O   1 ? 
HETATM 1180 O O   . HOH   G 6 .   ? 11.018  4.698   10.690  1.000 26.204 0 345 HOH   AAA O   1 ? 
HETATM 1181 O O   . HOH   G 6 .   ? 5.314   0.573   -13.333 1.000 31.475 0 346 HOH   AAA O   1 ? 
HETATM 1182 O O   . HOH   G 6 .   ? 13.537  -2.411  10.359  1.000 28.836 0 347 HOH   AAA O   1 ? 
HETATM 1183 O O   . HOH   G 6 .   ? 7.710   -11.725 -1.841  1.000 35.132 0 348 HOH   AAA O   1 ? 
HETATM 1184 O O   . HOH   G 6 .   ? -12.981 5.222   -5.194  1.000 30.373 0 349 HOH   AAA O   1 ? 
HETATM 1185 O O   . HOH   G 6 .   ? -8.608  12.269  1.222   1.000 15.681 0 350 HOH   AAA O   1 ? 
HETATM 1186 O O   . HOH   G 6 .   ? 18.270  -2.759  1.048   1.000 35.761 0 351 HOH   AAA O   1 ? 
HETATM 1187 O O   . HOH   G 6 .   ? 4.126   6.869   -5.840  1.000 22.637 0 352 HOH   AAA O   1 ? 
HETATM 1188 O O   . HOH   G 6 .   ? -12.882 4.304   6.425   1.000 38.527 0 353 HOH   AAA O   1 ? 
HETATM 1189 O O   . HOH   G 6 .   ? 15.377  4.208   13.102  1.000 33.221 0 354 HOH   AAA O   1 ? 
HETATM 1190 O O   . HOH   G 6 .   ? 17.299  0.441   1.713   1.000 34.244 0 355 HOH   AAA O   1 ? 
HETATM 1191 O O   . HOH   G 6 .   ? -8.032  -5.703  -4.270  1.000 27.051 0 356 HOH   AAA O   1 ? 
HETATM 1192 O O   . HOH   G 6 .   ? -11.977 -1.230  -0.478  1.000 25.664 0 357 HOH   AAA O   1 ? 
HETATM 1193 O O   . HOH   G 6 .   ? 17.895  2.529   0.052   1.000 36.799 0 358 HOH   AAA O   1 ? 
HETATM 1194 O O   . HOH   G 6 .   ? 4.390   9.987   -17.189 1.000 35.642 0 359 HOH   AAA O   1 ? 
HETATM 1195 O O   . HOH   G 6 .   ? -1.409  12.699  7.045   1.000 27.247 0 360 HOH   AAA O   1 ? 
HETATM 1196 O O   . HOH   G 6 .   ? -2.441  11.532  -10.776 0.500 19.628 0 361 HOH   AAA O   1 ? 
HETATM 1197 O O   . HOH   G 6 .   ? 12.037  -3.179  8.235   1.000 23.465 0 362 HOH   AAA O   1 ? 
HETATM 1198 O O   . HOH   G 6 .   ? 6.147   2.717   -20.972 1.000 40.702 0 363 HOH   AAA O   1 ? 
HETATM 1199 O O   . HOH   G 6 .   ? -1.362  12.507  -0.093  1.000 21.765 0 364 HOH   AAA O   1 ? 
HETATM 1200 O O   . HOH   G 6 .   ? 1.515   13.619  -8.674  1.000 31.072 0 365 HOH   AAA O   1 ? 
HETATM 1201 O O   . HOH   G 6 .   ? -10.766 0.820   -18.313 1.000 20.725 0 366 HOH   AAA O   1 ? 
HETATM 1202 O O   . HOH   G 6 .   ? 1.732   10.470  -2.463  1.000 25.166 0 367 HOH   AAA O   1 ? 
HETATM 1203 O O   . HOH   G 6 .   ? 18.091  1.839   7.080   1.000 35.111 0 368 HOH   AAA O   1 ? 
HETATM 1204 O O   . HOH   G 6 .   ? 9.329   -11.504 11.133  1.000 26.918 0 369 HOH   AAA O   1 ? 
HETATM 1205 O O   . HOH   G 6 .   ? -12.834 -0.332  -2.965  1.000 24.611 0 370 HOH   AAA O   1 ? 
HETATM 1206 O O   . HOH   G 6 .   ? -8.348  -5.488  -16.662 1.000 35.067 0 371 HOH   AAA O   1 ? 
HETATM 1207 O O   . HOH   G 6 .   ? -3.204  1.637   -2.255  1.000 14.364 0 372 HOH   AAA O   1 ? 
HETATM 1208 O O   . HOH   G 6 .   ? 0.450   5.606   -20.360 1.000 34.865 0 373 HOH   AAA O   1 ? 
HETATM 1209 O O   . HOH   G 6 .   ? 15.568  2.842   4.478   1.000 19.992 0 374 HOH   AAA O   1 ? 
HETATM 1210 O O   . HOH   G 6 .   ? 8.943   8.942   -0.335  1.000 26.392 0 375 HOH   AAA O   1 ? 
HETATM 1211 O O   . HOH   G 6 .   ? 1.662   -14.272 6.189   1.000 36.620 0 376 HOH   AAA O   1 ? 
HETATM 1212 O O   . HOH   G 6 .   ? -7.384  -3.784  14.913  1.000 27.609 0 377 HOH   AAA O   1 ? 
HETATM 1213 O O   B HOH   G 6 .   ? 8.214   7.570   -11.861 0.500 24.137 0 378 HOH   AAA O   1 ? 
HETATM 1214 O O   . HOH   G 6 .   ? -2.905  -8.148  11.535  1.000 24.246 0 379 HOH   AAA O   1 ? 
HETATM 1215 O O   . HOH   G 6 .   ? -4.134  -0.173  -16.225 1.000 17.620 0 380 HOH   AAA O   1 ? 
HETATM 1216 O O   . HOH   G 6 .   ? 12.667  9.372   5.628   1.000 18.827 0 381 HOH   AAA O   1 ? 
HETATM 1217 O O   B HOH   G 6 .   ? 7.159   1.625   -5.372  0.500 25.172 0 382 HOH   AAA O   1 ? 
HETATM 1218 O O   . HOH   G 6 .   ? 3.671   -14.668 9.798   1.000 36.761 0 383 HOH   AAA O   1 ? 
HETATM 1219 O O   B HOH   G 6 .   ? 7.876   4.357   -14.208 0.500 21.075 0 384 HOH   AAA O   1 ? 
HETATM 1220 O O   . HOH   G 6 .   ? -8.415  -1.675  -19.911 1.000 41.945 0 385 HOH   AAA O   1 ? 
HETATM 1221 O O   . HOH   G 6 .   ? -5.416  10.398  -18.998 1.000 21.968 0 386 HOH   AAA O   1 ? 
HETATM 1222 O O   . HOH   G 6 .   ? -5.311  3.762   19.220  1.000 31.204 0 387 HOH   AAA O   1 ? 
HETATM 1223 O O   . HOH   G 6 .   ? 6.113   -2.849  14.112  1.000 28.294 0 388 HOH   AAA O   1 ? 
HETATM 1224 O O   . HOH   G 6 .   ? -10.150 12.717  6.034   1.000 28.315 0 389 HOH   AAA O   1 ? 
HETATM 1225 O O   . HOH   G 6 .   ? -14.174 2.116   -7.765  1.000 38.510 0 390 HOH   AAA O   1 ? 
HETATM 1226 O O   . HOH   G 6 .   ? -14.620 6.362   -0.597  1.000 32.322 0 391 HOH   AAA O   1 ? 
HETATM 1227 O O   . HOH   G 6 .   ? -8.941  0.377   -1.080  1.000 21.408 0 392 HOH   AAA O   1 ? 
HETATM 1228 O O   . HOH   G 6 .   ? -4.678  0.261   -18.892 1.000 23.223 0 393 HOH   AAA O   1 ? 
HETATM 1229 O O   . HOH   G 6 .   ? 6.329   -7.078  -6.589  1.000 41.682 0 394 HOH   AAA O   1 ? 
HETATM 1230 O O   . HOH   G 6 .   ? -4.831  2.088   17.212  1.000 26.635 0 395 HOH   AAA O   1 ? 
HETATM 1231 O O   A HOH   G 6 .   ? 1.698   12.843  -10.933 0.500 16.976 0 396 HOH   AAA O   1 ? 
HETATM 1232 O O   B HOH   G 6 .   ? 0.164   12.428  -10.828 0.500 17.411 0 396 HOH   AAA O   1 ? 
HETATM 1233 O O   . HOH   G 6 .   ? 8.169   13.253  3.598   1.000 21.272 0 397 HOH   AAA O   1 ? 
HETATM 1234 O O   . HOH   G 6 .   ? 5.125   9.019   -19.891 1.000 51.128 0 398 HOH   AAA O   1 ? 
HETATM 1235 O O   A HOH   G 6 .   ? 2.532   -1.535  -6.836  0.500 20.107 0 399 HOH   AAA O   1 ? 
HETATM 1236 O O   . HOH   G 6 .   ? 5.137   14.501  6.735   1.000 40.882 0 400 HOH   AAA O   1 ? 
HETATM 1237 O O   . HOH   G 6 .   ? -10.904 0.468   6.067   1.000 33.873 0 401 HOH   AAA O   1 ? 
HETATM 1238 O O   . HOH   G 6 .   ? -11.052 -4.863  -13.016 1.000 33.008 0 402 HOH   AAA O   1 ? 
HETATM 1239 O O   . HOH   G 6 .   ? 10.687  -4.768  11.149  1.000 25.628 0 403 HOH   AAA O   1 ? 
HETATM 1240 O O   . HOH   G 6 .   ? -4.925  -3.154  -16.784 1.000 26.645 0 404 HOH   AAA O   1 ? 
HETATM 1241 O O   . HOH   G 6 .   ? 4.651   -2.664  -8.238  1.000 43.159 0 405 HOH   AAA O   1 ? 
HETATM 1242 O O   . HOH   G 6 .   ? -14.357 -3.095  -0.081  1.000 47.381 0 406 HOH   AAA O   1 ? 
HETATM 1243 O O   . HOH   G 6 .   ? 8.441   7.418   -4.039  1.000 45.605 0 407 HOH   AAA O   1 ? 
HETATM 1244 O O   . HOH   G 6 .   ? 2.869   -5.191  -17.603 1.000 49.659 0 408 HOH   AAA O   1 ? 
HETATM 1245 O O   . HOH   G 6 .   ? 5.187   11.856  3.673   1.000 43.120 0 409 HOH   AAA O   1 ? 
HETATM 1246 O O   . HOH   G 6 .   ? -0.415  14.792  1.418   1.000 36.148 0 410 HOH   AAA O   1 ? 
HETATM 1247 O O   . HOH   G 6 .   ? 16.734  -5.720  -1.583  1.000 41.360 0 411 HOH   AAA O   1 ? 
HETATM 1248 O O   . HOH   G 6 .   ? 5.476   -4.820  -7.734  1.000 49.024 0 412 HOH   AAA O   1 ? 
HETATM 1249 O O   . HOH   G 6 .   ? -4.033  1.311   -22.427 1.000 40.890 0 413 HOH   AAA O   1 ? 
HETATM 1250 O O   . HOH   G 6 .   ? -2.914  10.455  -20.101 1.000 49.381 0 414 HOH   AAA O   1 ? 
HETATM 1251 O O   . HOH   G 6 .   ? 18.052  -2.594  6.303   1.000 25.835 0 415 HOH   AAA O   1 ? 
HETATM 1252 O O   . HOH   G 6 .   ? 10.150  7.025   -1.829  1.000 25.056 0 416 HOH   AAA O   1 ? 
HETATM 1253 O O   . HOH   G 6 .   ? -12.822 -0.763  -15.493 1.000 35.964 0 417 HOH   AAA O   1 ? 
HETATM 1254 O O   . HOH   G 6 .   ? 3.084   11.482  -0.304  1.000 41.396 0 418 HOH   AAA O   1 ? 
HETATM 1255 O O   . HOH   G 6 .   ? -1.013  11.280  11.272  1.000 42.869 0 419 HOH   AAA O   1 ? 
HETATM 1256 O O   . HOH   G 6 .   ? 0.923   -11.045 -20.674 1.000 40.197 0 420 HOH   AAA O   1 ? 
HETATM 1257 O O   . HOH   G 6 .   ? -4.099  6.521   20.164  1.000 40.027 0 421 HOH   AAA O   1 ? 
HETATM 1258 O O   B HOH   G 6 .   ? -1.860  8.259   18.931  0.700 35.942 0 422 HOH   AAA O   1 ? 
HETATM 1259 O O   . HOH   G 6 .   ? 10.893  7.339   9.807   1.000 33.889 0 423 HOH   AAA O   1 ? 
HETATM 1260 O O   . HOH   G 6 .   ? 10.310  8.598   17.093  1.000 55.082 0 424 HOH   AAA O   1 ? 
HETATM 1261 O O   . HOH   G 6 .   ? 12.146  -3.375  13.253  1.000 48.396 0 425 HOH   AAA O   1 ? 
HETATM 1262 O O   . HOH   G 6 .   ? -10.962 -3.072  -19.504 1.000 39.876 0 426 HOH   AAA O   1 ? 
HETATM 1263 O O   . HOH   G 6 .   ? -14.197 10.330  5.212   1.000 44.344 0 427 HOH   AAA O   1 ? 
HETATM 1264 O O   A HOH   G 6 .   ? -5.894  10.306  17.446  0.700 34.977 0 428 HOH   AAA O   1 ? 
HETATM 1265 O O   . HOH   G 6 .   ? 7.181   7.829   13.797  1.000 52.726 0 429 HOH   AAA O   1 ? 
HETATM 1266 O O   . HOH   G 6 .   ? 17.658  4.116   11.769  1.000 44.469 0 430 HOH   AAA O   1 ? 
HETATM 1267 O O   . HOH   G 6 .   ? 5.220   -3.692  -21.100 1.000 41.538 0 431 HOH   AAA O   1 ? 
HETATM 1268 O O   . HOH   G 6 .   ? -9.812  0.271   -21.045 1.000 37.864 0 432 HOH   AAA O   1 ? 
HETATM 1269 O O   . HOH   G 6 .   ? 17.630  3.011   14.090  1.000 53.866 0 433 HOH   AAA O   1 ? 
HETATM 1270 O O   . HOH   G 6 .   ? 15.733  -3.584  11.462  1.000 48.696 0 434 HOH   AAA O   1 ? 
HETATM 1271 O O   . HOH   G 6 .   ? -14.194 -5.087  -9.117  1.000 45.914 0 435 HOH   AAA O   1 ? 
HETATM 1272 O O   . HOH   G 6 .   ? 16.792  -8.998  -7.172  1.000 47.573 0 436 HOH   AAA O   1 ? 
HETATM 1273 O O   . HOH   G 6 .   ? 10.547  -14.569 -8.057  1.000 52.356 0 437 HOH   AAA O   1 ? 
HETATM 1274 O O   . HOH   G 6 .   ? -10.733 -6.214  -3.911  1.000 30.854 0 438 HOH   AAA O   1 ? 
HETATM 1275 O O   . HOH   G 6 .   ? -14.515 1.739   -5.035  1.000 41.653 0 439 HOH   AAA O   1 ? 
HETATM 1276 O O   . HOH   G 6 .   ? 2.293   -5.026  18.033  1.000 45.505 0 440 HOH   AAA O   1 ? 
HETATM 1277 O O   . HOH   G 6 .   ? 16.368  3.924   15.888  1.000 44.836 0 441 HOH   AAA O   1 ? 
HETATM 1278 O O   . HOH   G 6 .   ? 1.869   10.977  12.043  1.000 46.246 0 442 HOH   AAA O   1 ? 
HETATM 1279 O O   . HOH   G 6 .   ? 18.517  -1.312  3.396   1.000 38.080 0 443 HOH   AAA O   1 ? 
HETATM 1280 O O   . HOH   G 6 .   ? -13.754 -0.980  -17.676 1.000 48.262 0 444 HOH   AAA O   1 ? 
HETATM 1281 O O   . HOH   G 6 .   ? 5.641   9.672   13.774  1.000 47.682 0 445 HOH   AAA O   1 ? 
HETATM 1282 O O   . HOH   G 6 .   ? -15.559 -11.138 -10.148 1.000 45.519 0 446 HOH   AAA O   1 ? 
HETATM 1283 O O   . HOH   G 6 .   ? 2.867   14.281  -12.866 0.500 37.708 0 447 HOH   AAA O   1 ? 
HETATM 1284 O O   . HOH   G 6 .   ? -15.294 -0.331  -7.949  1.000 45.000 0 448 HOH   AAA O   1 ? 
# 
